data_7XBZ
#
_entry.id   7XBZ
#
_cell.length_a   93.903
_cell.length_b   125.646
_cell.length_c   145.230
_cell.angle_alpha   90.000
_cell.angle_beta   93.720
_cell.angle_gamma   90.000
#
_symmetry.space_group_name_H-M   'P 1 21 1'
#
loop_
_entity.id
_entity.type
_entity.pdbx_description
1 polymer 'ATP-dependent Clp protease proteolytic subunit'
2 non-polymer (6S,9aS)-6-[(2S)-butan-2-yl]-8-[(1R)-1-naphthalen-1-ylethyl]-4,7-bis(oxidanylidene)-N-[4,4,4-tris(fluoranyl)butyl]-3,6,9,9a-tetrahydro-2H-pyrazino[1,2-a]pyrimidine-1-carboxamide
3 non-polymer 'MAGNESIUM ION'
4 non-polymer (4S)-2-METHYL-2,4-PENTANEDIOL
5 water water
#
_entity_poly.entity_id   1
_entity_poly.type   'polypeptide(L)'
_entity_poly.pdbx_seq_one_letter_code
;MNLIPTVIETTNRGERAYDIYSRLLKDRIIMLGSQIDDNVANSIVSQLLFLQAQDSEKDIYLYINSPGGSVTAGFAIYDT
IQHIKPDVQTICIGMAASMGSFLLAAGAKGKRFALPNAEVMIHQPLGGAQGQATEIEIAANHILKTREKLNRILSERTGQ
SIEKIQKDTDRDNFLTAEEAKEYGLIDEVMVPETK
;
_entity_poly.pdbx_strand_id   A,B,C,D,E,F,G,H,I,J,K,L,M,N
#
# COMPACT_ATOMS: atom_id res chain seq x y z
N ILE A 4 16.46 20.76 -18.42
CA ILE A 4 17.10 22.09 -18.23
C ILE A 4 18.24 22.24 -19.22
N PRO A 5 18.12 23.17 -20.20
CA PRO A 5 19.11 23.20 -21.29
C PRO A 5 20.41 23.90 -20.92
N THR A 6 21.45 23.57 -21.67
CA THR A 6 22.79 24.13 -21.51
C THR A 6 23.05 25.23 -22.58
N VAL A 7 23.91 26.17 -22.22
CA VAL A 7 24.35 27.20 -23.14
C VAL A 7 25.87 27.22 -23.04
N ILE A 8 26.54 27.31 -24.18
CA ILE A 8 27.99 27.27 -24.18
C ILE A 8 28.59 28.58 -24.61
N GLU A 9 29.61 29.01 -23.88
CA GLU A 9 30.35 30.19 -24.22
C GLU A 9 31.68 29.66 -24.75
N THR A 10 32.15 30.17 -25.88
CA THR A 10 33.40 29.67 -26.42
C THR A 10 34.53 30.67 -26.22
N GLU A 15 35.34 26.04 -24.22
CA GLU A 15 33.98 25.72 -23.85
C GLU A 15 33.75 25.81 -22.33
N ARG A 16 33.12 26.91 -21.88
CA ARG A 16 32.50 27.06 -20.55
C ARG A 16 30.99 26.71 -20.63
N ALA A 17 30.53 25.75 -19.83
CA ALA A 17 29.14 25.27 -19.91
C ALA A 17 28.36 25.82 -18.67
N TYR A 18 27.16 26.30 -18.97
CA TYR A 18 26.20 26.76 -17.98
C TYR A 18 24.84 26.11 -18.28
N ASP A 19 24.14 25.60 -17.27
CA ASP A 19 22.70 25.40 -17.40
C ASP A 19 22.02 26.80 -17.51
N ILE A 20 20.78 26.84 -18.01
CA ILE A 20 20.11 28.12 -18.28
C ILE A 20 19.99 29.04 -17.05
N TYR A 21 19.71 28.45 -15.88
CA TYR A 21 19.57 29.24 -14.64
C TYR A 21 20.90 29.83 -14.20
N SER A 22 21.97 29.07 -14.33
CA SER A 22 23.33 29.57 -14.07
C SER A 22 23.70 30.70 -15.00
N ARG A 23 23.29 30.59 -16.25
CA ARG A 23 23.52 31.67 -17.21
C ARG A 23 22.81 32.94 -16.81
N LEU A 24 21.54 32.83 -16.37
CA LEU A 24 20.81 34.00 -15.87
C LEU A 24 21.46 34.59 -14.60
N LEU A 25 21.94 33.72 -13.73
CA LEU A 25 22.61 34.18 -12.48
C LEU A 25 23.85 35.01 -12.79
N LYS A 26 24.57 34.67 -13.86
CA LYS A 26 25.68 35.49 -14.35
C LYS A 26 25.27 36.94 -14.63
N ASP A 27 24.02 37.15 -15.07
CA ASP A 27 23.46 38.51 -15.21
C ASP A 27 22.62 39.00 -14.03
N ARG A 28 22.87 38.43 -12.85
CA ARG A 28 22.25 38.88 -11.59
C ARG A 28 20.73 38.66 -11.55
N ILE A 29 20.28 37.61 -12.23
CA ILE A 29 18.87 37.21 -12.24
C ILE A 29 18.74 35.92 -11.44
N ILE A 30 17.91 35.96 -10.42
CA ILE A 30 17.58 34.80 -9.58
C ILE A 30 16.13 34.41 -9.91
N MET A 31 15.89 33.11 -10.13
CA MET A 31 14.55 32.61 -10.47
C MET A 31 13.94 31.88 -9.28
N LEU A 32 12.90 32.47 -8.66
CA LEU A 32 12.12 31.79 -7.64
C LEU A 32 10.89 31.27 -8.38
N GLY A 33 10.97 30.00 -8.78
CA GLY A 33 9.99 29.41 -9.68
C GLY A 33 9.30 28.18 -9.11
N SER A 34 9.22 28.08 -7.80
CA SER A 34 8.66 26.91 -7.14
C SER A 34 8.09 27.29 -5.77
N GLN A 35 7.52 26.27 -5.12
CA GLN A 35 7.16 26.34 -3.72
C GLN A 35 8.39 26.74 -2.89
N ILE A 36 8.16 27.56 -1.87
CA ILE A 36 9.24 28.02 -1.00
C ILE A 36 9.39 27.03 0.17
N ASP A 37 10.48 26.28 0.16
CA ASP A 37 10.86 25.47 1.29
C ASP A 37 12.28 25.83 1.69
N ASP A 38 12.81 25.16 2.70
CA ASP A 38 14.15 25.43 3.20
C ASP A 38 15.26 25.29 2.15
N ASN A 39 15.17 24.30 1.26
CA ASN A 39 16.16 24.12 0.18
C ASN A 39 16.17 25.30 -0.77
N VAL A 40 14.98 25.71 -1.20
CA VAL A 40 14.84 26.83 -2.12
C VAL A 40 15.36 28.11 -1.45
N ALA A 41 15.01 28.34 -0.20
CA ALA A 41 15.47 29.53 0.52
C ALA A 41 17.00 29.54 0.65
N ASN A 42 17.59 28.41 1.01
CA ASN A 42 19.03 28.30 1.15
C ASN A 42 19.74 28.61 -0.16
N SER A 43 19.20 28.12 -1.26
CA SER A 43 19.75 28.39 -2.57
C SER A 43 19.66 29.88 -2.91
N ILE A 44 18.49 30.47 -2.70
CA ILE A 44 18.27 31.86 -3.04
C ILE A 44 19.10 32.79 -2.15
N VAL A 45 19.15 32.50 -0.86
CA VAL A 45 20.02 33.22 0.07
C VAL A 45 21.50 33.18 -0.40
N SER A 46 21.96 31.99 -0.78
CA SER A 46 23.32 31.81 -1.24
C SER A 46 23.59 32.62 -2.52
N GLN A 47 22.62 32.61 -3.43
CA GLN A 47 22.72 33.40 -4.65
C GLN A 47 22.78 34.91 -4.36
N LEU A 48 21.96 35.38 -3.43
CA LEU A 48 21.97 36.79 -3.04
C LEU A 48 23.32 37.18 -2.45
N LEU A 49 23.85 36.32 -1.59
CA LEU A 49 25.12 36.55 -0.95
C LEU A 49 26.26 36.58 -1.99
N PHE A 50 26.23 35.64 -2.93
CA PHE A 50 27.20 35.60 -4.00
C PHE A 50 27.16 36.89 -4.84
N LEU A 51 25.97 37.29 -5.24
CA LEU A 51 25.75 38.44 -6.05
C LEU A 51 26.22 39.75 -5.41
N GLN A 52 25.99 39.94 -4.14
CA GLN A 52 26.44 41.15 -3.52
C GLN A 52 27.96 41.18 -3.39
N ALA A 53 28.59 40.05 -3.22
CA ALA A 53 30.03 39.97 -3.13
C ALA A 53 30.65 40.28 -4.49
N GLN A 54 30.05 39.78 -5.54
CA GLN A 54 30.51 40.07 -6.90
C GLN A 54 30.43 41.57 -7.21
N ASP A 55 29.33 42.20 -6.81
CA ASP A 55 29.06 43.61 -7.07
C ASP A 55 28.08 44.12 -6.05
N SER A 56 28.52 44.98 -5.13
CA SER A 56 27.65 45.48 -4.06
C SER A 56 26.73 46.61 -4.48
N GLU A 57 26.87 47.11 -5.72
CA GLU A 57 26.10 48.27 -6.19
C GLU A 57 25.08 47.97 -7.30
N LYS A 58 25.34 46.99 -8.16
CA LYS A 58 24.42 46.70 -9.25
C LYS A 58 23.18 45.97 -8.74
N ASP A 59 22.03 46.35 -9.31
CA ASP A 59 20.76 45.73 -9.01
C ASP A 59 20.81 44.20 -9.23
N ILE A 60 19.98 43.52 -8.43
CA ILE A 60 19.68 42.10 -8.60
C ILE A 60 18.22 42.02 -9.03
N TYR A 61 17.89 41.00 -9.82
CA TYR A 61 16.52 40.79 -10.31
C TYR A 61 16.00 39.45 -9.76
N LEU A 62 14.94 39.51 -8.96
CA LEU A 62 14.28 38.31 -8.42
C LEU A 62 12.95 38.11 -9.14
N TYR A 63 12.95 37.12 -10.03
CA TYR A 63 11.75 36.64 -10.72
C TYR A 63 10.95 35.76 -9.74
N ILE A 64 9.65 36.01 -9.65
CA ILE A 64 8.79 35.27 -8.73
C ILE A 64 7.61 34.67 -9.49
N ASN A 65 7.61 33.33 -9.58
CA ASN A 65 6.45 32.55 -9.97
C ASN A 65 6.34 31.42 -8.94
N SER A 66 5.54 31.64 -7.89
CA SER A 66 5.54 30.77 -6.73
C SER A 66 4.19 30.79 -6.03
N PRO A 67 3.71 29.60 -5.61
CA PRO A 67 2.49 29.51 -4.82
C PRO A 67 2.71 29.80 -3.33
N GLY A 68 3.94 30.10 -2.93
CA GLY A 68 4.25 30.37 -1.53
C GLY A 68 4.89 29.16 -0.90
N GLY A 69 4.72 29.01 0.41
CA GLY A 69 5.31 27.88 1.14
C GLY A 69 5.68 28.29 2.56
N SER A 70 6.79 27.76 3.05
CA SER A 70 7.20 27.97 4.44
C SER A 70 7.44 29.44 4.76
N VAL A 71 6.84 29.90 5.84
CA VAL A 71 6.99 31.27 6.30
C VAL A 71 8.42 31.56 6.75
N THR A 72 9.04 30.66 7.51
CA THR A 72 10.40 30.89 7.99
C THR A 72 11.39 30.87 6.83
N ALA A 73 11.19 29.95 5.88
CA ALA A 73 12.00 29.95 4.67
C ALA A 73 11.84 31.26 3.89
N GLY A 74 10.60 31.73 3.79
CA GLY A 74 10.32 33.01 3.17
C GLY A 74 11.04 34.15 3.85
N PHE A 75 11.06 34.12 5.18
CA PHE A 75 11.78 35.14 5.94
C PHE A 75 13.28 35.07 5.83
N ALA A 76 13.83 33.88 5.58
CA ALA A 76 15.26 33.76 5.26
C ALA A 76 15.59 34.59 4.03
N ILE A 77 14.75 34.46 3.00
CA ILE A 77 14.92 35.23 1.78
C ILE A 77 14.68 36.71 2.03
N TYR A 78 13.56 37.03 2.70
CA TYR A 78 13.20 38.41 3.00
C TYR A 78 14.32 39.16 3.70
N ASP A 79 14.81 38.59 4.81
CA ASP A 79 15.83 39.25 5.62
C ASP A 79 17.15 39.40 4.86
N THR A 80 17.48 38.41 4.01
CA THR A 80 18.69 38.49 3.21
C THR A 80 18.56 39.62 2.18
N ILE A 81 17.39 39.76 1.56
CA ILE A 81 17.14 40.88 0.65
C ILE A 81 17.40 42.19 1.36
N GLN A 82 16.80 42.39 2.53
CA GLN A 82 16.95 43.68 3.21
C GLN A 82 18.37 43.89 3.73
N HIS A 83 19.08 42.81 4.05
CA HIS A 83 20.43 42.91 4.63
C HIS A 83 21.49 43.36 3.61
N ILE A 84 21.41 42.87 2.37
CA ILE A 84 22.43 43.17 1.38
C ILE A 84 22.31 44.61 0.85
N LYS A 85 23.41 45.11 0.32
CA LYS A 85 23.48 46.49 -0.17
C LYS A 85 22.74 46.70 -1.52
N PRO A 86 22.94 45.82 -2.50
CA PRO A 86 22.22 46.03 -3.77
C PRO A 86 20.70 46.05 -3.65
N ASP A 87 20.05 46.87 -4.45
CA ASP A 87 18.61 46.82 -4.61
C ASP A 87 18.24 45.47 -5.24
N VAL A 88 17.17 44.84 -4.72
CA VAL A 88 16.62 43.65 -5.34
C VAL A 88 15.30 44.01 -5.97
N GLN A 89 15.26 44.01 -7.30
CA GLN A 89 14.03 44.20 -8.05
C GLN A 89 13.23 42.91 -7.96
N THR A 90 11.90 43.02 -7.88
CA THR A 90 11.03 41.84 -7.93
C THR A 90 10.11 41.95 -9.14
N ILE A 91 9.92 40.83 -9.82
CA ILE A 91 9.06 40.75 -10.99
C ILE A 91 8.17 39.52 -10.85
N CYS A 92 6.85 39.74 -10.75
CA CYS A 92 5.90 38.65 -10.70
C CYS A 92 5.51 38.23 -12.10
N ILE A 93 5.72 36.97 -12.39
CA ILE A 93 5.39 36.39 -13.69
C ILE A 93 4.61 35.10 -13.38
N GLY A 94 3.44 34.95 -13.96
CA GLY A 94 2.54 33.83 -13.64
C GLY A 94 1.72 34.05 -12.38
N MET A 95 2.31 33.75 -11.22
CA MET A 95 1.60 33.81 -9.94
C MET A 95 2.58 34.12 -8.81
N ALA A 96 2.17 34.99 -7.90
CA ALA A 96 2.83 35.11 -6.61
C ALA A 96 1.74 35.00 -5.56
N ALA A 97 1.72 33.89 -4.82
CA ALA A 97 0.70 33.67 -3.79
C ALA A 97 1.36 33.53 -2.44
N SER A 98 0.66 33.99 -1.41
CA SER A 98 1.05 33.77 -0.03
C SER A 98 2.43 34.36 0.21
N MET A 99 3.38 33.56 0.70
CA MET A 99 4.71 34.04 0.95
C MET A 99 5.40 34.53 -0.34
N GLY A 100 4.96 34.03 -1.49
CA GLY A 100 5.41 34.54 -2.78
C GLY A 100 5.08 36.00 -3.01
N SER A 101 3.85 36.38 -2.65
CA SER A 101 3.42 37.77 -2.78
CA SER A 101 3.42 37.77 -2.78
C SER A 101 4.07 38.64 -1.71
N PHE A 102 4.35 38.06 -0.54
CA PHE A 102 5.08 38.78 0.50
C PHE A 102 6.47 39.16 -0.01
N LEU A 103 7.15 38.22 -0.68
CA LEU A 103 8.47 38.48 -1.23
C LEU A 103 8.42 39.48 -2.41
N LEU A 104 7.38 39.40 -3.22
CA LEU A 104 7.17 40.37 -4.28
C LEU A 104 7.13 41.80 -3.72
N ALA A 105 6.38 41.98 -2.64
CA ALA A 105 6.23 43.28 -1.97
C ALA A 105 7.49 43.76 -1.27
N ALA A 106 8.43 42.86 -1.04
CA ALA A 106 9.67 43.12 -0.32
C ALA A 106 10.81 43.65 -1.20
N GLY A 107 10.60 43.72 -2.52
CA GLY A 107 11.61 44.24 -3.44
C GLY A 107 11.85 45.71 -3.18
N ALA A 108 12.97 46.23 -3.70
CA ALA A 108 13.35 47.64 -3.50
C ALA A 108 12.22 48.56 -3.97
N LYS A 109 11.93 49.59 -3.16
CA LYS A 109 10.85 50.52 -3.46
C LYS A 109 11.05 51.17 -4.82
N GLY A 110 9.98 51.19 -5.61
CA GLY A 110 10.06 51.64 -7.00
C GLY A 110 10.47 50.58 -8.02
N LYS A 111 10.91 49.39 -7.56
CA LYS A 111 11.41 48.37 -8.46
C LYS A 111 10.70 47.01 -8.26
N ARG A 112 9.41 47.07 -7.93
CA ARG A 112 8.57 45.89 -7.80
C ARG A 112 7.58 45.91 -8.95
N PHE A 113 7.59 44.84 -9.75
CA PHE A 113 6.86 44.78 -10.99
C PHE A 113 6.02 43.51 -11.09
N ALA A 114 5.05 43.55 -11.99
CA ALA A 114 4.39 42.34 -12.45
C ALA A 114 4.09 42.51 -13.93
N LEU A 115 4.05 41.38 -14.65
CA LEU A 115 3.58 41.42 -16.03
C LEU A 115 2.04 41.41 -16.01
N PRO A 116 1.39 41.88 -17.09
CA PRO A 116 -0.03 42.26 -17.01
C PRO A 116 -1.02 41.15 -16.61
N ASN A 117 -0.73 39.91 -16.96
CA ASN A 117 -1.59 38.78 -16.70
C ASN A 117 -1.15 37.95 -15.50
N ALA A 118 -0.13 38.43 -14.80
CA ALA A 118 0.32 37.78 -13.58
C ALA A 118 -0.75 37.91 -12.49
N GLU A 119 -0.82 36.91 -11.65
CA GLU A 119 -1.80 36.81 -10.58
C GLU A 119 -1.09 37.01 -9.24
N VAL A 120 -1.66 37.81 -8.35
CA VAL A 120 -1.13 37.98 -7.01
C VAL A 120 -2.21 37.54 -6.03
N MET A 121 -1.86 36.71 -5.05
CA MET A 121 -2.82 36.28 -4.04
C MET A 121 -2.26 36.50 -2.67
N ILE A 122 -3.07 37.07 -1.79
CA ILE A 122 -2.68 37.28 -0.40
C ILE A 122 -3.69 36.56 0.50
N HIS A 123 -3.21 36.00 1.59
CA HIS A 123 -4.05 35.34 2.58
C HIS A 123 -3.32 35.18 3.90
N GLN A 124 -4.03 34.75 4.92
CA GLN A 124 -3.42 34.52 6.23
C GLN A 124 -2.59 33.24 6.25
N PRO A 125 -1.58 33.16 7.15
CA PRO A 125 -0.76 31.94 7.20
C PRO A 125 -1.53 30.70 7.64
N LEU A 126 -1.04 29.55 7.19
CA LEU A 126 -1.62 28.24 7.44
C LEU A 126 -0.69 27.45 8.34
N GLY A 127 -1.27 26.54 9.12
CA GLY A 127 -0.47 25.71 10.00
C GLY A 127 -1.24 24.58 10.61
N GLY A 128 -0.60 23.95 11.59
CA GLY A 128 -1.14 22.78 12.25
C GLY A 128 -0.62 22.68 13.68
N ALA A 129 -1.36 21.98 14.51
CA ALA A 129 -0.96 21.70 15.87
C ALA A 129 -1.74 20.50 16.36
N GLN A 130 -1.05 19.65 17.11
CA GLN A 130 -1.60 18.43 17.62
C GLN A 130 -0.99 18.17 19.00
N GLY A 131 -1.81 17.67 19.93
CA GLY A 131 -1.31 17.24 21.23
C GLY A 131 -2.12 17.83 22.36
N GLN A 132 -1.45 18.13 23.47
CA GLN A 132 -2.10 18.62 24.67
C GLN A 132 -2.62 20.03 24.47
N ALA A 133 -3.62 20.39 25.28
CA ALA A 133 -4.19 21.74 25.25
C ALA A 133 -3.13 22.84 25.30
N THR A 134 -2.14 22.69 26.18
CA THR A 134 -1.11 23.74 26.32
C THR A 134 -0.18 23.80 25.10
N GLU A 135 0.06 22.65 24.46
CA GLU A 135 0.80 22.61 23.19
C GLU A 135 0.02 23.32 22.08
N ILE A 136 -1.28 23.09 22.02
CA ILE A 136 -2.15 23.73 21.02
C ILE A 136 -2.11 25.25 21.25
N GLU A 137 -2.18 25.66 22.51
CA GLU A 137 -2.12 27.07 22.89
C GLU A 137 -0.81 27.72 22.40
N ILE A 138 0.31 27.06 22.68
CA ILE A 138 1.62 27.57 22.24
C ILE A 138 1.65 27.73 20.72
N ALA A 139 1.20 26.71 19.98
CA ALA A 139 1.17 26.78 18.52
C ALA A 139 0.24 27.89 18.02
N ALA A 140 -0.91 28.07 18.67
CA ALA A 140 -1.84 29.13 18.29
C ALA A 140 -1.21 30.52 18.50
N ASN A 141 -0.62 30.73 19.67
CA ASN A 141 0.05 31.99 19.99
C ASN A 141 1.16 32.29 18.97
N HIS A 142 1.92 31.25 18.63
CA HIS A 142 3.01 31.41 17.68
C HIS A 142 2.51 31.83 16.29
N ILE A 143 1.52 31.11 15.76
CA ILE A 143 1.02 31.44 14.43
C ILE A 143 0.31 32.81 14.40
N LEU A 144 -0.35 33.19 15.49
CA LEU A 144 -0.93 34.54 15.58
C LEU A 144 0.14 35.64 15.59
N LYS A 145 1.22 35.44 16.35
CA LYS A 145 2.36 36.37 16.33
C LYS A 145 3.00 36.47 14.93
N THR A 146 3.12 35.32 14.25
CA THR A 146 3.66 35.28 12.91
C THR A 146 2.79 36.09 11.95
N ARG A 147 1.47 35.97 12.09
CA ARG A 147 0.55 36.74 11.27
C ARG A 147 0.68 38.24 11.53
N GLU A 148 0.77 38.63 12.80
CA GLU A 148 0.98 40.05 13.13
C GLU A 148 2.27 40.59 12.50
N LYS A 149 3.34 39.80 12.57
CA LYS A 149 4.63 40.18 11.98
C LYS A 149 4.51 40.38 10.46
N LEU A 150 3.87 39.41 9.79
CA LEU A 150 3.67 39.49 8.35
C LEU A 150 2.84 40.73 7.97
N ASN A 151 1.74 40.93 8.70
CA ASN A 151 0.85 42.04 8.41
C ASN A 151 1.46 43.40 8.66
N ARG A 152 2.23 43.51 9.73
CA ARG A 152 2.94 44.77 10.04
C ARG A 152 3.89 45.11 8.89
N ILE A 153 4.67 44.14 8.43
CA ILE A 153 5.63 44.38 7.36
C ILE A 153 4.89 44.70 6.06
N LEU A 154 3.81 43.98 5.76
CA LEU A 154 3.02 44.24 4.57
C LEU A 154 2.44 45.67 4.59
N SER A 155 2.00 46.12 5.78
CA SER A 155 1.53 47.49 5.97
C SER A 155 2.63 48.52 5.63
N GLU A 156 3.83 48.32 6.16
CA GLU A 156 4.98 49.18 5.87
C GLU A 156 5.33 49.20 4.39
N ARG A 157 5.24 48.04 3.72
CA ARG A 157 5.62 47.92 2.30
C ARG A 157 4.55 48.42 1.33
N THR A 158 3.29 48.37 1.72
CA THR A 158 2.20 48.75 0.83
C THR A 158 1.64 50.15 1.09
N GLY A 159 1.83 50.66 2.31
CA GLY A 159 1.14 51.87 2.75
C GLY A 159 -0.29 51.65 3.26
N GLN A 160 -0.78 50.40 3.26
CA GLN A 160 -2.11 50.10 3.79
C GLN A 160 -2.01 49.96 5.30
N SER A 161 -3.11 50.26 5.99
CA SER A 161 -3.16 50.03 7.44
C SER A 161 -3.13 48.53 7.78
N ILE A 162 -2.64 48.24 8.99
CA ILE A 162 -2.66 46.90 9.55
C ILE A 162 -4.09 46.33 9.58
N GLU A 163 -5.07 47.18 9.89
CA GLU A 163 -6.46 46.76 9.97
C GLU A 163 -6.98 46.34 8.61
N LYS A 164 -6.65 47.11 7.57
CA LYS A 164 -7.07 46.75 6.22
C LYS A 164 -6.39 45.44 5.76
N ILE A 165 -5.11 45.30 6.06
CA ILE A 165 -4.37 44.09 5.69
C ILE A 165 -4.99 42.85 6.36
N GLN A 166 -5.28 42.97 7.65
CA GLN A 166 -5.97 41.91 8.41
C GLN A 166 -7.27 41.49 7.73
N LYS A 167 -8.12 42.46 7.40
CA LYS A 167 -9.40 42.18 6.74
C LYS A 167 -9.21 41.56 5.36
N ASP A 168 -8.28 42.11 4.58
CA ASP A 168 -8.07 41.67 3.20
C ASP A 168 -7.37 40.32 3.06
N THR A 169 -6.75 39.82 4.12
CA THR A 169 -6.06 38.53 4.11
C THR A 169 -6.83 37.45 4.89
N ASP A 170 -8.03 37.78 5.35
CA ASP A 170 -8.82 36.84 6.14
C ASP A 170 -9.11 35.57 5.37
N ARG A 171 -9.42 35.74 4.08
CA ARG A 171 -9.59 34.63 3.14
C ARG A 171 -8.70 34.89 1.93
N ASP A 172 -8.57 33.88 1.08
CA ASP A 172 -7.88 34.00 -0.18
C ASP A 172 -8.40 35.21 -0.97
N ASN A 173 -7.50 36.09 -1.34
CA ASN A 173 -7.81 37.32 -2.01
C ASN A 173 -6.91 37.42 -3.25
N PHE A 174 -7.52 37.20 -4.41
CA PHE A 174 -6.83 37.21 -5.69
C PHE A 174 -6.83 38.60 -6.28
N LEU A 175 -5.67 39.08 -6.73
CA LEU A 175 -5.55 40.40 -7.34
C LEU A 175 -4.95 40.27 -8.73
N THR A 176 -5.48 41.06 -9.67
CA THR A 176 -4.80 41.26 -10.95
C THR A 176 -3.51 42.08 -10.72
N ALA A 177 -2.64 42.11 -11.73
CA ALA A 177 -1.42 42.91 -11.64
C ALA A 177 -1.74 44.37 -11.35
N GLU A 178 -2.73 44.91 -12.05
CA GLU A 178 -3.15 46.29 -11.86
C GLU A 178 -3.69 46.54 -10.45
N GLU A 179 -4.50 45.62 -9.94
CA GLU A 179 -4.98 45.70 -8.55
C GLU A 179 -3.85 45.61 -7.53
N ALA A 180 -2.86 44.77 -7.81
CA ALA A 180 -1.67 44.69 -6.94
C ALA A 180 -0.92 46.02 -6.87
N LYS A 181 -0.83 46.70 -8.02
CA LYS A 181 -0.23 48.05 -8.06
C LYS A 181 -1.04 49.05 -7.25
N GLU A 182 -2.34 49.10 -7.46
CA GLU A 182 -3.24 49.95 -6.67
C GLU A 182 -3.16 49.65 -5.17
N TYR A 183 -3.00 48.36 -4.83
CA TYR A 183 -2.86 47.97 -3.43
C TYR A 183 -1.52 48.42 -2.80
N GLY A 184 -0.49 48.63 -3.61
CA GLY A 184 0.86 48.94 -3.12
C GLY A 184 1.78 47.71 -2.98
N LEU A 185 1.37 46.55 -3.49
CA LEU A 185 2.20 45.34 -3.46
C LEU A 185 3.33 45.42 -4.48
N ILE A 186 3.06 46.10 -5.59
CA ILE A 186 4.06 46.40 -6.61
C ILE A 186 3.97 47.87 -6.97
N ASP A 187 4.96 48.36 -7.70
CA ASP A 187 5.03 49.77 -8.12
C ASP A 187 4.54 50.01 -9.54
N GLU A 188 4.78 49.06 -10.45
CA GLU A 188 4.39 49.17 -11.84
C GLU A 188 4.00 47.84 -12.46
N VAL A 189 3.02 47.90 -13.37
CA VAL A 189 2.76 46.83 -14.31
C VAL A 189 3.60 47.10 -15.56
N MET A 190 4.45 46.15 -15.95
CA MET A 190 5.23 46.27 -17.19
C MET A 190 4.40 45.94 -18.40
N VAL A 191 3.99 46.95 -19.15
CA VAL A 191 3.17 46.74 -20.37
C VAL A 191 4.09 46.40 -21.56
N PRO A 192 3.58 45.59 -22.53
CA PRO A 192 4.43 45.08 -23.63
C PRO A 192 5.13 46.13 -24.52
N LEU B 3 17.92 22.14 -8.43
CA LEU B 3 18.26 23.49 -8.97
C LEU B 3 19.29 24.21 -8.08
N ILE B 4 20.52 23.66 -8.04
CA ILE B 4 21.68 24.32 -7.40
C ILE B 4 22.56 24.94 -8.49
N PRO B 5 22.66 26.28 -8.55
CA PRO B 5 23.31 26.91 -9.69
C PRO B 5 24.85 26.89 -9.61
N THR B 6 25.46 27.03 -10.78
CA THR B 6 26.89 27.11 -10.94
C THR B 6 27.34 28.58 -11.12
N VAL B 7 28.54 28.88 -10.59
CA VAL B 7 29.21 30.16 -10.83
C VAL B 7 30.66 29.89 -11.32
N ILE B 8 31.12 30.69 -12.28
CA ILE B 8 32.44 30.47 -12.89
C ILE B 8 33.36 31.64 -12.55
N GLU B 9 34.45 31.42 -11.83
CA GLU B 9 35.40 32.51 -11.56
C GLU B 9 36.33 32.83 -12.71
N THR B 10 36.87 34.05 -12.74
CA THR B 10 37.86 34.46 -13.73
C THR B 10 39.29 34.40 -13.17
N GLY B 14 43.01 31.56 -14.71
CA GLY B 14 42.22 30.35 -14.77
C GLY B 14 40.79 30.54 -14.36
N GLU B 15 39.92 29.82 -15.02
CA GLU B 15 38.50 29.84 -14.76
C GLU B 15 38.15 28.63 -13.94
N ARG B 16 37.27 28.78 -12.97
CA ARG B 16 36.88 27.65 -12.18
C ARG B 16 35.35 27.60 -12.02
N ALA B 17 34.80 26.41 -12.09
CA ALA B 17 33.39 26.19 -11.95
C ALA B 17 33.14 25.57 -10.59
N TYR B 18 32.21 26.15 -9.89
CA TYR B 18 31.77 25.85 -8.55
C TYR B 18 30.24 25.82 -8.51
N ASP B 19 29.63 24.85 -7.82
CA ASP B 19 28.24 25.04 -7.38
C ASP B 19 28.21 26.17 -6.31
N ILE B 20 27.04 26.77 -6.07
CA ILE B 20 26.96 27.95 -5.21
C ILE B 20 27.49 27.70 -3.78
N TYR B 21 27.22 26.52 -3.22
CA TYR B 21 27.66 26.19 -1.87
C TYR B 21 29.17 26.05 -1.78
N SER B 22 29.77 25.41 -2.80
CA SER B 22 31.22 25.32 -2.90
C SER B 22 31.88 26.68 -3.02
N ARG B 23 31.23 27.59 -3.76
CA ARG B 23 31.74 28.95 -3.86
C ARG B 23 31.73 29.65 -2.52
N LEU B 24 30.65 29.49 -1.74
CA LEU B 24 30.61 30.07 -0.40
C LEU B 24 31.67 29.46 0.53
N LEU B 25 31.88 28.15 0.41
CA LEU B 25 32.90 27.45 1.23
C LEU B 25 34.30 28.02 0.98
N LYS B 26 34.59 28.40 -0.27
CA LYS B 26 35.84 29.08 -0.61
C LYS B 26 36.05 30.35 0.23
N ASP B 27 34.96 31.05 0.60
CA ASP B 27 35.04 32.19 1.51
C ASP B 27 34.73 31.87 2.98
N ARG B 28 34.93 30.60 3.36
CA ARG B 28 34.84 30.15 4.76
C ARG B 28 33.40 30.25 5.31
N ILE B 29 32.41 30.09 4.44
CA ILE B 29 31.01 30.08 4.81
C ILE B 29 30.48 28.65 4.66
N ILE B 30 29.97 28.10 5.76
CA ILE B 30 29.34 26.78 5.79
C ILE B 30 27.85 26.97 5.98
N MET B 31 27.05 26.23 5.19
CA MET B 31 25.59 26.35 5.24
C MET B 31 24.99 25.12 5.96
N LEU B 32 24.43 25.33 7.16
CA LEU B 32 23.61 24.32 7.82
C LEU B 32 22.19 24.68 7.51
N GLY B 33 21.65 24.06 6.46
CA GLY B 33 20.36 24.45 5.91
C GLY B 33 19.33 23.32 5.91
N SER B 34 19.47 22.36 6.81
CA SER B 34 18.57 21.21 6.84
C SER B 34 18.49 20.62 8.24
N GLN B 35 17.66 19.60 8.36
CA GLN B 35 17.63 18.72 9.53
C GLN B 35 19.04 18.20 9.82
N ILE B 36 19.39 18.11 11.09
CA ILE B 36 20.70 17.63 11.51
C ILE B 36 20.64 16.10 11.68
N ASP B 37 21.29 15.38 10.79
CA ASP B 37 21.50 13.95 10.96
C ASP B 37 23.00 13.67 10.85
N ASP B 38 23.38 12.40 10.94
CA ASP B 38 24.78 12.01 10.86
C ASP B 38 25.47 12.42 9.55
N ASN B 39 24.79 12.35 8.41
CA ASN B 39 25.36 12.80 7.12
C ASN B 39 25.67 14.26 7.12
N VAL B 40 24.72 15.06 7.57
CA VAL B 40 24.88 16.51 7.64
C VAL B 40 26.03 16.86 8.59
N ALA B 41 26.07 16.23 9.76
CA ALA B 41 27.14 16.48 10.72
C ALA B 41 28.51 16.13 10.14
N ASN B 42 28.62 14.98 9.50
CA ASN B 42 29.87 14.55 8.89
C ASN B 42 30.37 15.54 7.85
N SER B 43 29.45 16.05 7.04
CA SER B 43 29.78 17.05 6.05
C SER B 43 30.26 18.35 6.71
N ILE B 44 29.52 18.83 7.71
CA ILE B 44 29.87 20.06 8.37
C ILE B 44 31.18 19.96 9.16
N VAL B 45 31.35 18.85 9.85
CA VAL B 45 32.62 18.56 10.54
C VAL B 45 33.79 18.58 9.55
N SER B 46 33.62 17.93 8.40
CA SER B 46 34.66 17.88 7.38
C SER B 46 34.98 19.28 6.85
N GLN B 47 33.95 20.08 6.63
CA GLN B 47 34.13 21.46 6.21
C GLN B 47 34.90 22.29 7.26
N LEU B 48 34.55 22.13 8.53
CA LEU B 48 35.24 22.86 9.59
C LEU B 48 36.71 22.46 9.65
N LEU B 49 36.98 21.17 9.53
CA LEU B 49 38.32 20.62 9.56
C LEU B 49 39.14 21.15 8.37
N PHE B 50 38.53 21.15 7.19
CA PHE B 50 39.17 21.67 6.00
C PHE B 50 39.54 23.14 6.17
N LEU B 51 38.59 23.95 6.64
CA LEU B 51 38.80 25.38 6.76
C LEU B 51 39.88 25.74 7.80
N GLN B 52 39.92 25.03 8.93
CA GLN B 52 40.98 25.21 9.92
C GLN B 52 42.36 24.92 9.32
N ALA B 53 42.47 23.84 8.55
CA ALA B 53 43.74 23.48 7.91
C ALA B 53 44.18 24.51 6.86
N GLN B 54 43.22 25.07 6.12
CA GLN B 54 43.51 26.15 5.17
C GLN B 54 44.03 27.40 5.87
N ASP B 55 43.41 27.74 6.99
CA ASP B 55 43.80 28.93 7.74
C ASP B 55 43.29 28.79 9.17
N SER B 56 44.20 28.63 10.11
CA SER B 56 43.85 28.41 11.51
C SER B 56 43.46 29.69 12.27
N GLU B 57 43.56 30.85 11.65
CA GLU B 57 43.29 32.14 12.31
C GLU B 57 42.07 32.91 11.80
N LYS B 58 41.74 32.77 10.52
CA LYS B 58 40.59 33.51 9.95
C LYS B 58 39.26 32.91 10.44
N ASP B 59 38.32 33.78 10.73
CA ASP B 59 36.98 33.39 11.12
C ASP B 59 36.32 32.48 10.09
N ILE B 60 35.44 31.61 10.59
CA ILE B 60 34.54 30.79 9.79
C ILE B 60 33.13 31.31 10.07
N TYR B 61 32.24 31.20 9.10
CA TYR B 61 30.85 31.64 9.22
C TYR B 61 29.94 30.42 9.05
N LEU B 62 29.19 30.08 10.09
CA LEU B 62 28.19 29.01 10.05
C LEU B 62 26.79 29.61 10.01
N TYR B 63 26.19 29.53 8.83
CA TYR B 63 24.78 29.89 8.57
C TYR B 63 23.90 28.76 9.10
N ILE B 64 22.87 29.11 9.85
CA ILE B 64 21.97 28.13 10.43
C ILE B 64 20.53 28.46 10.06
N ASN B 65 19.95 27.58 9.23
CA ASN B 65 18.50 27.52 9.01
C ASN B 65 18.12 26.04 9.13
N SER B 66 17.70 25.62 10.32
CA SER B 66 17.55 24.21 10.65
C SER B 66 16.49 24.00 11.72
N PRO B 67 15.63 22.98 11.53
CA PRO B 67 14.66 22.62 12.57
C PRO B 67 15.26 21.74 13.67
N GLY B 68 16.56 21.42 13.60
CA GLY B 68 17.20 20.60 14.60
C GLY B 68 17.35 19.18 14.06
N GLY B 69 17.35 18.19 14.96
CA GLY B 69 17.57 16.80 14.61
C GLY B 69 18.36 16.06 15.67
N SER B 70 19.20 15.14 15.24
CA SER B 70 19.94 14.26 16.16
C SER B 70 20.83 15.04 17.10
N VAL B 71 20.71 14.75 18.39
CA VAL B 71 21.51 15.39 19.42
C VAL B 71 22.99 15.00 19.30
N THR B 72 23.27 13.72 19.08
CA THR B 72 24.67 13.27 18.96
C THR B 72 25.33 13.85 17.70
N ALA B 73 24.59 13.90 16.60
CA ALA B 73 25.07 14.55 15.39
C ALA B 73 25.35 16.05 15.66
N GLY B 74 24.44 16.69 16.38
CA GLY B 74 24.62 18.07 16.80
C GLY B 74 25.88 18.26 17.63
N PHE B 75 26.14 17.32 18.53
CA PHE B 75 27.35 17.36 19.34
C PHE B 75 28.63 17.09 18.58
N ALA B 76 28.56 16.33 17.49
CA ALA B 76 29.70 16.19 16.59
C ALA B 76 30.11 17.56 16.07
N ILE B 77 29.13 18.34 15.63
CA ILE B 77 29.36 19.68 15.15
C ILE B 77 29.84 20.59 16.28
N TYR B 78 29.13 20.56 17.40
CA TYR B 78 29.45 21.39 18.56
C TYR B 78 30.90 21.21 18.99
N ASP B 79 31.30 19.96 19.23
CA ASP B 79 32.64 19.68 19.72
C ASP B 79 33.71 20.05 18.69
N THR B 80 33.42 19.89 17.41
CA THR B 80 34.37 20.27 16.38
C THR B 80 34.53 21.80 16.37
N ILE B 81 33.43 22.53 16.52
CA ILE B 81 33.52 24.00 16.62
C ILE B 81 34.46 24.39 17.77
N GLN B 82 34.24 23.83 18.96
CA GLN B 82 35.05 24.22 20.11
C GLN B 82 36.49 23.74 19.98
N HIS B 83 36.72 22.63 19.29
CA HIS B 83 38.06 22.07 19.16
C HIS B 83 38.99 22.89 18.25
N ILE B 84 38.47 23.40 17.14
CA ILE B 84 39.29 24.11 16.18
C ILE B 84 39.70 25.49 16.68
N LYS B 85 40.80 26.01 16.14
CA LYS B 85 41.36 27.30 16.56
C LYS B 85 40.54 28.51 16.07
N PRO B 86 40.15 28.55 14.80
CA PRO B 86 39.38 29.71 14.34
C PRO B 86 38.06 29.92 15.09
N ASP B 87 37.69 31.17 15.29
CA ASP B 87 36.37 31.54 15.74
C ASP B 87 35.34 31.10 14.69
N VAL B 88 34.24 30.50 15.14
CA VAL B 88 33.13 30.17 14.26
C VAL B 88 31.99 31.11 14.61
N GLN B 89 31.69 32.03 13.69
CA GLN B 89 30.55 32.90 13.81
C GLN B 89 29.32 32.08 13.46
N THR B 90 28.20 32.35 14.14
CA THR B 90 26.92 31.74 13.82
C THR B 90 25.93 32.81 13.43
N ILE B 91 25.15 32.55 12.39
CA ILE B 91 24.14 33.47 11.89
C ILE B 91 22.84 32.68 11.66
N CYS B 92 21.81 33.00 12.41
CA CYS B 92 20.49 32.39 12.22
C CYS B 92 19.71 33.14 11.17
N ILE B 93 19.31 32.43 10.14
CA ILE B 93 18.53 32.98 9.04
C ILE B 93 17.34 32.01 8.85
N GLY B 94 16.13 32.54 8.89
CA GLY B 94 14.93 31.71 8.85
C GLY B 94 14.53 31.13 10.19
N MET B 95 15.14 30.02 10.58
CA MET B 95 14.78 29.30 11.81
C MET B 95 15.98 28.56 12.36
N ALA B 96 16.16 28.60 13.68
CA ALA B 96 17.04 27.66 14.37
C ALA B 96 16.21 27.08 15.50
N ALA B 97 15.85 25.80 15.40
CA ALA B 97 15.06 25.13 16.43
C ALA B 97 15.85 23.98 17.02
N SER B 98 15.61 23.72 18.30
CA SER B 98 16.12 22.54 18.99
C SER B 98 17.64 22.53 18.90
N MET B 99 18.22 21.45 18.38
CA MET B 99 19.66 21.37 18.28
C MET B 99 20.24 22.46 17.35
N GLY B 100 19.41 22.99 16.44
CA GLY B 100 19.79 24.14 15.63
C GLY B 100 20.07 25.38 16.46
N SER B 101 19.22 25.64 17.44
CA SER B 101 19.41 26.79 18.32
C SER B 101 20.56 26.53 19.30
N PHE B 102 20.78 25.27 19.67
CA PHE B 102 21.93 24.91 20.50
C PHE B 102 23.24 25.25 19.75
N LEU B 103 23.29 24.93 18.47
CA LEU B 103 24.47 25.25 17.65
C LEU B 103 24.63 26.76 17.43
N LEU B 104 23.53 27.48 17.26
CA LEU B 104 23.55 28.92 17.18
C LEU B 104 24.26 29.54 18.39
N ALA B 105 23.88 29.05 19.58
CA ALA B 105 24.44 29.52 20.85
C ALA B 105 25.88 29.12 21.08
N ALA B 106 26.37 28.15 20.29
CA ALA B 106 27.71 27.61 20.41
C ALA B 106 28.78 28.38 19.62
N GLY B 107 28.37 29.38 18.84
CA GLY B 107 29.31 30.18 18.06
C GLY B 107 30.21 30.99 18.99
N ALA B 108 31.32 31.50 18.45
CA ALA B 108 32.28 32.30 19.24
C ALA B 108 31.59 33.45 19.94
N LYS B 109 31.91 33.66 21.21
CA LYS B 109 31.30 34.72 22.01
C LYS B 109 31.54 36.08 21.34
N GLY B 110 30.48 36.87 21.25
CA GLY B 110 30.47 38.10 20.49
C GLY B 110 30.17 37.98 19.01
N LYS B 111 30.15 36.77 18.46
CA LYS B 111 29.97 36.56 17.03
C LYS B 111 28.80 35.62 16.70
N ARG B 112 27.74 35.68 17.52
CA ARG B 112 26.52 34.92 17.30
C ARG B 112 25.44 35.92 16.92
N PHE B 113 24.84 35.73 15.75
CA PHE B 113 23.93 36.67 15.16
C PHE B 113 22.62 36.02 14.73
N ALA B 114 21.61 36.87 14.52
CA ALA B 114 20.43 36.47 13.78
C ALA B 114 19.95 37.66 12.97
N LEU B 115 19.29 37.39 11.86
CA LEU B 115 18.62 38.45 11.12
C LEU B 115 17.27 38.71 11.81
N PRO B 116 16.68 39.91 11.61
CA PRO B 116 15.61 40.37 12.51
C PRO B 116 14.35 39.50 12.60
N ASN B 117 14.00 38.84 11.52
CA ASN B 117 12.78 38.03 11.45
C ASN B 117 13.05 36.55 11.55
N ALA B 118 14.31 36.20 11.87
CA ALA B 118 14.66 34.82 12.13
C ALA B 118 13.98 34.35 13.42
N GLU B 119 13.63 33.07 13.44
CA GLU B 119 12.91 32.46 14.54
C GLU B 119 13.87 31.52 15.29
N VAL B 120 13.88 31.59 16.60
CA VAL B 120 14.69 30.70 17.42
C VAL B 120 13.73 29.93 18.32
N MET B 121 13.87 28.61 18.37
CA MET B 121 13.02 27.81 19.25
C MET B 121 13.87 26.89 20.10
N ILE B 122 13.56 26.86 21.39
CA ILE B 122 14.25 25.97 22.32
C ILE B 122 13.21 25.07 22.97
N HIS B 123 13.60 23.82 23.20
CA HIS B 123 12.76 22.85 23.88
C HIS B 123 13.60 21.69 24.39
N GLN B 124 12.99 20.81 25.16
CA GLN B 124 13.71 19.65 25.69
C GLN B 124 13.87 18.58 24.59
N PRO B 125 14.89 17.70 24.72
CA PRO B 125 15.11 16.70 23.68
C PRO B 125 13.98 15.67 23.57
N LEU B 126 13.85 15.13 22.36
CA LEU B 126 12.80 14.16 22.04
C LEU B 126 13.44 12.81 21.78
N GLY B 127 12.68 11.76 22.05
CA GLY B 127 13.18 10.41 21.82
C GLY B 127 12.10 9.37 21.93
N GLY B 128 12.56 8.13 21.98
CA GLY B 128 11.68 6.98 22.01
C GLY B 128 12.36 5.81 22.70
N ALA B 129 11.54 4.89 23.18
CA ALA B 129 12.01 3.66 23.78
C ALA B 129 10.85 2.68 23.76
N GLN B 130 11.18 1.43 23.47
CA GLN B 130 10.24 0.35 23.39
C GLN B 130 10.91 -0.91 23.88
N GLY B 131 10.18 -1.75 24.60
CA GLY B 131 10.69 -3.06 25.02
C GLY B 131 10.48 -3.26 26.50
N GLN B 132 11.43 -3.95 27.13
CA GLN B 132 11.30 -4.35 28.53
C GLN B 132 11.43 -3.15 29.45
N ALA B 133 10.86 -3.28 30.65
CA ALA B 133 10.90 -2.21 31.64
C ALA B 133 12.33 -1.69 31.86
N THR B 134 13.32 -2.58 31.97
CA THR B 134 14.69 -2.17 32.23
C THR B 134 15.31 -1.47 31.02
N GLU B 135 14.91 -1.85 29.80
CA GLU B 135 15.32 -1.16 28.58
C GLU B 135 14.74 0.27 28.56
N ILE B 136 13.48 0.41 28.94
CA ILE B 136 12.82 1.72 28.99
C ILE B 136 13.56 2.60 30.01
N GLU B 137 13.90 2.01 31.16
CA GLU B 137 14.65 2.71 32.20
C GLU B 137 15.99 3.23 31.69
N ILE B 138 16.74 2.37 31.03
CA ILE B 138 18.04 2.76 30.44
C ILE B 138 17.86 3.93 29.47
N ALA B 139 16.90 3.82 28.57
CA ALA B 139 16.64 4.90 27.60
C ALA B 139 16.21 6.20 28.30
N ALA B 140 15.39 6.10 29.35
CA ALA B 140 14.97 7.27 30.10
C ALA B 140 16.15 7.95 30.79
N ASN B 141 16.97 7.16 31.48
CA ASN B 141 18.17 7.67 32.15
C ASN B 141 19.09 8.36 31.15
N HIS B 142 19.27 7.74 29.98
CA HIS B 142 20.14 8.30 28.96
C HIS B 142 19.64 9.65 28.45
N ILE B 143 18.35 9.73 28.08
CA ILE B 143 17.83 11.00 27.57
C ILE B 143 17.78 12.09 28.65
N LEU B 144 17.55 11.72 29.91
CA LEU B 144 17.63 12.69 31.02
C LEU B 144 19.06 13.23 31.22
N LYS B 145 20.06 12.34 31.16
CA LYS B 145 21.47 12.76 31.22
C LYS B 145 21.83 13.68 30.04
N THR B 146 21.33 13.34 28.85
CA THR B 146 21.54 14.16 27.67
C THR B 146 20.96 15.55 27.85
N ARG B 147 19.76 15.63 28.43
CA ARG B 147 19.15 16.92 28.72
C ARG B 147 19.95 17.73 29.73
N GLU B 148 20.45 17.10 30.79
CA GLU B 148 21.32 17.78 31.76
C GLU B 148 22.57 18.34 31.08
N LYS B 149 23.18 17.54 30.20
CA LYS B 149 24.36 17.97 29.47
C LYS B 149 24.06 19.20 28.59
N LEU B 150 22.96 19.13 27.84
CA LEU B 150 22.52 20.24 27.00
C LEU B 150 22.26 21.50 27.81
N ASN B 151 21.54 21.35 28.91
CA ASN B 151 21.16 22.47 29.76
C ASN B 151 22.36 23.12 30.43
N ARG B 152 23.29 22.30 30.90
CA ARG B 152 24.52 22.81 31.52
C ARG B 152 25.29 23.68 30.52
N ILE B 153 25.47 23.18 29.29
CA ILE B 153 26.19 23.92 28.27
C ILE B 153 25.45 25.18 27.89
N LEU B 154 24.13 25.09 27.73
CA LEU B 154 23.32 26.25 27.40
C LEU B 154 23.44 27.33 28.49
N SER B 155 23.47 26.90 29.75
CA SER B 155 23.69 27.80 30.88
C SER B 155 25.04 28.56 30.76
N GLU B 156 26.10 27.82 30.50
CA GLU B 156 27.44 28.39 30.28
C GLU B 156 27.46 29.36 29.10
N ARG B 157 26.75 29.04 28.01
CA ARG B 157 26.75 29.88 26.80
C ARG B 157 25.86 31.12 26.87
N THR B 158 24.79 31.05 27.67
CA THR B 158 23.82 32.13 27.74
C THR B 158 23.98 33.02 28.96
N GLY B 159 24.59 32.50 30.02
CA GLY B 159 24.58 33.16 31.31
C GLY B 159 23.31 32.91 32.15
N GLN B 160 22.35 32.13 31.64
CA GLN B 160 21.15 31.81 32.41
C GLN B 160 21.44 30.64 33.33
N SER B 161 20.74 30.57 34.46
CA SER B 161 20.87 29.42 35.35
C SER B 161 20.31 28.14 34.71
N ILE B 162 20.85 27.00 35.16
CA ILE B 162 20.34 25.69 34.80
C ILE B 162 18.84 25.56 35.10
N GLU B 163 18.41 26.11 36.24
CA GLU B 163 17.00 26.03 36.65
C GLU B 163 16.11 26.80 35.69
N LYS B 164 16.55 27.99 35.27
CA LYS B 164 15.77 28.78 34.31
C LYS B 164 15.70 28.05 32.95
N ILE B 165 16.83 27.50 32.51
CA ILE B 165 16.89 26.78 31.23
C ILE B 165 15.93 25.59 31.25
N GLN B 166 15.96 24.82 32.34
CA GLN B 166 15.04 23.69 32.54
C GLN B 166 13.58 24.13 32.38
N LYS B 167 13.19 25.18 33.10
CA LYS B 167 11.82 25.69 33.03
C LYS B 167 11.46 26.20 31.63
N ASP B 168 12.37 26.94 31.00
CA ASP B 168 12.09 27.57 29.70
C ASP B 168 12.08 26.61 28.53
N THR B 169 12.63 25.40 28.71
CA THR B 169 12.67 24.38 27.65
C THR B 169 11.68 23.25 27.90
N ASP B 170 10.84 23.38 28.92
CA ASP B 170 9.88 22.32 29.28
C ASP B 170 8.93 22.04 28.13
N ARG B 171 8.49 23.11 27.47
CA ARG B 171 7.69 23.04 26.26
C ARG B 171 8.35 23.87 25.18
N ASP B 172 7.87 23.73 23.95
CA ASP B 172 8.30 24.54 22.83
C ASP B 172 8.20 26.02 23.20
N ASN B 173 9.33 26.71 23.05
CA ASN B 173 9.45 28.10 23.43
C ASN B 173 10.04 28.84 22.22
N PHE B 174 9.20 29.60 21.54
CA PHE B 174 9.56 30.35 20.34
C PHE B 174 10.04 31.74 20.74
N LEU B 175 11.20 32.15 20.20
CA LEU B 175 11.77 33.45 20.49
C LEU B 175 11.98 34.20 19.18
N THR B 176 11.70 35.49 19.21
CA THR B 176 12.16 36.40 18.16
C THR B 176 13.70 36.54 18.25
N ALA B 177 14.31 37.09 17.19
CA ALA B 177 15.74 37.33 17.18
C ALA B 177 16.15 38.21 18.39
N GLU B 178 15.38 39.26 18.64
CA GLU B 178 15.63 40.15 19.75
C GLU B 178 15.53 39.45 21.10
N GLU B 179 14.51 38.61 21.27
CA GLU B 179 14.36 37.80 22.47
C GLU B 179 15.52 36.80 22.65
N ALA B 180 16.00 36.23 21.54
CA ALA B 180 17.15 35.34 21.60
C ALA B 180 18.41 36.10 22.09
N LYS B 181 18.58 37.33 21.66
CA LYS B 181 19.65 38.19 22.14
C LYS B 181 19.53 38.47 23.64
N GLU B 182 18.36 38.91 24.09
CA GLU B 182 18.08 39.11 25.51
C GLU B 182 18.30 37.86 26.34
N TYR B 183 17.96 36.69 25.77
CA TYR B 183 18.19 35.43 26.45
C TYR B 183 19.68 35.06 26.58
N GLY B 184 20.54 35.57 25.69
CA GLY B 184 21.96 35.20 25.63
C GLY B 184 22.28 34.09 24.64
N LEU B 185 21.32 33.73 23.79
CA LEU B 185 21.56 32.69 22.76
C LEU B 185 22.38 33.26 21.60
N ILE B 186 22.22 34.54 21.34
CA ILE B 186 23.00 35.29 20.37
C ILE B 186 23.49 36.58 21.01
N ASP B 187 24.43 37.24 20.34
CA ASP B 187 25.01 38.50 20.82
C ASP B 187 24.40 39.73 20.18
N GLU B 188 24.04 39.65 18.90
CA GLU B 188 23.49 40.81 18.15
C GLU B 188 22.46 40.37 17.12
N VAL B 189 21.45 41.20 16.94
CA VAL B 189 20.56 41.16 15.79
C VAL B 189 21.18 42.07 14.73
N MET B 190 21.42 41.53 13.54
CA MET B 190 21.91 42.36 12.42
C MET B 190 20.80 43.13 11.76
N VAL B 191 20.68 44.41 12.04
CA VAL B 191 19.59 45.25 11.48
C VAL B 191 20.03 45.74 10.08
N PRO B 192 19.06 45.95 9.15
CA PRO B 192 19.31 46.55 7.85
C PRO B 192 18.95 47.98 8.11
N LEU C 3 24.16 17.03 -1.05
CA LEU C 3 24.87 18.34 -0.88
C LEU C 3 26.26 18.14 -0.24
N ILE C 4 27.16 17.49 -0.99
CA ILE C 4 28.59 17.33 -0.63
C ILE C 4 29.41 18.34 -1.44
N PRO C 5 30.04 19.32 -0.75
CA PRO C 5 30.67 20.41 -1.50
C PRO C 5 32.04 20.08 -2.07
N THR C 6 32.44 20.85 -3.08
CA THR C 6 33.69 20.70 -3.80
C THR C 6 34.72 21.73 -3.33
N VAL C 7 35.99 21.35 -3.38
CA VAL C 7 37.14 22.25 -3.17
C VAL C 7 38.14 22.09 -4.35
N ILE C 8 38.72 23.20 -4.78
CA ILE C 8 39.60 23.17 -5.98
C ILE C 8 41.04 23.50 -5.58
N GLU C 9 41.96 22.57 -5.88
CA GLU C 9 43.38 22.76 -5.70
C GLU C 9 43.90 22.95 -7.11
CA ARG C 16 42.11 19.62 -9.60
C ARG C 16 40.90 19.73 -8.63
N ALA C 17 39.80 19.04 -8.96
CA ALA C 17 38.55 19.13 -8.18
C ALA C 17 38.37 17.87 -7.30
N TYR C 18 38.03 18.12 -6.04
CA TYR C 18 37.83 17.13 -4.99
C TYR C 18 36.49 17.43 -4.30
N ASP C 19 35.67 16.44 -4.04
CA ASP C 19 34.63 16.57 -3.00
C ASP C 19 35.35 16.70 -1.61
N ILE C 20 34.63 17.19 -0.60
CA ILE C 20 35.25 17.48 0.71
C ILE C 20 35.91 16.25 1.35
N TYR C 21 35.29 15.08 1.23
CA TYR C 21 35.84 13.86 1.83
C TYR C 21 37.13 13.43 1.13
N SER C 22 37.16 13.53 -0.19
CA SER C 22 38.38 13.28 -0.96
C SER C 22 39.51 14.23 -0.60
N ARG C 23 39.16 15.48 -0.34
CA ARG C 23 40.15 16.46 0.10
C ARG C 23 40.74 16.06 1.46
N LEU C 24 39.90 15.65 2.39
CA LEU C 24 40.40 15.17 3.70
C LEU C 24 41.26 13.91 3.54
N LEU C 25 40.87 13.01 2.64
CA LEU C 25 41.64 11.78 2.39
C LEU C 25 43.05 12.08 1.92
N LYS C 26 43.21 13.14 1.12
CA LYS C 26 44.53 13.63 0.72
C LYS C 26 45.42 13.93 1.93
N ASP C 27 44.84 14.37 3.03
CA ASP C 27 45.59 14.54 4.31
C ASP C 27 45.48 13.34 5.28
N ARG C 28 45.17 12.17 4.75
CA ARG C 28 45.16 10.92 5.53
C ARG C 28 44.06 10.86 6.59
N ILE C 29 42.95 11.55 6.33
CA ILE C 29 41.79 11.55 7.20
C ILE C 29 40.67 10.76 6.52
N ILE C 30 40.19 9.73 7.20
CA ILE C 30 39.04 8.92 6.77
C ILE C 30 37.86 9.23 7.68
N MET C 31 36.68 9.47 7.10
CA MET C 31 35.48 9.81 7.88
C MET C 31 34.50 8.62 7.89
N LEU C 32 34.36 7.98 9.06
CA LEU C 32 33.33 6.94 9.26
C LEU C 32 32.18 7.67 9.92
N GLY C 33 31.21 8.10 9.11
CA GLY C 33 30.13 8.92 9.57
C GLY C 33 28.73 8.34 9.37
N SER C 34 28.64 7.01 9.33
CA SER C 34 27.34 6.37 9.08
C SER C 34 27.29 4.99 9.75
N GLN C 35 26.14 4.36 9.59
CA GLN C 35 25.96 2.94 9.89
C GLN C 35 27.01 2.12 9.12
N ILE C 36 27.55 1.09 9.78
CA ILE C 36 28.55 0.22 9.18
C ILE C 36 27.85 -0.92 8.45
N ASP C 37 27.92 -0.90 7.12
CA ASP C 37 27.50 -2.02 6.31
C ASP C 37 28.65 -2.40 5.38
N ASP C 38 28.42 -3.40 4.53
CA ASP C 38 29.46 -3.87 3.62
C ASP C 38 30.00 -2.78 2.67
N ASN C 39 29.14 -1.89 2.17
CA ASN C 39 29.59 -0.79 1.31
C ASN C 39 30.53 0.15 2.02
N VAL C 40 30.15 0.55 3.22
CA VAL C 40 30.95 1.46 4.03
C VAL C 40 32.29 0.80 4.37
N ALA C 41 32.26 -0.47 4.77
CA ALA C 41 33.50 -1.20 5.08
C ALA C 41 34.43 -1.28 3.87
N ASN C 42 33.88 -1.61 2.72
CA ASN C 42 34.66 -1.72 1.49
C ASN C 42 35.33 -0.41 1.14
N SER C 43 34.60 0.69 1.31
CA SER C 43 35.15 2.02 1.06
C SER C 43 36.28 2.34 2.04
N ILE C 44 36.05 2.08 3.33
CA ILE C 44 37.04 2.40 4.34
C ILE C 44 38.29 1.51 4.22
N VAL C 45 38.09 0.23 3.96
CA VAL C 45 39.18 -0.68 3.68
C VAL C 45 40.03 -0.19 2.49
N SER C 46 39.35 0.22 1.41
CA SER C 46 40.02 0.71 0.23
C SER C 46 40.83 1.98 0.53
N GLN C 47 40.25 2.87 1.31
CA GLN C 47 40.95 4.07 1.75
C GLN C 47 42.19 3.76 2.58
N LEU C 48 42.08 2.81 3.50
CA LEU C 48 43.22 2.41 4.33
C LEU C 48 44.34 1.83 3.46
N LEU C 49 43.96 0.99 2.51
CA LEU C 49 44.89 0.37 1.59
C LEU C 49 45.59 1.44 0.73
N PHE C 50 44.83 2.39 0.22
CA PHE C 50 45.38 3.49 -0.56
C PHE C 50 46.39 4.29 0.24
N LEU C 51 46.01 4.66 1.47
CA LEU C 51 46.87 5.50 2.29
C LEU C 51 48.18 4.81 2.69
N GLN C 52 48.13 3.52 3.01
CA GLN C 52 49.34 2.74 3.30
C GLN C 52 50.29 2.75 2.08
N ALA C 53 49.75 2.56 0.89
CA ALA C 53 50.55 2.54 -0.33
C ALA C 53 51.18 3.91 -0.62
N GLN C 54 50.44 4.99 -0.35
CA GLN C 54 50.97 6.35 -0.48
C GLN C 54 52.13 6.59 0.48
N ASP C 55 52.00 6.13 1.72
CA ASP C 55 53.01 6.32 2.74
C ASP C 55 52.78 5.31 3.86
N SER C 56 53.69 4.36 3.99
CA SER C 56 53.55 3.27 4.96
C SER C 56 53.94 3.65 6.40
N GLU C 57 54.43 4.88 6.61
CA GLU C 57 54.89 5.31 7.93
C GLU C 57 54.07 6.42 8.59
N LYS C 58 53.46 7.32 7.81
CA LYS C 58 52.69 8.41 8.40
C LYS C 58 51.35 7.90 8.96
N ASP C 59 50.99 8.45 10.11
CA ASP C 59 49.71 8.17 10.74
C ASP C 59 48.51 8.43 9.81
N ILE C 60 47.45 7.66 10.04
CA ILE C 60 46.14 7.84 9.44
C ILE C 60 45.20 8.26 10.56
N TYR C 61 44.19 9.03 10.23
CA TYR C 61 43.20 9.52 11.16
C TYR C 61 41.79 9.08 10.80
N LEU C 62 41.19 8.28 11.66
CA LEU C 62 39.86 7.78 11.46
C LEU C 62 38.87 8.44 12.39
N TYR C 63 38.04 9.31 11.85
CA TYR C 63 37.00 9.98 12.61
C TYR C 63 35.82 9.03 12.66
N ILE C 64 35.24 8.90 13.82
CA ILE C 64 34.13 8.02 13.98
C ILE C 64 32.90 8.62 14.61
N ASN C 65 31.84 8.71 13.83
CA ASN C 65 30.50 9.07 14.30
C ASN C 65 29.55 8.04 13.67
N SER C 66 29.26 6.98 14.44
CA SER C 66 28.55 5.82 13.90
C SER C 66 27.72 5.13 14.96
N PRO C 67 26.47 4.75 14.62
CA PRO C 67 25.67 3.93 15.54
C PRO C 67 26.01 2.45 15.49
N GLY C 68 26.98 2.04 14.68
CA GLY C 68 27.38 0.65 14.57
C GLY C 68 26.82 0.05 13.31
N GLY C 69 26.57 -1.27 13.34
CA GLY C 69 26.05 -1.99 12.18
C GLY C 69 26.61 -3.41 12.11
N SER C 70 26.86 -3.86 10.89
CA SER C 70 27.27 -5.24 10.65
C SER C 70 28.60 -5.56 11.35
N VAL C 71 28.61 -6.67 12.09
CA VAL C 71 29.79 -7.13 12.80
C VAL C 71 30.90 -7.57 11.83
N THR C 72 30.53 -8.31 10.78
CA THR C 72 31.52 -8.78 9.81
C THR C 72 32.11 -7.61 9.02
N ALA C 73 31.27 -6.66 8.64
CA ALA C 73 31.75 -5.44 8.01
C ALA C 73 32.70 -4.68 8.94
N GLY C 74 32.34 -4.59 10.21
CA GLY C 74 33.20 -3.99 11.21
C GLY C 74 34.53 -4.69 11.30
N PHE C 75 34.52 -6.01 11.25
CA PHE C 75 35.76 -6.79 11.27
C PHE C 75 36.62 -6.66 10.01
N ALA C 76 36.00 -6.37 8.87
CA ALA C 76 36.74 -6.03 7.67
C ALA C 76 37.61 -4.81 7.92
N ILE C 77 37.02 -3.79 8.54
CA ILE C 77 37.72 -2.58 8.89
C ILE C 77 38.78 -2.86 9.96
N TYR C 78 38.36 -3.55 11.03
CA TYR C 78 39.25 -3.86 12.14
C TYR C 78 40.52 -4.57 11.68
N ASP C 79 40.36 -5.65 10.93
CA ASP C 79 41.50 -6.45 10.48
C ASP C 79 42.40 -5.67 9.53
N THR C 80 41.81 -4.80 8.70
CA THR C 80 42.60 -3.98 7.80
C THR C 80 43.43 -2.97 8.60
N ILE C 81 42.83 -2.37 9.63
CA ILE C 81 43.58 -1.48 10.52
C ILE C 81 44.80 -2.20 11.09
N GLN C 82 44.59 -3.38 11.67
CA GLN C 82 45.72 -4.08 12.30
C GLN C 82 46.74 -4.58 11.28
N HIS C 83 46.30 -4.88 10.06
CA HIS C 83 47.19 -5.42 9.04
C HIS C 83 48.19 -4.39 8.48
N ILE C 84 47.74 -3.16 8.27
CA ILE C 84 48.58 -2.14 7.68
C ILE C 84 49.65 -1.63 8.65
N LYS C 85 50.72 -1.09 8.09
CA LYS C 85 51.87 -0.61 8.87
C LYS C 85 51.60 0.71 9.61
N PRO C 86 51.02 1.71 8.95
CA PRO C 86 50.77 2.96 9.65
C PRO C 86 49.85 2.81 10.89
N ASP C 87 50.13 3.59 11.92
CA ASP C 87 49.22 3.74 13.04
C ASP C 87 47.93 4.39 12.55
N VAL C 88 46.79 3.88 13.00
CA VAL C 88 45.49 4.50 12.73
C VAL C 88 44.99 5.11 14.02
N GLN C 89 44.97 6.43 14.08
CA GLN C 89 44.38 7.16 15.20
C GLN C 89 42.86 7.07 15.05
N THR C 90 42.15 6.97 16.17
CA THR C 90 40.68 7.03 16.17
C THR C 90 40.22 8.20 17.00
N ILE C 91 39.21 8.90 16.50
CA ILE C 91 38.63 10.06 17.18
C ILE C 91 37.10 9.92 17.13
N CYS C 92 36.49 9.78 18.30
CA CYS C 92 35.04 9.73 18.41
C CYS C 92 34.46 11.13 18.50
N ILE C 93 33.58 11.44 17.57
CA ILE C 93 32.90 12.73 17.53
C ILE C 93 31.42 12.40 17.36
N GLY C 94 30.58 12.97 18.21
CA GLY C 94 29.15 12.66 18.25
C GLY C 94 28.82 11.39 19.01
N MET C 95 28.94 10.24 18.34
CA MET C 95 28.57 8.95 18.91
C MET C 95 29.42 7.84 18.30
N ALA C 96 29.87 6.91 19.13
CA ALA C 96 30.36 5.62 18.65
C ALA C 96 29.62 4.56 19.44
N ALA C 97 28.71 3.84 18.78
CA ALA C 97 27.92 2.80 19.42
C ALA C 97 28.20 1.46 18.78
N SER C 98 28.13 0.40 19.60
CA SER C 98 28.19 -0.98 19.14
C SER C 98 29.49 -1.19 18.37
N MET C 99 29.42 -1.65 17.13
CA MET C 99 30.61 -1.88 16.34
C MET C 99 31.41 -0.59 16.11
N GLY C 100 30.75 0.56 16.19
CA GLY C 100 31.43 1.85 16.16
C GLY C 100 32.39 2.04 17.31
N SER C 101 31.97 1.66 18.51
CA SER C 101 32.82 1.77 19.69
C SER C 101 33.91 0.70 19.67
N PHE C 102 33.61 -0.46 19.07
CA PHE C 102 34.62 -1.50 18.89
C PHE C 102 35.77 -0.97 18.00
N LEU C 103 35.41 -0.28 16.92
CA LEU C 103 36.41 0.30 16.03
C LEU C 103 37.17 1.46 16.69
N LEU C 104 36.50 2.26 17.49
CA LEU C 104 37.16 3.31 18.27
C LEU C 104 38.28 2.72 19.12
N ALA C 105 37.97 1.62 19.81
CA ALA C 105 38.92 0.94 20.69
C ALA C 105 40.06 0.24 19.95
N ALA C 106 39.90 0.05 18.64
CA ALA C 106 40.84 -0.63 17.78
C ALA C 106 41.97 0.26 17.22
N GLY C 107 41.90 1.57 17.47
CA GLY C 107 42.93 2.49 17.01
C GLY C 107 44.26 2.21 17.70
N ALA C 108 45.34 2.75 17.14
CA ALA C 108 46.69 2.54 17.70
C ALA C 108 46.73 2.96 19.17
N LYS C 109 47.36 2.13 20.01
CA LYS C 109 47.43 2.39 21.44
C LYS C 109 48.10 3.73 21.71
N GLY C 110 47.50 4.52 22.58
CA GLY C 110 47.90 5.90 22.81
C GLY C 110 47.29 6.93 21.89
N LYS C 111 46.64 6.50 20.80
CA LYS C 111 46.11 7.44 19.80
C LYS C 111 44.60 7.25 19.54
N ARG C 112 43.87 6.90 20.60
CA ARG C 112 42.42 6.77 20.56
C ARG C 112 41.84 7.90 21.39
N PHE C 113 41.01 8.70 20.76
CA PHE C 113 40.49 9.94 21.34
C PHE C 113 38.98 10.03 21.25
N ALA C 114 38.43 10.91 22.07
CA ALA C 114 37.05 11.39 21.88
C ALA C 114 37.00 12.84 22.26
N LEU C 115 36.10 13.59 21.64
CA LEU C 115 35.86 14.97 22.03
C LEU C 115 34.90 14.92 23.25
N PRO C 116 34.88 15.99 24.07
CA PRO C 116 34.33 15.90 25.43
C PRO C 116 32.86 15.48 25.55
N ASN C 117 32.04 15.87 24.56
CA ASN C 117 30.62 15.58 24.61
C ASN C 117 30.21 14.40 23.74
N ALA C 118 31.21 13.73 23.18
CA ALA C 118 30.96 12.53 22.38
C ALA C 118 30.46 11.41 23.29
N GLU C 119 29.60 10.59 22.73
CA GLU C 119 28.93 9.50 23.46
C GLU C 119 29.51 8.17 22.96
N VAL C 120 29.80 7.27 23.88
CA VAL C 120 30.26 5.93 23.52
C VAL C 120 29.26 4.94 24.11
N MET C 121 28.81 3.98 23.31
CA MET C 121 27.87 2.98 23.80
C MET C 121 28.37 1.59 23.45
N ILE C 122 28.32 0.70 24.42
CA ILE C 122 28.68 -0.70 24.21
C ILE C 122 27.48 -1.57 24.57
N HIS C 123 27.30 -2.63 23.80
CA HIS C 123 26.24 -3.61 24.05
C HIS C 123 26.54 -4.92 23.34
N GLN C 124 25.76 -5.95 23.63
CA GLN C 124 25.97 -7.25 22.97
C GLN C 124 25.43 -7.22 21.54
N PRO C 125 25.96 -8.10 20.66
CA PRO C 125 25.49 -8.10 19.27
C PRO C 125 24.02 -8.53 19.14
N LEU C 126 23.40 -8.04 18.07
CA LEU C 126 22.00 -8.27 17.75
C LEU C 126 21.93 -9.15 16.51
N GLY C 127 20.85 -9.92 16.41
CA GLY C 127 20.63 -10.77 15.27
C GLY C 127 19.27 -11.41 15.26
N GLY C 128 19.13 -12.38 14.36
CA GLY C 128 17.87 -13.04 14.16
C GLY C 128 18.10 -14.45 13.63
N ALA C 129 17.06 -15.26 13.75
CA ALA C 129 17.08 -16.63 13.29
C ALA C 129 15.66 -17.10 13.14
N GLN C 130 15.40 -17.84 12.08
CA GLN C 130 14.08 -18.32 11.77
C GLN C 130 14.22 -19.70 11.12
N GLY C 131 13.30 -20.61 11.44
CA GLY C 131 13.22 -21.90 10.79
C GLY C 131 13.19 -23.04 11.79
N GLN C 132 13.79 -24.15 11.43
CA GLN C 132 13.78 -25.35 12.24
C GLN C 132 14.61 -25.18 13.51
N ALA C 133 14.30 -25.98 14.51
CA ALA C 133 15.05 -25.99 15.77
C ALA C 133 16.56 -26.06 15.57
N THR C 134 17.03 -26.94 14.68
CA THR C 134 18.47 -27.09 14.47
C THR C 134 19.08 -25.87 13.76
N GLU C 135 18.30 -25.21 12.88
CA GLU C 135 18.73 -23.95 12.28
C GLU C 135 18.84 -22.84 13.33
N ILE C 136 17.89 -22.78 14.25
CA ILE C 136 17.91 -21.78 15.33
CA ILE C 136 17.91 -21.79 15.34
C ILE C 136 19.15 -22.04 16.20
N GLU C 137 19.43 -23.31 16.49
CA GLU C 137 20.60 -23.70 17.27
C GLU C 137 21.91 -23.23 16.61
N ILE C 138 22.04 -23.50 15.31
CA ILE C 138 23.22 -23.06 14.55
C ILE C 138 23.39 -21.55 14.64
N ALA C 139 22.30 -20.80 14.40
CA ALA C 139 22.36 -19.33 14.48
C ALA C 139 22.71 -18.85 15.88
N ALA C 140 22.16 -19.50 16.92
CA ALA C 140 22.47 -19.13 18.30
C ALA C 140 23.93 -19.36 18.62
N ASN C 141 24.44 -20.54 18.26
CA ASN C 141 25.86 -20.88 18.48
C ASN C 141 26.76 -19.88 17.77
N HIS C 142 26.40 -19.51 16.54
CA HIS C 142 27.20 -18.56 15.77
C HIS C 142 27.24 -17.19 16.42
N ILE C 143 26.09 -16.64 16.80
CA ILE C 143 26.08 -15.31 17.42
C ILE C 143 26.75 -15.31 18.80
N LEU C 144 26.64 -16.40 19.56
CA LEU C 144 27.38 -16.52 20.83
C LEU C 144 28.90 -16.55 20.62
N LYS C 145 29.36 -17.32 19.63
CA LYS C 145 30.79 -17.32 19.26
C LYS C 145 31.27 -15.93 18.82
N THR C 146 30.44 -15.23 18.05
CA THR C 146 30.75 -13.89 17.60
C THR C 146 30.90 -12.95 18.80
N ARG C 147 30.01 -13.09 19.78
CA ARG C 147 30.10 -12.28 21.00
C ARG C 147 31.38 -12.58 21.79
N GLU C 148 31.74 -13.85 21.91
CA GLU C 148 32.99 -14.23 22.58
C GLU C 148 34.21 -13.60 21.87
N LYS C 149 34.21 -13.65 20.54
CA LYS C 149 35.28 -13.07 19.74
C LYS C 149 35.38 -11.55 19.99
N LEU C 150 34.25 -10.86 19.94
CA LEU C 150 34.21 -9.43 20.19
C LEU C 150 34.71 -9.09 21.59
N ASN C 151 34.22 -9.81 22.58
CA ASN C 151 34.56 -9.57 23.98
C ASN C 151 36.03 -9.84 24.26
N ARG C 152 36.58 -10.90 23.68
CA ARG C 152 37.99 -11.22 23.82
C ARG C 152 38.86 -10.07 23.31
N ILE C 153 38.54 -9.58 22.12
CA ILE C 153 39.32 -8.49 21.52
C ILE C 153 39.14 -7.21 22.32
N LEU C 154 37.91 -6.92 22.76
CA LEU C 154 37.67 -5.74 23.57
C LEU C 154 38.47 -5.81 24.89
N SER C 155 38.55 -7.00 25.48
CA SER C 155 39.39 -7.22 26.66
C SER C 155 40.86 -6.88 26.41
N GLU C 156 41.41 -7.39 25.31
CA GLU C 156 42.79 -7.11 24.91
C GLU C 156 43.01 -5.61 24.67
N ARG C 157 42.03 -4.92 24.07
CA ARG C 157 42.16 -3.48 23.76
C ARG C 157 41.94 -2.53 24.92
N THR C 158 41.14 -2.95 25.90
CA THR C 158 40.78 -2.09 27.03
C THR C 158 41.57 -2.40 28.30
N GLY C 159 42.08 -3.62 28.43
CA GLY C 159 42.61 -4.09 29.70
C GLY C 159 41.57 -4.62 30.67
N GLN C 160 40.29 -4.61 30.31
CA GLN C 160 39.24 -5.17 31.16
C GLN C 160 39.16 -6.66 30.96
N SER C 161 38.72 -7.37 32.00
CA SER C 161 38.47 -8.82 31.85
C SER C 161 37.30 -9.11 30.90
N ILE C 162 37.34 -10.29 30.31
CA ILE C 162 36.24 -10.80 29.50
C ILE C 162 34.94 -10.86 30.32
N GLU C 163 35.04 -11.22 31.60
CA GLU C 163 33.88 -11.32 32.48
C GLU C 163 33.26 -9.95 32.72
N LYS C 164 34.08 -8.94 32.93
CA LYS C 164 33.57 -7.57 33.12
C LYS C 164 32.90 -7.07 31.82
N ILE C 165 33.54 -7.32 30.68
CA ILE C 165 33.00 -6.91 29.38
C ILE C 165 31.62 -7.57 29.14
N GLN C 166 31.53 -8.87 29.41
CA GLN C 166 30.28 -9.62 29.33
C GLN C 166 29.17 -8.94 30.15
N LYS C 167 29.46 -8.67 31.42
CA LYS C 167 28.48 -8.03 32.31
C LYS C 167 28.11 -6.62 31.82
N ASP C 168 29.10 -5.83 31.42
CA ASP C 168 28.88 -4.44 31.05
C ASP C 168 28.21 -4.25 29.69
N THR C 169 28.17 -5.30 28.86
CA THR C 169 27.53 -5.24 27.54
C THR C 169 26.20 -5.99 27.48
N ASP C 170 25.74 -6.48 28.64
CA ASP C 170 24.51 -7.27 28.70
C ASP C 170 23.32 -6.45 28.17
N ARG C 171 23.29 -5.18 28.55
CA ARG C 171 22.34 -4.20 28.04
C ARG C 171 23.09 -3.00 27.52
N ASP C 172 22.37 -2.12 26.81
CA ASP C 172 22.91 -0.85 26.35
C ASP C 172 23.57 -0.11 27.51
N ASN C 173 24.84 0.23 27.33
CA ASN C 173 25.63 0.88 28.35
C ASN C 173 26.27 2.11 27.72
N PHE C 174 25.74 3.28 28.09
CA PHE C 174 26.18 4.57 27.55
C PHE C 174 27.29 5.12 28.43
N LEU C 175 28.38 5.57 27.81
CA LEU C 175 29.52 6.15 28.52
C LEU C 175 29.78 7.55 28.00
N THR C 176 30.09 8.47 28.90
CA THR C 176 30.68 9.75 28.53
C THR C 176 32.11 9.53 27.99
N ALA C 177 32.68 10.55 27.35
CA ALA C 177 34.05 10.48 26.85
C ALA C 177 35.02 10.12 27.97
N GLU C 178 34.86 10.79 29.11
CA GLU C 178 35.71 10.55 30.28
C GLU C 178 35.57 9.12 30.79
N GLU C 179 34.33 8.62 30.87
CA GLU C 179 34.10 7.23 31.26
C GLU C 179 34.69 6.23 30.26
N ALA C 180 34.63 6.56 28.98
CA ALA C 180 35.26 5.72 27.95
C ALA C 180 36.78 5.63 28.15
N LYS C 181 37.40 6.75 28.53
CA LYS C 181 38.82 6.77 28.87
C LYS C 181 39.12 5.89 30.08
N GLU C 182 38.37 6.08 31.17
CA GLU C 182 38.50 5.24 32.36
C GLU C 182 38.29 3.75 32.05
N TYR C 183 37.37 3.45 31.15
CA TYR C 183 37.14 2.08 30.74
C TYR C 183 38.29 1.46 29.92
N GLY C 184 39.09 2.30 29.26
CA GLY C 184 40.15 1.82 28.35
C GLY C 184 39.75 1.74 26.88
N LEU C 185 38.58 2.28 26.53
CA LEU C 185 38.12 2.29 25.13
C LEU C 185 38.88 3.34 24.33
N ILE C 186 39.26 4.43 24.99
CA ILE C 186 40.09 5.48 24.42
C ILE C 186 41.22 5.79 25.39
N ASP C 187 42.20 6.54 24.92
CA ASP C 187 43.36 6.94 25.72
C ASP C 187 43.24 8.34 26.30
N GLU C 188 42.64 9.27 25.55
CA GLU C 188 42.51 10.68 25.99
C GLU C 188 41.22 11.32 25.50
N VAL C 189 40.68 12.21 26.33
CA VAL C 189 39.66 13.15 25.92
C VAL C 189 40.38 14.41 25.43
N MET C 190 40.12 14.82 24.19
CA MET C 190 40.70 16.07 23.65
C MET C 190 39.92 17.27 24.14
N VAL C 191 40.47 18.01 25.08
CA VAL C 191 39.83 19.24 25.60
C VAL C 191 40.11 20.43 24.68
N PRO C 192 39.18 21.41 24.59
CA PRO C 192 39.38 22.61 23.75
C PRO C 192 40.65 23.44 24.03
N GLU C 193 41.42 23.79 22.99
CA GLU C 193 42.62 24.69 23.09
C GLU C 193 42.64 25.71 24.27
N ILE D 4 31.52 7.29 -2.84
CA ILE D 4 32.87 6.88 -3.27
C ILE D 4 33.73 8.13 -3.37
N PRO D 5 34.85 8.17 -2.65
CA PRO D 5 35.74 9.32 -2.65
C PRO D 5 36.65 9.38 -3.86
N THR D 6 37.14 10.53 -4.23
CA THR D 6 38.05 10.65 -5.35
C THR D 6 39.51 10.62 -4.92
N VAL D 7 40.34 9.86 -5.62
CA VAL D 7 41.75 9.82 -5.32
C VAL D 7 42.57 9.94 -6.59
N TYR D 18 40.23 9.72 -10.30
CA TYR D 18 39.81 8.35 -10.06
C TYR D 18 38.92 8.32 -8.81
N ASP D 19 37.79 7.62 -8.87
CA ASP D 19 37.16 7.15 -7.63
C ASP D 19 38.09 6.11 -6.95
N ILE D 20 37.89 5.84 -5.66
CA ILE D 20 38.83 5.00 -4.89
C ILE D 20 38.97 3.58 -5.47
N TYR D 21 37.87 3.00 -5.95
CA TYR D 21 37.91 1.65 -6.53
C TYR D 21 38.69 1.60 -7.83
N SER D 22 38.51 2.62 -8.67
CA SER D 22 39.30 2.77 -9.89
C SER D 22 40.78 2.92 -9.60
N ARG D 23 41.10 3.66 -8.54
CA ARG D 23 42.49 3.80 -8.12
C ARG D 23 43.09 2.46 -7.72
N LEU D 24 42.35 1.65 -6.95
CA LEU D 24 42.83 0.32 -6.59
C LEU D 24 42.97 -0.59 -7.82
N LEU D 25 42.04 -0.47 -8.77
CA LEU D 25 42.12 -1.26 -10.00
C LEU D 25 43.38 -0.98 -10.80
N LYS D 26 43.84 0.27 -10.78
CA LYS D 26 45.14 0.64 -11.36
C LYS D 26 46.29 -0.19 -10.79
N ASP D 27 46.21 -0.58 -9.52
CA ASP D 27 47.18 -1.52 -8.91
C ASP D 27 46.75 -2.99 -8.91
N ARG D 28 45.85 -3.35 -9.82
CA ARG D 28 45.42 -4.74 -10.03
C ARG D 28 44.66 -5.35 -8.84
N ILE D 29 43.95 -4.48 -8.12
CA ILE D 29 43.11 -4.89 -6.99
C ILE D 29 41.65 -4.74 -7.39
N ILE D 30 40.90 -5.84 -7.31
CA ILE D 30 39.46 -5.86 -7.56
C ILE D 30 38.76 -6.08 -6.22
N MET D 31 37.72 -5.30 -5.94
CA MET D 31 36.98 -5.39 -4.68
C MET D 31 35.61 -6.04 -4.90
N LEU D 32 35.43 -7.28 -4.42
CA LEU D 32 34.12 -7.92 -4.40
C LEU D 32 33.59 -7.68 -3.00
N GLY D 33 32.77 -6.64 -2.86
CA GLY D 33 32.32 -6.17 -1.57
C GLY D 33 30.81 -6.15 -1.39
N SER D 34 30.11 -7.01 -2.12
CA SER D 34 28.65 -7.03 -2.07
C SER D 34 28.12 -8.42 -2.41
N GLN D 35 26.80 -8.53 -2.36
CA GLN D 35 26.07 -9.66 -2.89
C GLN D 35 26.47 -9.89 -4.36
N ILE D 36 26.60 -11.15 -4.75
CA ILE D 36 26.96 -11.51 -6.11
C ILE D 36 25.69 -11.63 -6.97
N ASP D 37 25.50 -10.69 -7.86
CA ASP D 37 24.45 -10.79 -8.87
C ASP D 37 25.09 -10.62 -10.25
N ASP D 38 24.29 -10.66 -11.30
CA ASP D 38 24.78 -10.54 -12.66
C ASP D 38 25.55 -9.22 -12.93
N ASN D 39 25.10 -8.10 -12.36
CA ASN D 39 25.81 -6.82 -12.53
C ASN D 39 27.20 -6.86 -11.94
N VAL D 40 27.29 -7.36 -10.71
CA VAL D 40 28.57 -7.47 -10.01
C VAL D 40 29.50 -8.41 -10.78
N ALA D 41 28.99 -9.56 -11.23
CA ALA D 41 29.80 -10.51 -11.98
C ALA D 41 30.32 -9.89 -13.29
N ASN D 42 29.45 -9.20 -14.01
CA ASN D 42 29.84 -8.57 -15.27
C ASN D 42 30.95 -7.54 -15.06
N SER D 43 30.84 -6.77 -13.99
CA SER D 43 31.86 -5.80 -13.64
C SER D 43 33.19 -6.49 -13.31
N ILE D 44 33.13 -7.51 -12.48
CA ILE D 44 34.34 -8.20 -12.05
C ILE D 44 35.00 -8.96 -13.22
N VAL D 45 34.19 -9.62 -14.03
CA VAL D 45 34.68 -10.27 -15.25
C VAL D 45 35.40 -9.25 -16.17
N SER D 46 34.77 -8.08 -16.36
CA SER D 46 35.34 -7.04 -17.20
C SER D 46 36.67 -6.54 -16.63
N GLN D 47 36.73 -6.37 -15.32
CA GLN D 47 37.96 -5.98 -14.64
C GLN D 47 39.07 -7.02 -14.82
N LEU D 48 38.73 -8.29 -14.68
CA LEU D 48 39.71 -9.36 -14.87
C LEU D 48 40.25 -9.36 -16.29
N LEU D 49 39.35 -9.19 -17.26
CA LEU D 49 39.71 -9.15 -18.66
C LEU D 49 40.62 -7.95 -18.97
N PHE D 50 40.27 -6.80 -18.42
CA PHE D 50 41.08 -5.60 -18.57
C PHE D 50 42.49 -5.79 -18.01
N LEU D 51 42.57 -6.33 -16.79
CA LEU D 51 43.86 -6.49 -16.13
C LEU D 51 44.78 -7.49 -16.84
N GLN D 52 44.22 -8.60 -17.34
CA GLN D 52 44.99 -9.55 -18.13
C GLN D 52 45.57 -8.89 -19.39
N ALA D 53 44.77 -8.08 -20.08
CA ALA D 53 45.22 -7.39 -21.29
C ALA D 53 46.32 -6.36 -20.99
N GLN D 54 46.21 -5.67 -19.85
CA GLN D 54 47.27 -4.75 -19.41
C GLN D 54 48.58 -5.47 -19.13
N ASP D 55 48.49 -6.63 -18.48
CA ASP D 55 49.67 -7.40 -18.13
C ASP D 55 49.24 -8.84 -17.84
N SER D 56 49.64 -9.76 -18.72
CA SER D 56 49.24 -11.16 -18.61
C SER D 56 50.04 -11.98 -17.59
N GLU D 57 51.05 -11.38 -16.96
CA GLU D 57 51.91 -12.09 -16.02
C GLU D 57 51.82 -11.65 -14.55
N LYS D 58 51.52 -10.37 -14.30
CA LYS D 58 51.45 -9.88 -12.92
C LYS D 58 50.19 -10.39 -12.22
N ASP D 59 50.34 -10.74 -10.95
CA ASP D 59 49.23 -11.14 -10.11
C ASP D 59 48.11 -10.11 -10.07
N ILE D 60 46.89 -10.60 -9.88
CA ILE D 60 45.71 -9.80 -9.59
C ILE D 60 45.31 -10.14 -8.16
N TYR D 61 44.71 -9.18 -7.46
CA TYR D 61 44.25 -9.37 -6.08
C TYR D 61 42.74 -9.18 -6.02
N LEU D 62 42.03 -10.25 -5.65
CA LEU D 62 40.57 -10.20 -5.47
C LEU D 62 40.24 -10.22 -3.99
N TYR D 63 39.83 -9.06 -3.49
CA TYR D 63 39.31 -8.87 -2.13
C TYR D 63 37.86 -9.38 -2.09
N ILE D 64 37.53 -10.19 -1.09
CA ILE D 64 36.20 -10.77 -0.96
C ILE D 64 35.62 -10.47 0.42
N ASN D 65 34.59 -9.63 0.42
CA ASN D 65 33.68 -9.45 1.57
C ASN D 65 32.26 -9.54 0.99
N SER D 66 31.68 -10.74 1.04
CA SER D 66 30.44 -11.01 0.33
C SER D 66 29.63 -12.10 1.02
N PRO D 67 28.30 -11.88 1.12
CA PRO D 67 27.42 -12.94 1.66
C PRO D 67 27.05 -14.00 0.60
N GLY D 68 27.56 -13.88 -0.63
CA GLY D 68 27.26 -14.82 -1.68
C GLY D 68 26.24 -14.24 -2.62
N GLY D 69 25.48 -15.11 -3.28
CA GLY D 69 24.44 -14.68 -4.22
C GLY D 69 24.25 -15.68 -5.34
N SER D 70 24.00 -15.18 -6.55
CA SER D 70 23.70 -16.04 -7.70
C SER D 70 24.85 -16.99 -8.00
N VAL D 71 24.51 -18.27 -8.14
CA VAL D 71 25.48 -19.31 -8.45
C VAL D 71 26.04 -19.12 -9.88
N THR D 72 25.18 -18.84 -10.86
CA THR D 72 25.64 -18.66 -12.22
C THR D 72 26.52 -17.41 -12.37
N ALA D 73 26.14 -16.34 -11.68
CA ALA D 73 26.98 -15.15 -11.63
C ALA D 73 28.34 -15.46 -10.99
N GLY D 74 28.31 -16.23 -9.91
CA GLY D 74 29.53 -16.69 -9.27
C GLY D 74 30.40 -17.49 -10.22
N PHE D 75 29.78 -18.35 -11.02
CA PHE D 75 30.52 -19.13 -12.00
C PHE D 75 31.07 -18.31 -13.16
N ALA D 76 30.43 -17.20 -13.50
CA ALA D 76 30.99 -16.26 -14.48
C ALA D 76 32.35 -15.78 -13.98
N ILE D 77 32.40 -15.40 -12.71
CA ILE D 77 33.64 -14.94 -12.10
C ILE D 77 34.64 -16.10 -12.00
N TYR D 78 34.19 -17.24 -11.49
CA TYR D 78 35.03 -18.42 -11.32
C TYR D 78 35.73 -18.81 -12.61
N ASP D 79 34.95 -18.98 -13.67
CA ASP D 79 35.50 -19.42 -14.96
C ASP D 79 36.44 -18.40 -15.56
N THR D 80 36.16 -17.12 -15.36
CA THR D 80 37.03 -16.06 -15.86
C THR D 80 38.37 -16.10 -15.11
N ILE D 81 38.32 -16.31 -13.79
CA ILE D 81 39.55 -16.46 -13.02
C ILE D 81 40.40 -17.61 -13.60
N GLN D 82 39.80 -18.77 -13.79
CA GLN D 82 40.59 -19.91 -14.27
C GLN D 82 41.05 -19.73 -15.71
N HIS D 83 40.29 -18.98 -16.51
CA HIS D 83 40.62 -18.81 -17.92
C HIS D 83 41.83 -17.91 -18.16
N ILE D 84 41.96 -16.82 -17.40
CA ILE D 84 43.03 -15.85 -17.63
C ILE D 84 44.39 -16.39 -17.16
N LYS D 85 45.45 -15.82 -17.72
CA LYS D 85 46.82 -16.27 -17.44
C LYS D 85 47.31 -15.83 -16.05
N PRO D 86 47.12 -14.56 -15.67
CA PRO D 86 47.62 -14.16 -14.34
C PRO D 86 47.01 -14.94 -13.18
N ASP D 87 47.82 -15.19 -12.15
CA ASP D 87 47.32 -15.72 -10.89
C ASP D 87 46.37 -14.69 -10.26
N VAL D 88 45.24 -15.15 -9.74
CA VAL D 88 44.33 -14.29 -8.99
C VAL D 88 44.42 -14.71 -7.53
N GLN D 89 45.00 -13.83 -6.72
CA GLN D 89 45.05 -14.03 -5.27
C GLN D 89 43.66 -13.70 -4.72
N THR D 90 43.22 -14.43 -3.70
CA THR D 90 41.97 -14.11 -3.01
C THR D 90 42.26 -13.80 -1.55
N ILE D 91 41.61 -12.78 -1.04
CA ILE D 91 41.77 -12.35 0.35
C ILE D 91 40.38 -12.11 0.95
N CYS D 92 40.02 -12.92 1.95
CA CYS D 92 38.76 -12.76 2.65
C CYS D 92 38.92 -11.76 3.78
N ILE D 93 38.11 -10.72 3.73
CA ILE D 93 38.09 -9.68 4.74
C ILE D 93 36.62 -9.50 5.13
N GLY D 94 36.33 -9.57 6.43
CA GLY D 94 34.95 -9.54 6.93
C GLY D 94 34.26 -10.88 6.85
N MET D 95 33.71 -11.21 5.69
CA MET D 95 32.91 -12.43 5.51
C MET D 95 33.00 -12.92 4.08
N ALA D 96 33.14 -14.23 3.90
CA ALA D 96 32.89 -14.86 2.61
C ALA D 96 31.91 -15.99 2.89
N ALA D 97 30.67 -15.85 2.43
CA ALA D 97 29.66 -16.88 2.64
C ALA D 97 29.17 -17.40 1.30
N SER D 98 28.81 -18.68 1.29
CA SER D 98 28.14 -19.30 0.15
C SER D 98 29.02 -19.16 -1.09
N MET D 99 28.49 -18.59 -2.16
CA MET D 99 29.26 -18.41 -3.37
C MET D 99 30.50 -17.52 -3.16
N GLY D 100 30.47 -16.67 -2.14
CA GLY D 100 31.63 -15.90 -1.72
C GLY D 100 32.79 -16.76 -1.27
N SER D 101 32.48 -17.79 -0.48
CA SER D 101 33.52 -18.69 0.00
C SER D 101 33.98 -19.62 -1.13
N PHE D 102 33.07 -19.94 -2.07
CA PHE D 102 33.44 -20.71 -3.25
C PHE D 102 34.50 -19.95 -4.07
N LEU D 103 34.29 -18.64 -4.24
CA LEU D 103 35.24 -17.81 -4.97
C LEU D 103 36.55 -17.64 -4.21
N LEU D 104 36.49 -17.52 -2.89
CA LEU D 104 37.69 -17.48 -2.07
C LEU D 104 38.59 -18.70 -2.34
N ALA D 105 37.96 -19.88 -2.35
CA ALA D 105 38.65 -21.14 -2.59
C ALA D 105 39.17 -21.32 -4.01
N ALA D 106 38.68 -20.49 -4.93
CA ALA D 106 39.03 -20.56 -6.34
C ALA D 106 40.28 -19.75 -6.73
N GLY D 107 40.86 -19.01 -5.79
CA GLY D 107 42.07 -18.24 -6.04
C GLY D 107 43.24 -19.15 -6.34
N ALA D 108 44.30 -18.60 -6.92
CA ALA D 108 45.52 -19.37 -7.26
C ALA D 108 46.03 -20.13 -6.06
N LYS D 109 46.38 -21.40 -6.26
CA LYS D 109 46.85 -22.26 -5.16
C LYS D 109 48.09 -21.65 -4.52
N GLY D 110 48.10 -21.61 -3.19
CA GLY D 110 49.12 -20.91 -2.42
C GLY D 110 48.87 -19.43 -2.19
N LYS D 111 47.87 -18.84 -2.86
CA LYS D 111 47.63 -17.40 -2.78
C LYS D 111 46.18 -17.07 -2.36
N ARG D 112 45.60 -17.92 -1.52
CA ARG D 112 44.28 -17.71 -0.96
C ARG D 112 44.46 -17.41 0.52
N PHE D 113 43.96 -16.25 0.95
CA PHE D 113 44.19 -15.72 2.27
C PHE D 113 42.91 -15.30 2.96
N ALA D 114 42.99 -15.17 4.27
CA ALA D 114 41.98 -14.45 5.04
C ALA D 114 42.68 -13.69 6.16
N LEU D 115 42.09 -12.58 6.57
CA LEU D 115 42.56 -11.89 7.76
C LEU D 115 41.99 -12.61 8.99
N PRO D 116 42.62 -12.44 10.17
CA PRO D 116 42.37 -13.37 11.29
C PRO D 116 40.93 -13.47 11.81
N ASN D 117 40.19 -12.38 11.74
CA ASN D 117 38.83 -12.31 12.25
C ASN D 117 37.79 -12.41 11.16
N ALA D 118 38.23 -12.67 9.93
CA ALA D 118 37.31 -12.90 8.82
C ALA D 118 36.54 -14.20 9.04
N GLU D 119 35.31 -14.20 8.58
CA GLU D 119 34.38 -15.32 8.76
C GLU D 119 34.19 -16.00 7.40
N VAL D 120 34.21 -17.33 7.37
CA VAL D 120 33.94 -18.08 6.15
C VAL D 120 32.75 -18.98 6.44
N MET D 121 31.76 -18.99 5.55
CA MET D 121 30.59 -19.85 5.74
C MET D 121 30.34 -20.65 4.47
N ILE D 122 30.10 -21.94 4.64
CA ILE D 122 29.75 -22.81 3.53
C ILE D 122 28.40 -23.45 3.81
N HIS D 123 27.60 -23.62 2.77
CA HIS D 123 26.31 -24.28 2.87
C HIS D 123 25.84 -24.73 1.50
N GLN D 124 24.75 -25.49 1.47
CA GLN D 124 24.19 -25.95 0.19
C GLN D 124 23.44 -24.82 -0.51
N PRO D 125 23.33 -24.90 -1.86
CA PRO D 125 22.63 -23.83 -2.59
C PRO D 125 21.14 -23.73 -2.26
N LEU D 126 20.61 -22.53 -2.41
CA LEU D 126 19.22 -22.21 -2.10
C LEU D 126 18.49 -21.91 -3.39
N GLY D 127 17.18 -22.15 -3.39
CA GLY D 127 16.37 -21.86 -4.56
C GLY D 127 14.89 -22.05 -4.29
N GLY D 128 14.15 -22.04 -5.37
CA GLY D 128 12.70 -22.08 -5.34
C GLY D 128 12.13 -22.65 -6.61
N ALA D 129 10.90 -23.12 -6.53
CA ALA D 129 10.22 -23.72 -7.66
C ALA D 129 8.74 -23.72 -7.38
N GLN D 130 7.96 -23.42 -8.40
CA GLN D 130 6.51 -23.31 -8.29
C GLN D 130 5.91 -23.81 -9.60
N GLY D 131 4.80 -24.52 -9.51
CA GLY D 131 4.02 -24.91 -10.68
C GLY D 131 3.71 -26.39 -10.66
N GLN D 132 3.68 -27.00 -11.84
CA GLN D 132 3.30 -28.38 -11.99
C GLN D 132 4.36 -29.31 -11.41
N ALA D 133 3.93 -30.53 -11.06
CA ALA D 133 4.83 -31.55 -10.54
C ALA D 133 6.08 -31.72 -11.41
N THR D 134 5.92 -31.78 -12.73
CA THR D 134 7.07 -31.99 -13.61
C THR D 134 8.00 -30.77 -13.65
N GLU D 135 7.45 -29.57 -13.50
CA GLU D 135 8.26 -28.34 -13.37
C GLU D 135 9.05 -28.36 -12.06
N ILE D 136 8.43 -28.81 -10.98
CA ILE D 136 9.12 -28.90 -9.68
C ILE D 136 10.26 -29.91 -9.81
N GLU D 137 9.99 -31.04 -10.47
CA GLU D 137 11.01 -32.07 -10.71
C GLU D 137 12.21 -31.51 -11.48
N ILE D 138 11.95 -30.79 -12.56
CA ILE D 138 13.02 -30.18 -13.36
C ILE D 138 13.86 -29.23 -12.48
N ALA D 139 13.21 -28.36 -11.72
CA ALA D 139 13.92 -27.44 -10.83
C ALA D 139 14.72 -28.18 -9.76
N ALA D 140 14.16 -29.25 -9.20
CA ALA D 140 14.87 -30.04 -8.20
C ALA D 140 16.12 -30.71 -8.79
N ASN D 141 15.96 -31.33 -9.96
CA ASN D 141 17.09 -31.97 -10.65
C ASN D 141 18.17 -30.96 -10.95
N HIS D 142 17.78 -29.76 -11.41
CA HIS D 142 18.73 -28.72 -11.73
C HIS D 142 19.53 -28.26 -10.51
N ILE D 143 18.84 -27.95 -9.39
CA ILE D 143 19.56 -27.50 -8.21
C ILE D 143 20.42 -28.60 -7.59
N LEU D 144 19.99 -29.86 -7.67
CA LEU D 144 20.84 -30.98 -7.23
C LEU D 144 22.10 -31.13 -8.08
N LYS D 145 21.96 -31.02 -9.40
CA LYS D 145 23.13 -31.03 -10.30
C LYS D 145 24.08 -29.86 -10.01
N THR D 146 23.52 -28.69 -9.75
CA THR D 146 24.31 -27.51 -9.40
C THR D 146 25.10 -27.76 -8.11
N ARG D 147 24.46 -28.39 -7.13
CA ARG D 147 25.15 -28.74 -5.90
C ARG D 147 26.29 -29.73 -6.12
N GLU D 148 26.05 -30.76 -6.94
CA GLU D 148 27.11 -31.72 -7.27
C GLU D 148 28.30 -31.02 -7.93
N LYS D 149 28.01 -30.11 -8.87
CA LYS D 149 29.05 -29.35 -9.55
C LYS D 149 29.88 -28.52 -8.56
N LEU D 150 29.19 -27.79 -7.68
CA LEU D 150 29.85 -26.98 -6.66
C LEU D 150 30.72 -27.84 -5.74
N ASN D 151 30.16 -28.95 -5.27
CA ASN D 151 30.85 -29.83 -4.34
C ASN D 151 32.07 -30.49 -4.96
N ARG D 152 31.94 -30.92 -6.21
CA ARG D 152 33.06 -31.53 -6.94
C ARG D 152 34.23 -30.53 -7.03
N ILE D 153 33.94 -29.29 -7.42
CA ILE D 153 34.97 -28.28 -7.55
C ILE D 153 35.57 -27.94 -6.19
N LEU D 154 34.72 -27.82 -5.17
CA LEU D 154 35.21 -27.53 -3.82
C LEU D 154 36.13 -28.67 -3.32
N SER D 155 35.79 -29.91 -3.65
CA SER D 155 36.64 -31.06 -3.34
C SER D 155 38.04 -30.94 -4.00
N GLU D 156 38.05 -30.62 -5.29
CA GLU D 156 39.30 -30.40 -6.03
C GLU D 156 40.13 -29.26 -5.44
N ARG D 157 39.48 -28.17 -5.01
CA ARG D 157 40.18 -26.99 -4.47
C ARG D 157 40.65 -27.13 -3.03
N THR D 158 39.97 -27.94 -2.23
CA THR D 158 40.28 -28.09 -0.82
C THR D 158 41.08 -29.32 -0.48
N GLY D 159 41.00 -30.35 -1.32
CA GLY D 159 41.51 -31.67 -0.98
C GLY D 159 40.56 -32.53 -0.14
N GLN D 160 39.38 -32.03 0.21
CA GLN D 160 38.41 -32.81 0.96
C GLN D 160 37.62 -33.68 0.01
N SER D 161 37.14 -34.82 0.50
CA SER D 161 36.27 -35.67 -0.32
C SER D 161 34.91 -35.01 -0.58
N ILE D 162 34.30 -35.42 -1.69
CA ILE D 162 32.94 -35.01 -2.04
C ILE D 162 31.95 -35.37 -0.90
N GLU D 163 32.15 -36.53 -0.28
CA GLU D 163 31.27 -37.00 0.80
C GLU D 163 31.37 -36.08 2.02
N LYS D 164 32.59 -35.68 2.36
CA LYS D 164 32.78 -34.77 3.50
C LYS D 164 32.16 -33.39 3.18
N ILE D 165 32.38 -32.90 1.96
CA ILE D 165 31.83 -31.60 1.55
C ILE D 165 30.30 -31.61 1.63
N GLN D 166 29.69 -32.68 1.11
CA GLN D 166 28.23 -32.89 1.20
C GLN D 166 27.74 -32.80 2.64
N LYS D 167 28.36 -33.54 3.54
CA LYS D 167 27.98 -33.53 4.96
C LYS D 167 28.18 -32.15 5.60
N ASP D 168 29.32 -31.52 5.32
CA ASP D 168 29.67 -30.26 5.96
C ASP D 168 28.89 -29.04 5.44
N THR D 169 28.23 -29.18 4.29
CA THR D 169 27.43 -28.10 3.71
C THR D 169 25.93 -28.33 3.84
N ASP D 170 25.54 -29.38 4.56
CA ASP D 170 24.13 -29.74 4.70
C ASP D 170 23.35 -28.60 5.36
N ARG D 171 23.96 -27.98 6.36
CA ARG D 171 23.45 -26.78 7.02
C ARG D 171 24.54 -25.72 6.99
N ASP D 172 24.16 -24.50 7.36
CA ASP D 172 25.10 -23.40 7.52
C ASP D 172 26.24 -23.82 8.43
N ASN D 173 27.46 -23.67 7.94
CA ASN D 173 28.65 -24.09 8.64
C ASN D 173 29.62 -22.91 8.63
N PHE D 174 29.77 -22.27 9.78
CA PHE D 174 30.62 -21.11 9.97
C PHE D 174 32.02 -21.54 10.38
N LEU D 175 33.03 -20.99 9.72
CA LEU D 175 34.43 -21.30 10.02
C LEU D 175 35.18 -20.03 10.34
N THR D 176 36.05 -20.10 11.33
CA THR D 176 37.06 -19.06 11.54
C THR D 176 38.09 -19.10 10.40
N ALA D 177 38.90 -18.05 10.28
CA ALA D 177 39.95 -18.02 9.27
C ALA D 177 40.88 -19.22 9.39
N GLU D 178 41.28 -19.53 10.64
CA GLU D 178 42.15 -20.66 10.90
C GLU D 178 41.50 -21.98 10.50
N GLU D 179 40.22 -22.16 10.83
CA GLU D 179 39.48 -23.35 10.41
C GLU D 179 39.35 -23.45 8.89
N ALA D 180 39.17 -22.31 8.23
CA ALA D 180 39.12 -22.30 6.76
C ALA D 180 40.46 -22.78 6.15
N LYS D 181 41.57 -22.38 6.77
CA LYS D 181 42.88 -22.86 6.36
C LYS D 181 43.02 -24.37 6.56
N GLU D 182 42.68 -24.86 7.75
CA GLU D 182 42.67 -26.30 8.03
C GLU D 182 41.76 -27.08 7.07
N TYR D 183 40.63 -26.47 6.70
CA TYR D 183 39.73 -27.10 5.74
C TYR D 183 40.29 -27.17 4.31
N GLY D 184 41.22 -26.28 3.96
CA GLY D 184 41.74 -26.17 2.59
C GLY D 184 41.04 -25.13 1.72
N LEU D 185 40.19 -24.28 2.32
CA LEU D 185 39.51 -23.21 1.58
C LEU D 185 40.45 -22.07 1.28
N ILE D 186 41.41 -21.85 2.18
CA ILE D 186 42.48 -20.88 2.01
C ILE D 186 43.81 -21.55 2.34
N ASP D 187 44.89 -20.88 1.99
CA ASP D 187 46.25 -21.39 2.23
C ASP D 187 46.90 -20.81 3.47
N GLU D 188 46.64 -19.53 3.78
CA GLU D 188 47.24 -18.85 4.93
C GLU D 188 46.30 -17.83 5.56
N VAL D 189 46.41 -17.70 6.88
CA VAL D 189 45.86 -16.57 7.60
C VAL D 189 46.95 -15.50 7.67
N MET D 190 46.68 -14.30 7.17
CA MET D 190 47.62 -13.17 7.24
C MET D 190 47.59 -12.54 8.62
N VAL D 191 48.62 -12.79 9.43
CA VAL D 191 48.71 -12.20 10.77
C VAL D 191 49.29 -10.77 10.69
N PRO D 192 48.89 -9.87 11.62
CA PRO D 192 49.31 -8.45 11.56
C PRO D 192 50.81 -8.17 11.57
N ILE E 4 30.65 0.98 -11.24
CA ILE E 4 31.32 0.74 -12.55
C ILE E 4 32.61 1.57 -12.59
N PRO E 5 33.78 0.90 -12.62
CA PRO E 5 35.03 1.66 -12.45
C PRO E 5 35.51 2.35 -13.72
N THR E 6 36.36 3.36 -13.52
CA THR E 6 36.99 4.11 -14.61
C THR E 6 38.43 3.62 -14.85
N VAL E 7 38.86 3.69 -16.11
CA VAL E 7 40.28 3.49 -16.49
C VAL E 7 40.75 4.67 -17.37
N TYR E 18 37.50 6.50 -19.55
CA TYR E 18 36.54 5.51 -19.98
C TYR E 18 35.98 4.77 -18.77
N ASP E 19 34.67 4.55 -18.69
CA ASP E 19 34.16 3.48 -17.82
C ASP E 19 34.64 2.12 -18.40
N ILE E 20 34.60 1.06 -17.58
CA ILE E 20 35.18 -0.23 -18.00
C ILE E 20 34.52 -0.80 -19.28
N TYR E 21 33.22 -0.64 -19.41
CA TYR E 21 32.49 -1.17 -20.58
C TYR E 21 32.87 -0.43 -21.86
N SER E 22 33.01 0.90 -21.75
CA SER E 22 33.49 1.71 -22.87
C SER E 22 34.90 1.33 -23.29
N ARG E 23 35.74 1.02 -22.31
CA ARG E 23 37.09 0.55 -22.60
C ARG E 23 37.08 -0.76 -23.38
N LEU E 24 36.22 -1.71 -22.96
CA LEU E 24 36.08 -2.96 -23.71
C LEU E 24 35.53 -2.74 -25.13
N LEU E 25 34.59 -1.81 -25.26
CA LEU E 25 34.01 -1.50 -26.59
C LEU E 25 35.09 -1.00 -27.56
N LYS E 26 36.06 -0.25 -27.05
CA LYS E 26 37.22 0.18 -27.83
C LYS E 26 37.97 -1.01 -28.46
N ASP E 27 37.97 -2.16 -27.77
CA ASP E 27 38.53 -3.40 -28.34
C ASP E 27 37.49 -4.34 -28.96
N ARG E 28 36.35 -3.79 -29.38
CA ARG E 28 35.33 -4.53 -30.13
C ARG E 28 34.63 -5.62 -29.30
N ILE E 29 34.55 -5.39 -27.98
CA ILE E 29 33.87 -6.30 -27.06
C ILE E 29 32.58 -5.62 -26.59
N ILE E 30 31.47 -6.29 -26.84
CA ILE E 30 30.14 -5.86 -26.38
C ILE E 30 29.69 -6.80 -25.27
N MET E 31 29.18 -6.22 -24.17
CA MET E 31 28.74 -7.01 -23.01
C MET E 31 27.20 -7.05 -22.94
N LEU E 32 26.61 -8.22 -23.21
CA LEU E 32 25.18 -8.45 -22.97
C LEU E 32 25.12 -9.13 -21.63
N GLY E 33 24.89 -8.33 -20.59
CA GLY E 33 24.99 -8.79 -19.21
C GLY E 33 23.71 -8.60 -18.41
N SER E 34 22.57 -8.57 -19.07
CA SER E 34 21.30 -8.33 -18.42
C SER E 34 20.15 -8.97 -19.18
N GLN E 35 18.96 -8.82 -18.62
CA GLN E 35 17.71 -9.11 -19.29
C GLN E 35 17.66 -8.35 -20.62
N ILE E 36 17.12 -8.99 -21.65
CA ILE E 36 16.99 -8.39 -22.97
C ILE E 36 15.66 -7.66 -23.08
N ASP E 37 15.72 -6.33 -23.11
CA ASP E 37 14.55 -5.51 -23.40
C ASP E 37 14.90 -4.58 -24.55
N ASP E 38 13.97 -3.73 -24.94
CA ASP E 38 14.19 -2.80 -26.05
C ASP E 38 15.37 -1.84 -25.84
N ASN E 39 15.60 -1.36 -24.62
CA ASN E 39 16.74 -0.49 -24.33
C ASN E 39 18.06 -1.19 -24.56
N VAL E 40 18.17 -2.41 -24.04
CA VAL E 40 19.38 -3.20 -24.16
C VAL E 40 19.62 -3.52 -25.65
N ALA E 41 18.58 -3.92 -26.37
CA ALA E 41 18.72 -4.21 -27.80
C ALA E 41 19.18 -2.99 -28.59
N ASN E 42 18.58 -1.84 -28.33
CA ASN E 42 18.94 -0.61 -29.01
C ASN E 42 20.41 -0.25 -28.79
N SER E 43 20.87 -0.42 -27.55
CA SER E 43 22.26 -0.18 -27.22
C SER E 43 23.19 -1.15 -27.96
N ILE E 44 22.85 -2.43 -27.94
CA ILE E 44 23.69 -3.44 -28.57
C ILE E 44 23.70 -3.29 -30.09
N VAL E 45 22.54 -3.04 -30.68
CA VAL E 45 22.44 -2.75 -32.10
C VAL E 45 23.33 -1.54 -32.48
N SER E 46 23.25 -0.48 -31.68
CA SER E 46 24.04 0.72 -31.93
C SER E 46 25.54 0.43 -31.84
N GLN E 47 25.94 -0.37 -30.86
CA GLN E 47 27.32 -0.80 -30.72
C GLN E 47 27.79 -1.61 -31.91
N LEU E 48 26.96 -2.55 -32.39
CA LEU E 48 27.32 -3.35 -33.55
C LEU E 48 27.50 -2.46 -34.79
N LEU E 49 26.60 -1.51 -34.97
CA LEU E 49 26.66 -0.60 -36.09
C LEU E 49 27.95 0.22 -36.01
N PHE E 50 28.22 0.78 -34.83
CA PHE E 50 29.41 1.58 -34.63
C PHE E 50 30.67 0.78 -34.98
N LEU E 51 30.76 -0.45 -34.46
CA LEU E 51 31.95 -1.26 -34.66
C LEU E 51 32.16 -1.64 -36.13
N GLN E 52 31.09 -1.97 -36.85
CA GLN E 52 31.18 -2.24 -38.29
C GLN E 52 31.72 -1.02 -39.06
N ALA E 53 31.23 0.16 -38.72
CA ALA E 53 31.68 1.40 -39.37
C ALA E 53 33.16 1.69 -39.07
N GLN E 54 33.60 1.41 -37.85
CA GLN E 54 35.02 1.55 -37.49
C GLN E 54 35.90 0.61 -38.29
N ASP E 55 35.45 -0.64 -38.45
CA ASP E 55 36.20 -1.65 -39.17
C ASP E 55 35.25 -2.76 -39.59
N SER E 56 35.02 -2.88 -40.89
CA SER E 56 34.06 -3.85 -41.42
C SER E 56 34.59 -5.29 -41.51
N GLU E 57 35.88 -5.50 -41.20
CA GLU E 57 36.52 -6.81 -41.35
C GLU E 57 36.95 -7.49 -40.04
N LYS E 58 37.30 -6.72 -39.01
CA LYS E 58 37.73 -7.31 -37.74
C LYS E 58 36.55 -7.89 -36.97
N ASP E 59 36.78 -9.05 -36.36
CA ASP E 59 35.79 -9.70 -35.51
C ASP E 59 35.30 -8.78 -34.39
N ILE E 60 34.04 -9.02 -33.99
CA ILE E 60 33.43 -8.42 -32.82
C ILE E 60 33.22 -9.58 -31.82
N TYR E 61 33.27 -9.27 -30.53
CA TYR E 61 33.07 -10.26 -29.47
C TYR E 61 31.84 -9.87 -28.65
N LEU E 62 30.83 -10.73 -28.66
CA LEU E 62 29.61 -10.55 -27.85
C LEU E 62 29.62 -11.51 -26.68
N TYR E 63 29.88 -10.96 -25.51
CA TYR E 63 29.78 -11.65 -24.20
C TYR E 63 28.30 -11.77 -23.83
N ILE E 64 27.87 -12.95 -23.44
CA ILE E 64 26.47 -13.19 -23.06
C ILE E 64 26.40 -13.80 -21.68
N ASN E 65 25.85 -13.02 -20.74
CA ASN E 65 25.38 -13.49 -19.44
C ASN E 65 23.99 -12.90 -19.26
N SER E 66 22.96 -13.65 -19.64
CA SER E 66 21.60 -13.11 -19.74
C SER E 66 20.56 -14.19 -19.48
N PRO E 67 19.51 -13.87 -18.70
CA PRO E 67 18.39 -14.78 -18.52
C PRO E 67 17.38 -14.73 -19.68
N GLY E 68 17.62 -13.91 -20.70
CA GLY E 68 16.71 -13.79 -21.82
C GLY E 68 15.88 -12.53 -21.69
N GLY E 69 14.68 -12.56 -22.27
CA GLY E 69 13.79 -11.41 -22.27
C GLY E 69 12.97 -11.34 -23.54
N SER E 70 12.72 -10.12 -24.00
CA SER E 70 11.85 -9.87 -25.15
C SER E 70 12.36 -10.56 -26.41
N VAL E 71 11.46 -11.30 -27.07
CA VAL E 71 11.77 -11.99 -28.30
C VAL E 71 12.06 -11.01 -29.45
N THR E 72 11.23 -9.98 -29.58
CA THR E 72 11.43 -9.00 -30.66
C THR E 72 12.71 -8.19 -30.44
N ALA E 73 13.00 -7.83 -29.20
CA ALA E 73 14.27 -7.18 -28.88
C ALA E 73 15.45 -8.10 -29.21
N GLY E 74 15.31 -9.38 -28.88
CA GLY E 74 16.31 -10.37 -29.23
C GLY E 74 16.51 -10.45 -30.73
N PHE E 75 15.43 -10.39 -31.49
CA PHE E 75 15.53 -10.41 -32.95
C PHE E 75 16.12 -9.14 -33.55
N ALA E 76 15.98 -8.00 -32.87
CA ALA E 76 16.68 -6.79 -33.28
C ALA E 76 18.19 -7.03 -33.28
N ILE E 77 18.66 -7.66 -32.21
CA ILE E 77 20.06 -7.99 -32.07
C ILE E 77 20.46 -9.06 -33.10
N TYR E 78 19.66 -10.13 -33.18
CA TYR E 78 19.93 -11.24 -34.08
C TYR E 78 20.10 -10.76 -35.52
N ASP E 79 19.12 -10.01 -36.02
CA ASP E 79 19.14 -9.55 -37.40
C ASP E 79 20.30 -8.59 -37.67
N THR E 80 20.65 -7.77 -36.68
CA THR E 80 21.77 -6.86 -36.85
C THR E 80 23.08 -7.65 -36.93
N ILE E 81 23.22 -8.69 -36.10
CA ILE E 81 24.39 -9.56 -36.18
C ILE E 81 24.52 -10.13 -37.61
N GLN E 82 23.45 -10.70 -38.13
CA GLN E 82 23.54 -11.33 -39.45
C GLN E 82 23.73 -10.30 -40.56
N HIS E 83 23.21 -9.08 -40.38
CA HIS E 83 23.30 -8.06 -41.40
C HIS E 83 24.70 -7.49 -41.60
N ILE E 84 25.43 -7.27 -40.52
CA ILE E 84 26.76 -6.63 -40.61
C ILE E 84 27.80 -7.59 -41.19
N LYS E 85 28.86 -7.01 -41.75
CA LYS E 85 29.93 -7.77 -42.39
C LYS E 85 30.85 -8.51 -41.42
N PRO E 86 31.31 -7.86 -40.34
CA PRO E 86 32.19 -8.58 -39.42
C PRO E 86 31.54 -9.82 -38.78
N ASP E 87 32.34 -10.86 -38.57
CA ASP E 87 31.94 -12.00 -37.75
C ASP E 87 31.70 -11.51 -36.32
N VAL E 88 30.61 -11.99 -35.70
CA VAL E 88 30.36 -11.72 -34.29
C VAL E 88 30.55 -13.02 -33.54
N GLN E 89 31.62 -13.09 -32.75
CA GLN E 89 31.86 -14.23 -31.88
C GLN E 89 30.92 -14.10 -30.69
N THR E 90 30.42 -15.22 -30.18
CA THR E 90 29.62 -15.24 -28.96
C THR E 90 30.31 -16.08 -27.90
N ILE E 91 30.32 -15.58 -26.66
CA ILE E 91 30.91 -16.26 -25.52
C ILE E 91 29.92 -16.24 -24.36
N CYS E 92 29.47 -17.42 -23.96
CA CYS E 92 28.58 -17.55 -22.80
C CYS E 92 29.39 -17.66 -21.53
N ILE E 93 29.13 -16.74 -20.62
CA ILE E 93 29.80 -16.69 -19.33
C ILE E 93 28.68 -16.55 -18.30
N GLY E 94 28.65 -17.43 -17.30
CA GLY E 94 27.57 -17.50 -16.33
C GLY E 94 26.35 -18.25 -16.82
N MET E 95 25.48 -17.56 -17.56
CA MET E 95 24.21 -18.14 -17.99
C MET E 95 23.77 -17.52 -19.32
N ALA E 96 23.27 -18.35 -20.24
CA ALA E 96 22.50 -17.86 -21.37
C ALA E 96 21.20 -18.65 -21.38
N ALA E 97 20.10 -18.00 -21.06
CA ALA E 97 18.78 -18.65 -21.03
C ALA E 97 17.86 -18.01 -22.04
N SER E 98 16.97 -18.82 -22.61
CA SER E 98 15.88 -18.36 -23.45
C SER E 98 16.45 -17.59 -24.63
N MET E 99 16.03 -16.34 -24.82
CA MET E 99 16.53 -15.54 -25.93
C MET E 99 18.05 -15.31 -25.83
N GLY E 100 18.60 -15.40 -24.61
CA GLY E 100 20.04 -15.36 -24.42
C GLY E 100 20.77 -16.50 -25.10
N SER E 101 20.22 -17.70 -24.98
CA SER E 101 20.81 -18.87 -25.62
C SER E 101 20.57 -18.84 -27.14
N PHE E 102 19.45 -18.26 -27.56
CA PHE E 102 19.18 -18.05 -28.98
C PHE E 102 20.28 -17.16 -29.61
N LEU E 103 20.63 -16.07 -28.90
CA LEU E 103 21.68 -15.17 -29.37
C LEU E 103 23.06 -15.82 -29.33
N LEU E 104 23.33 -16.64 -28.31
CA LEU E 104 24.57 -17.40 -28.25
C LEU E 104 24.74 -18.24 -29.52
N ALA E 105 23.68 -18.93 -29.92
CA ALA E 105 23.67 -19.79 -31.09
C ALA E 105 23.76 -19.04 -32.42
N ALA E 106 23.51 -17.73 -32.37
CA ALA E 106 23.50 -16.87 -33.54
C ALA E 106 24.87 -16.29 -33.92
N GLY E 107 25.89 -16.53 -33.11
CA GLY E 107 27.25 -16.05 -33.40
C GLY E 107 27.79 -16.72 -34.66
N ALA E 108 28.85 -16.15 -35.22
CA ALA E 108 29.48 -16.69 -36.46
C ALA E 108 29.85 -18.16 -36.27
N LYS E 109 29.54 -18.97 -37.27
CA LYS E 109 29.78 -20.42 -37.19
C LYS E 109 31.27 -20.68 -36.97
N GLY E 110 31.57 -21.57 -36.03
CA GLY E 110 32.92 -21.80 -35.56
C GLY E 110 33.41 -20.87 -34.46
N LYS E 111 32.68 -19.80 -34.15
CA LYS E 111 33.12 -18.81 -33.17
C LYS E 111 32.10 -18.58 -32.05
N ARG E 112 31.39 -19.63 -31.68
CA ARG E 112 30.45 -19.61 -30.58
C ARG E 112 31.03 -20.46 -29.45
N PHE E 113 31.21 -19.84 -28.29
CA PHE E 113 31.92 -20.42 -27.17
C PHE E 113 31.13 -20.34 -25.88
N ALA E 114 31.52 -21.18 -24.93
CA ALA E 114 31.11 -21.02 -23.54
C ALA E 114 32.28 -21.40 -22.65
N LEU E 115 32.36 -20.79 -21.47
CA LEU E 115 33.32 -21.23 -20.48
C LEU E 115 32.75 -22.46 -19.75
N PRO E 116 33.61 -23.29 -19.14
CA PRO E 116 33.19 -24.66 -18.78
C PRO E 116 32.01 -24.80 -17.83
N ASN E 117 31.84 -23.84 -16.92
CA ASN E 117 30.78 -23.90 -15.92
C ASN E 117 29.61 -23.00 -16.25
N ALA E 118 29.63 -22.42 -17.45
CA ALA E 118 28.51 -21.62 -17.93
C ALA E 118 27.30 -22.53 -18.15
N GLU E 119 26.12 -21.96 -17.92
CA GLU E 119 24.85 -22.69 -18.00
C GLU E 119 24.09 -22.19 -19.24
N VAL E 120 23.52 -23.10 -20.00
CA VAL E 120 22.69 -22.75 -21.14
C VAL E 120 21.31 -23.33 -20.89
N MET E 121 20.26 -22.53 -21.08
CA MET E 121 18.90 -23.04 -20.93
C MET E 121 18.08 -22.68 -22.13
N ILE E 122 17.32 -23.66 -22.64
CA ILE E 122 16.41 -23.44 -23.76
C ILE E 122 15.00 -23.80 -23.31
N HIS E 123 14.02 -23.05 -23.78
CA HIS E 123 12.62 -23.31 -23.51
C HIS E 123 11.72 -22.60 -24.51
N GLN E 124 10.44 -22.89 -24.48
CA GLN E 124 9.50 -22.24 -25.40
C GLN E 124 9.19 -20.81 -24.93
N PRO E 125 8.79 -19.92 -25.88
CA PRO E 125 8.48 -18.55 -25.47
C PRO E 125 7.25 -18.45 -24.53
N LEU E 126 7.27 -17.40 -23.73
CA LEU E 126 6.25 -17.10 -22.74
C LEU E 126 5.48 -15.87 -23.17
N GLY E 127 4.22 -15.80 -22.74
CA GLY E 127 3.41 -14.64 -23.07
C GLY E 127 2.10 -14.60 -22.32
N GLY E 128 1.19 -13.80 -22.84
CA GLY E 128 -0.10 -13.59 -22.21
C GLY E 128 -1.12 -13.11 -23.22
N ALA E 129 -2.38 -13.25 -22.86
CA ALA E 129 -3.48 -12.77 -23.67
C ALA E 129 -4.69 -12.65 -22.78
N GLN E 130 -5.46 -11.60 -22.99
CA GLN E 130 -6.62 -11.32 -22.18
C GLN E 130 -7.67 -10.66 -23.07
N GLY E 131 -8.94 -11.00 -22.87
CA GLY E 131 -10.04 -10.34 -23.58
C GLY E 131 -10.96 -11.33 -24.24
N GLN E 132 -11.51 -10.94 -25.38
CA GLN E 132 -12.49 -11.75 -26.10
C GLN E 132 -11.84 -12.99 -26.70
N ALA E 133 -12.67 -14.00 -26.92
CA ALA E 133 -12.21 -15.26 -27.52
C ALA E 133 -11.37 -15.04 -28.79
N THR E 134 -11.82 -14.17 -29.68
CA THR E 134 -11.11 -13.92 -30.93
C THR E 134 -9.77 -13.20 -30.70
N GLU E 135 -9.70 -12.33 -29.68
CA GLU E 135 -8.44 -11.71 -29.28
C GLU E 135 -7.47 -12.75 -28.74
N ILE E 136 -7.96 -13.69 -27.93
CA ILE E 136 -7.14 -14.76 -27.38
C ILE E 136 -6.59 -15.60 -28.53
N GLU E 137 -7.46 -15.90 -29.51
CA GLU E 137 -7.06 -16.66 -30.69
C GLU E 137 -5.93 -15.98 -31.46
N ILE E 138 -6.09 -14.68 -31.72
CA ILE E 138 -5.06 -13.90 -32.41
C ILE E 138 -3.72 -13.98 -31.65
N ALA E 139 -3.76 -13.75 -30.34
CA ALA E 139 -2.54 -13.82 -29.52
C ALA E 139 -1.93 -15.21 -29.53
N ALA E 140 -2.76 -16.25 -29.47
CA ALA E 140 -2.27 -17.63 -29.52
C ALA E 140 -1.58 -17.93 -30.84
N ASN E 141 -2.24 -17.56 -31.95
CA ASN E 141 -1.67 -17.76 -33.29
C ASN E 141 -0.34 -17.03 -33.42
N HIS E 142 -0.27 -15.81 -32.90
CA HIS E 142 0.95 -15.02 -32.97
C HIS E 142 2.11 -15.67 -32.20
N ILE E 143 1.86 -16.06 -30.95
CA ILE E 143 2.94 -16.67 -30.15
C ILE E 143 3.35 -18.04 -30.72
N LEU E 144 2.41 -18.80 -31.28
CA LEU E 144 2.76 -20.07 -31.97
C LEU E 144 3.63 -19.83 -33.21
N LYS E 145 3.28 -18.84 -34.02
CA LYS E 145 4.11 -18.46 -35.18
C LYS E 145 5.51 -18.01 -34.73
N THR E 146 5.58 -17.24 -33.64
CA THR E 146 6.86 -16.80 -33.09
C THR E 146 7.71 -17.99 -32.68
N ARG E 147 7.08 -18.99 -32.04
CA ARG E 147 7.78 -20.20 -31.66
C ARG E 147 8.30 -20.97 -32.88
N GLU E 148 7.48 -21.10 -33.92
CA GLU E 148 7.92 -21.75 -35.17
C GLU E 148 9.12 -21.04 -35.78
N LYS E 149 9.09 -19.70 -35.78
CA LYS E 149 10.20 -18.90 -36.31
C LYS E 149 11.47 -19.15 -35.51
N LEU E 150 11.36 -19.11 -34.18
CA LEU E 150 12.51 -19.38 -33.31
C LEU E 150 13.08 -20.77 -33.53
N ASN E 151 12.20 -21.76 -33.57
CA ASN E 151 12.60 -23.15 -33.73
C ASN E 151 13.25 -23.43 -35.08
N ARG E 152 12.73 -22.83 -36.13
CA ARG E 152 13.27 -22.99 -37.46
C ARG E 152 14.69 -22.43 -37.52
N ILE E 153 14.91 -21.26 -36.95
CA ILE E 153 16.24 -20.66 -36.94
C ILE E 153 17.19 -21.46 -36.06
N LEU E 154 16.71 -21.90 -34.89
CA LEU E 154 17.53 -22.73 -34.02
C LEU E 154 17.95 -24.03 -34.71
N SER E 155 17.03 -24.62 -35.48
CA SER E 155 17.34 -25.81 -36.29
C SER E 155 18.48 -25.53 -37.29
N GLU E 156 18.37 -24.43 -38.03
CA GLU E 156 19.42 -24.00 -38.97
C GLU E 156 20.76 -23.76 -38.29
N ARG E 157 20.74 -23.18 -37.09
CA ARG E 157 21.98 -22.86 -36.35
C ARG E 157 22.64 -24.02 -35.64
N THR E 158 21.84 -25.00 -35.23
CA THR E 158 22.33 -26.14 -34.45
C THR E 158 22.56 -27.40 -35.27
N GLY E 159 21.86 -27.53 -36.40
CA GLY E 159 21.79 -28.78 -37.13
C GLY E 159 20.77 -29.78 -36.60
N GLN E 160 20.03 -29.43 -35.54
CA GLN E 160 18.98 -30.30 -35.02
C GLN E 160 17.72 -30.11 -35.83
N SER E 161 16.90 -31.16 -35.91
CA SER E 161 15.60 -31.04 -36.57
C SER E 161 14.65 -30.13 -35.77
N ILE E 162 13.70 -29.54 -36.50
CA ILE E 162 12.62 -28.77 -35.92
C ILE E 162 11.83 -29.61 -34.87
N GLU E 163 11.62 -30.88 -35.18
CA GLU E 163 10.92 -31.79 -34.30
C GLU E 163 11.64 -31.97 -32.99
N LYS E 164 12.94 -32.17 -33.04
CA LYS E 164 13.72 -32.34 -31.83
C LYS E 164 13.73 -31.03 -31.00
N ILE E 165 13.88 -29.90 -31.68
CA ILE E 165 13.89 -28.60 -31.00
C ILE E 165 12.56 -28.37 -30.26
N GLN E 166 11.46 -28.65 -30.96
CA GLN E 166 10.11 -28.56 -30.37
C GLN E 166 10.02 -29.38 -29.07
N LYS E 167 10.41 -30.66 -29.14
CA LYS E 167 10.37 -31.54 -27.97
C LYS E 167 11.29 -31.06 -26.85
N ASP E 168 12.51 -30.65 -27.20
CA ASP E 168 13.51 -30.26 -26.20
C ASP E 168 13.26 -28.90 -25.53
N THR E 169 12.39 -28.09 -26.13
CA THR E 169 12.05 -26.78 -25.57
C THR E 169 10.67 -26.74 -24.93
N ASP E 170 10.01 -27.89 -24.85
CA ASP E 170 8.65 -27.96 -24.31
C ASP E 170 8.62 -27.46 -22.86
N ARG E 171 9.64 -27.84 -22.10
CA ARG E 171 9.86 -27.36 -20.73
C ARG E 171 11.27 -26.82 -20.64
N ASP E 172 11.56 -26.14 -19.53
CA ASP E 172 12.90 -25.67 -19.22
C ASP E 172 13.89 -26.83 -19.33
N ASN E 173 14.92 -26.62 -20.14
CA ASN E 173 15.92 -27.63 -20.42
C ASN E 173 17.28 -26.98 -20.19
N PHE E 174 17.92 -27.37 -19.09
CA PHE E 174 19.22 -26.86 -18.69
C PHE E 174 20.34 -27.69 -19.28
N LEU E 175 21.33 -27.06 -19.88
CA LEU E 175 22.48 -27.74 -20.48
C LEU E 175 23.75 -27.22 -19.87
N THR E 176 24.70 -28.13 -19.62
CA THR E 176 26.09 -27.75 -19.36
C THR E 176 26.72 -27.18 -20.63
N ALA E 177 27.88 -26.54 -20.49
CA ALA E 177 28.60 -26.01 -21.66
C ALA E 177 28.89 -27.12 -22.66
N GLU E 178 29.35 -28.26 -22.15
CA GLU E 178 29.66 -29.41 -23.00
C GLU E 178 28.41 -29.93 -23.71
N GLU E 179 27.29 -30.03 -23.01
CA GLU E 179 26.02 -30.41 -23.64
C GLU E 179 25.55 -29.41 -24.68
N ALA E 180 25.77 -28.12 -24.43
CA ALA E 180 25.45 -27.08 -25.42
C ALA E 180 26.27 -27.26 -26.71
N LYS E 181 27.54 -27.64 -26.56
CA LYS E 181 28.39 -27.96 -27.71
C LYS E 181 27.86 -29.17 -28.48
N GLU E 182 27.58 -30.26 -27.77
CA GLU E 182 26.97 -31.46 -28.38
C GLU E 182 25.65 -31.16 -29.06
N TYR E 183 24.86 -30.25 -28.47
CA TYR E 183 23.60 -29.84 -29.08
C TYR E 183 23.77 -29.02 -30.37
N GLY E 184 24.91 -28.34 -30.53
CA GLY E 184 25.15 -27.43 -31.66
C GLY E 184 24.84 -25.97 -31.37
N LEU E 185 24.61 -25.62 -30.11
CA LEU E 185 24.33 -24.23 -29.72
C LEU E 185 25.62 -23.42 -29.72
N ILE E 186 26.73 -24.07 -29.39
CA ILE E 186 28.06 -23.51 -29.45
C ILE E 186 28.98 -24.47 -30.21
N ASP E 187 30.16 -23.97 -30.57
CA ASP E 187 31.16 -24.77 -31.30
C ASP E 187 32.23 -25.36 -30.40
N GLU E 188 32.64 -24.62 -29.36
CA GLU E 188 33.70 -25.06 -28.45
C GLU E 188 33.46 -24.59 -27.02
N VAL E 189 33.87 -25.43 -26.07
CA VAL E 189 34.05 -25.04 -24.69
C VAL E 189 35.51 -24.56 -24.54
N MET E 190 35.70 -23.32 -24.08
CA MET E 190 37.04 -22.78 -23.85
C MET E 190 37.60 -23.31 -22.54
N VAL E 191 38.56 -24.21 -22.64
CA VAL E 191 39.26 -24.76 -21.46
C VAL E 191 40.37 -23.79 -20.99
N PRO E 192 40.67 -23.77 -19.68
CA PRO E 192 41.64 -22.83 -19.10
C PRO E 192 43.06 -22.82 -19.71
N LEU F 3 24.24 1.98 -18.33
CA LEU F 3 24.62 1.08 -19.45
C LEU F 3 24.72 1.64 -20.89
N ILE F 4 24.85 2.96 -21.10
CA ILE F 4 25.05 3.55 -22.43
C ILE F 4 26.54 3.93 -22.60
N PRO F 5 27.26 3.25 -23.50
CA PRO F 5 28.72 3.46 -23.54
C PRO F 5 29.16 4.72 -24.28
N THR F 6 30.37 5.17 -23.96
CA THR F 6 30.97 6.38 -24.55
C THR F 6 32.01 5.98 -25.60
N VAL F 7 32.18 6.82 -26.61
CA VAL F 7 33.28 6.74 -27.59
C VAL F 7 33.98 8.11 -27.70
N ILE F 8 35.30 8.11 -27.83
CA ILE F 8 36.08 9.37 -27.68
C ILE F 8 36.77 9.77 -28.99
N TYR F 18 31.31 11.40 -26.92
CA TYR F 18 29.98 11.09 -27.38
C TYR F 18 29.47 9.83 -26.67
N ASP F 19 28.26 9.80 -26.17
CA ASP F 19 27.55 8.53 -25.93
C ASP F 19 27.29 7.87 -27.31
N ILE F 20 26.99 6.57 -27.31
CA ILE F 20 26.86 5.81 -28.57
C ILE F 20 25.77 6.36 -29.49
N TYR F 21 24.65 6.76 -28.93
CA TYR F 21 23.58 7.34 -29.71
C TYR F 21 24.00 8.64 -30.36
N SER F 22 24.74 9.49 -29.65
CA SER F 22 25.23 10.73 -30.17
C SER F 22 26.18 10.48 -31.33
N ARG F 23 27.02 9.47 -31.19
CA ARG F 23 27.93 9.09 -32.24
C ARG F 23 27.18 8.67 -33.49
N LEU F 24 26.11 7.88 -33.35
CA LEU F 24 25.29 7.50 -34.53
C LEU F 24 24.61 8.73 -35.17
N LEU F 25 24.15 9.66 -34.34
CA LEU F 25 23.51 10.89 -34.84
C LEU F 25 24.46 11.70 -35.71
N LYS F 26 25.74 11.72 -35.36
CA LYS F 26 26.80 12.33 -36.18
C LYS F 26 26.80 11.77 -37.60
N ASP F 27 26.47 10.49 -37.79
CA ASP F 27 26.30 9.90 -39.12
C ASP F 27 24.84 9.85 -39.63
N ARG F 28 24.00 10.75 -39.10
CA ARG F 28 22.63 10.93 -39.58
C ARG F 28 21.71 9.72 -39.31
N ILE F 29 22.02 8.98 -38.23
CA ILE F 29 21.22 7.85 -37.80
C ILE F 29 20.48 8.23 -36.52
N ILE F 30 19.15 8.12 -36.57
CA ILE F 30 18.28 8.35 -35.42
C ILE F 30 17.70 7.01 -34.98
N MET F 31 17.72 6.74 -33.67
CA MET F 31 17.21 5.47 -33.13
C MET F 31 15.86 5.69 -32.42
N LEU F 32 14.78 5.19 -33.00
CA LEU F 32 13.47 5.14 -32.32
C LEU F 32 13.38 3.75 -31.74
N GLY F 33 13.74 3.62 -30.49
CA GLY F 33 13.86 2.32 -29.84
C GLY F 33 12.98 2.14 -28.60
N SER F 34 11.87 2.86 -28.54
CA SER F 34 10.98 2.76 -27.39
C SER F 34 9.55 3.08 -27.77
N GLN F 35 8.68 3.00 -26.77
CA GLN F 35 7.32 3.53 -26.84
C GLN F 35 7.36 4.99 -27.29
N ILE F 36 6.41 5.37 -28.14
CA ILE F 36 6.31 6.74 -28.63
C ILE F 36 5.44 7.56 -27.69
N ASP F 37 6.06 8.48 -26.97
CA ASP F 37 5.34 9.47 -26.18
C ASP F 37 5.86 10.86 -26.58
N ASP F 38 5.34 11.89 -25.95
CA ASP F 38 5.71 13.25 -26.27
C ASP F 38 7.23 13.54 -26.10
N ASN F 39 7.88 12.98 -25.08
CA ASN F 39 9.33 13.14 -24.91
C ASN F 39 10.12 12.57 -26.05
N VAL F 40 9.78 11.35 -26.43
CA VAL F 40 10.45 10.65 -27.53
C VAL F 40 10.23 11.43 -28.82
N ALA F 41 9.01 11.87 -29.08
CA ALA F 41 8.71 12.64 -30.30
C ALA F 41 9.51 13.95 -30.34
N ASN F 42 9.56 14.66 -29.23
CA ASN F 42 10.29 15.92 -29.15
C ASN F 42 11.77 15.71 -29.44
N SER F 43 12.34 14.64 -28.91
CA SER F 43 13.73 14.31 -29.16
C SER F 43 13.96 13.99 -30.64
N ILE F 44 13.09 13.16 -31.22
CA ILE F 44 13.26 12.76 -32.60
C ILE F 44 13.03 13.91 -33.56
N VAL F 45 12.00 14.72 -33.30
CA VAL F 45 11.77 15.95 -34.06
C VAL F 45 13.01 16.86 -34.04
N SER F 46 13.57 17.05 -32.85
CA SER F 46 14.75 17.89 -32.68
C SER F 46 15.95 17.34 -33.46
N GLN F 47 16.13 16.04 -33.42
CA GLN F 47 17.17 15.38 -34.19
C GLN F 47 16.99 15.57 -35.71
N LEU F 48 15.76 15.42 -36.19
CA LEU F 48 15.47 15.61 -37.61
C LEU F 48 15.76 17.05 -38.03
N LEU F 49 15.36 17.99 -37.19
CA LEU F 49 15.58 19.42 -37.44
C LEU F 49 17.07 19.73 -37.47
N PHE F 50 17.82 19.19 -36.52
CA PHE F 50 19.26 19.37 -36.47
C PHE F 50 19.93 18.83 -37.74
N LEU F 51 19.56 17.62 -38.13
CA LEU F 51 20.20 16.97 -39.28
C LEU F 51 19.91 17.69 -40.60
N GLN F 52 18.68 18.18 -40.79
CA GLN F 52 18.34 18.98 -41.97
C GLN F 52 19.20 20.25 -42.04
N ALA F 53 19.37 20.93 -40.91
CA ALA F 53 20.18 22.16 -40.84
C ALA F 53 21.66 21.88 -41.12
N GLN F 54 22.17 20.74 -40.66
CA GLN F 54 23.54 20.33 -40.97
C GLN F 54 23.74 20.08 -42.46
N ASP F 55 22.75 19.41 -43.08
CA ASP F 55 22.83 19.08 -44.50
C ASP F 55 21.42 18.78 -44.99
N SER F 56 20.90 19.65 -45.85
CA SER F 56 19.53 19.54 -46.34
C SER F 56 19.36 18.51 -47.48
N GLU F 57 20.44 17.91 -47.95
CA GLU F 57 20.39 16.98 -49.09
C GLU F 57 20.72 15.52 -48.77
N LYS F 58 21.57 15.26 -47.79
CA LYS F 58 21.95 13.89 -47.45
C LYS F 58 20.81 13.16 -46.73
N ASP F 59 20.62 11.89 -47.08
CA ASP F 59 19.66 11.03 -46.43
C ASP F 59 19.86 10.96 -44.90
N ILE F 60 18.74 10.75 -44.20
CA ILE F 60 18.70 10.45 -42.78
C ILE F 60 18.22 9.01 -42.66
N TYR F 61 18.67 8.31 -41.61
CA TYR F 61 18.27 6.92 -41.37
C TYR F 61 17.53 6.83 -40.04
N LEU F 62 16.26 6.43 -40.09
CA LEU F 62 15.45 6.26 -38.87
C LEU F 62 15.25 4.77 -38.63
N TYR F 63 15.95 4.27 -37.61
CA TYR F 63 15.79 2.91 -37.07
C TYR F 63 14.52 2.87 -36.21
N ILE F 64 13.69 1.86 -36.42
CA ILE F 64 12.43 1.73 -35.68
C ILE F 64 12.34 0.35 -35.04
N ASN F 65 12.40 0.34 -33.71
CA ASN F 65 12.02 -0.81 -32.89
C ASN F 65 11.11 -0.25 -31.79
N SER F 66 9.80 -0.32 -32.03
CA SER F 66 8.83 0.37 -31.18
C SER F 66 7.50 -0.34 -31.16
N PRO F 67 6.88 -0.47 -29.96
CA PRO F 67 5.53 -1.02 -29.88
C PRO F 67 4.44 0.02 -30.19
N GLY F 68 4.81 1.25 -30.52
CA GLY F 68 3.86 2.29 -30.83
C GLY F 68 3.71 3.23 -29.64
N GLY F 69 2.52 3.81 -29.49
CA GLY F 69 2.27 4.79 -28.42
C GLY F 69 1.33 5.88 -28.89
N SER F 70 1.58 7.10 -28.41
CA SER F 70 0.70 8.23 -28.67
C SER F 70 0.61 8.55 -30.16
N VAL F 71 -0.63 8.67 -30.64
CA VAL F 71 -0.90 8.99 -32.03
C VAL F 71 -0.45 10.41 -32.37
N THR F 72 -0.74 11.38 -31.51
CA THR F 72 -0.34 12.76 -31.77
C THR F 72 1.18 12.93 -31.72
N ALA F 73 1.83 12.25 -30.79
CA ALA F 73 3.29 12.23 -30.75
C ALA F 73 3.84 11.59 -32.04
N GLY F 74 3.23 10.51 -32.48
CA GLY F 74 3.59 9.88 -33.75
C GLY F 74 3.45 10.84 -34.92
N PHE F 75 2.38 11.62 -34.92
CA PHE F 75 2.16 12.61 -35.98
C PHE F 75 3.13 13.79 -35.92
N ALA F 76 3.64 14.13 -34.74
CA ALA F 76 4.71 15.11 -34.63
C ALA F 76 5.93 14.64 -35.44
N ILE F 77 6.28 13.37 -35.28
CA ILE F 77 7.38 12.78 -36.01
C ILE F 77 7.04 12.69 -37.50
N TYR F 78 5.86 12.16 -37.82
CA TYR F 78 5.41 12.00 -39.20
C TYR F 78 5.49 13.29 -39.98
N ASP F 79 4.87 14.34 -39.44
CA ASP F 79 4.81 15.62 -40.14
C ASP F 79 6.20 16.25 -40.29
N THR F 80 7.07 16.06 -39.30
CA THR F 80 8.42 16.58 -39.39
C THR F 80 9.19 15.84 -40.49
N ILE F 81 9.01 14.52 -40.60
CA ILE F 81 9.62 13.76 -41.68
C ILE F 81 9.21 14.35 -43.03
N GLN F 82 7.90 14.53 -43.24
CA GLN F 82 7.45 15.00 -44.54
C GLN F 82 7.85 16.45 -44.79
N HIS F 83 7.98 17.26 -43.74
CA HIS F 83 8.31 18.67 -43.88
C HIS F 83 9.75 18.93 -44.34
N ILE F 84 10.72 18.16 -43.81
CA ILE F 84 12.12 18.41 -44.08
C ILE F 84 12.49 17.95 -45.50
N LYS F 85 13.57 18.55 -46.03
CA LYS F 85 14.02 18.27 -47.39
C LYS F 85 14.67 16.90 -47.57
N PRO F 86 15.60 16.51 -46.67
CA PRO F 86 16.22 15.20 -46.85
C PRO F 86 15.24 14.03 -46.81
N ASP F 87 15.51 13.01 -47.62
CA ASP F 87 14.82 11.73 -47.53
C ASP F 87 15.11 11.10 -46.16
N VAL F 88 14.09 10.55 -45.53
CA VAL F 88 14.26 9.80 -44.29
C VAL F 88 14.00 8.34 -44.61
N GLN F 89 15.06 7.55 -44.58
CA GLN F 89 14.94 6.10 -44.74
C GLN F 89 14.40 5.53 -43.43
N THR F 90 13.56 4.50 -43.51
CA THR F 90 13.09 3.81 -42.32
C THR F 90 13.52 2.35 -42.38
N ILE F 91 13.98 1.83 -41.25
CA ILE F 91 14.43 0.44 -41.13
C ILE F 91 13.80 -0.15 -39.86
N CYS F 92 12.96 -1.16 -40.05
CA CYS F 92 12.35 -1.87 -38.93
C CYS F 92 13.25 -3.00 -38.48
N ILE F 93 13.63 -2.94 -37.22
CA ILE F 93 14.47 -3.95 -36.60
C ILE F 93 13.76 -4.36 -35.30
N GLY F 94 13.54 -5.66 -35.12
CA GLY F 94 12.78 -6.16 -33.98
C GLY F 94 11.27 -6.11 -34.21
N MET F 95 10.67 -4.95 -33.95
CA MET F 95 9.22 -4.79 -34.04
C MET F 95 8.85 -3.36 -34.39
N ALA F 96 7.87 -3.19 -35.27
CA ALA F 96 7.20 -1.91 -35.43
C ALA F 96 5.70 -2.21 -35.32
N ALA F 97 5.09 -1.77 -34.23
CA ALA F 97 3.66 -1.99 -34.01
C ALA F 97 2.93 -0.67 -33.91
N SER F 98 1.68 -0.67 -34.37
CA SER F 98 0.77 0.46 -34.21
C SER F 98 1.38 1.70 -34.82
N MET F 99 1.53 2.78 -34.04
CA MET F 99 2.10 4.00 -34.58
C MET F 99 3.55 3.80 -35.05
N GLY F 100 4.24 2.78 -34.51
CA GLY F 100 5.56 2.39 -34.99
C GLY F 100 5.55 1.95 -36.44
N SER F 101 4.55 1.15 -36.81
CA SER F 101 4.43 0.67 -38.18
C SER F 101 3.94 1.80 -39.10
N PHE F 102 3.14 2.72 -38.55
CA PHE F 102 2.72 3.90 -39.30
C PHE F 102 3.95 4.74 -39.70
N LEU F 103 4.88 4.93 -38.76
CA LEU F 103 6.10 5.67 -39.03
C LEU F 103 7.03 4.92 -40.00
N LEU F 104 7.10 3.61 -39.88
CA LEU F 104 7.85 2.80 -40.82
C LEU F 104 7.39 3.07 -42.26
N ALA F 105 6.07 3.07 -42.45
CA ALA F 105 5.45 3.31 -43.75
C ALA F 105 5.60 4.72 -44.28
N ALA F 106 5.97 5.64 -43.38
CA ALA F 106 6.11 7.07 -43.69
C ALA F 106 7.50 7.46 -44.24
N GLY F 107 8.44 6.53 -44.28
CA GLY F 107 9.78 6.80 -44.80
C GLY F 107 9.72 7.10 -46.29
N ALA F 108 10.79 7.68 -46.81
CA ALA F 108 10.86 8.04 -48.25
C ALA F 108 10.56 6.84 -49.13
N LYS F 109 9.74 7.04 -50.15
CA LYS F 109 9.32 5.94 -51.03
C LYS F 109 10.55 5.32 -51.69
N GLY F 110 10.60 4.00 -51.69
CA GLY F 110 11.78 3.24 -52.10
C GLY F 110 12.83 3.01 -51.02
N LYS F 111 12.71 3.67 -49.87
CA LYS F 111 13.75 3.60 -48.83
C LYS F 111 13.16 3.18 -47.46
N ARG F 112 12.15 2.31 -47.50
CA ARG F 112 11.55 1.75 -46.30
C ARG F 112 11.89 0.27 -46.27
N PHE F 113 12.55 -0.15 -45.19
CA PHE F 113 13.13 -1.47 -45.07
C PHE F 113 12.72 -2.16 -43.78
N ALA F 114 12.88 -3.47 -43.79
CA ALA F 114 12.88 -4.25 -42.55
C ALA F 114 13.91 -5.35 -42.67
N LEU F 115 14.48 -5.77 -41.55
CA LEU F 115 15.34 -6.94 -41.52
C LEU F 115 14.43 -8.19 -41.48
N PRO F 116 14.95 -9.35 -41.89
CA PRO F 116 14.06 -10.48 -42.24
C PRO F 116 13.15 -11.02 -41.14
N ASN F 117 13.57 -10.94 -39.90
CA ASN F 117 12.86 -11.47 -38.76
C ASN F 117 12.14 -10.38 -37.97
N ALA F 118 12.17 -9.16 -38.48
CA ALA F 118 11.44 -8.07 -37.87
C ALA F 118 9.94 -8.31 -38.02
N GLU F 119 9.19 -7.85 -37.01
CA GLU F 119 7.76 -8.05 -36.93
C GLU F 119 7.08 -6.70 -37.16
N VAL F 120 6.02 -6.69 -37.96
CA VAL F 120 5.25 -5.47 -38.18
C VAL F 120 3.82 -5.78 -37.74
N MET F 121 3.23 -4.90 -36.94
CA MET F 121 1.84 -5.09 -36.53
C MET F 121 1.03 -3.85 -36.77
N ILE F 122 -0.15 -4.03 -37.34
CA ILE F 122 -1.07 -2.92 -37.58
C ILE F 122 -2.38 -3.23 -36.86
N HIS F 123 -2.99 -2.19 -36.31
CA HIS F 123 -4.30 -2.31 -35.64
C HIS F 123 -4.95 -0.95 -35.53
N GLN F 124 -6.20 -0.93 -35.09
CA GLN F 124 -6.92 0.35 -34.92
C GLN F 124 -6.45 1.05 -33.64
N PRO F 125 -6.59 2.40 -33.59
CA PRO F 125 -6.12 3.12 -32.41
C PRO F 125 -6.91 2.79 -31.13
N LEU F 126 -6.23 2.93 -30.01
CA LEU F 126 -6.76 2.63 -28.69
C LEU F 126 -6.96 3.93 -27.92
N GLY F 127 -7.91 3.92 -27.00
CA GLY F 127 -8.16 5.08 -26.18
C GLY F 127 -9.17 4.80 -25.08
N GLY F 128 -9.65 5.88 -24.50
CA GLY F 128 -10.51 5.81 -23.34
C GLY F 128 -11.27 7.10 -23.15
N ALA F 129 -12.36 7.01 -22.40
CA ALA F 129 -13.23 8.13 -22.15
C ALA F 129 -14.09 7.79 -20.95
N GLN F 130 -14.31 8.78 -20.10
CA GLN F 130 -15.06 8.63 -18.89
C GLN F 130 -15.80 9.93 -18.63
N GLY F 131 -17.03 9.82 -18.14
CA GLY F 131 -17.79 11.03 -17.74
C GLY F 131 -19.17 11.01 -18.37
N GLN F 132 -19.66 12.20 -18.69
CA GLN F 132 -21.03 12.36 -19.17
C GLN F 132 -21.17 11.80 -20.58
N ALA F 133 -22.41 11.46 -20.92
CA ALA F 133 -22.74 10.92 -22.24
C ALA F 133 -22.17 11.79 -23.38
N THR F 134 -22.31 13.11 -23.26
CA THR F 134 -21.84 14.00 -24.34
C THR F 134 -20.30 14.06 -24.39
N GLU F 135 -19.63 13.91 -23.25
CA GLU F 135 -18.17 13.79 -23.21
C GLU F 135 -17.72 12.49 -23.90
N ILE F 136 -18.43 11.40 -23.64
CA ILE F 136 -18.10 10.10 -24.25
CA ILE F 136 -18.11 10.10 -24.25
C ILE F 136 -18.28 10.23 -25.77
N GLU F 137 -19.36 10.89 -26.20
CA GLU F 137 -19.63 11.12 -27.61
C GLU F 137 -18.49 11.91 -28.28
N ILE F 138 -18.07 12.99 -27.66
CA ILE F 138 -16.95 13.79 -28.18
C ILE F 138 -15.69 12.94 -28.33
N ALA F 139 -15.35 12.18 -27.30
CA ALA F 139 -14.17 11.29 -27.35
C ALA F 139 -14.30 10.23 -28.45
N ALA F 140 -15.50 9.66 -28.60
CA ALA F 140 -15.73 8.66 -29.64
C ALA F 140 -15.56 9.26 -31.04
N ASN F 141 -16.17 10.42 -31.27
CA ASN F 141 -16.06 11.12 -32.55
C ASN F 141 -14.60 11.43 -32.86
N HIS F 142 -13.86 11.89 -31.85
CA HIS F 142 -12.47 12.23 -32.03
C HIS F 142 -11.61 11.02 -32.42
N ILE F 143 -11.74 9.91 -31.68
CA ILE F 143 -10.94 8.73 -32.01
C ILE F 143 -11.34 8.11 -33.36
N LEU F 144 -12.62 8.18 -33.74
CA LEU F 144 -13.05 7.74 -35.06
C LEU F 144 -12.44 8.60 -36.19
N LYS F 145 -12.44 9.92 -36.01
CA LYS F 145 -11.79 10.83 -36.97
C LYS F 145 -10.26 10.55 -37.07
N THR F 146 -9.64 10.28 -35.93
CA THR F 146 -8.23 9.96 -35.89
C THR F 146 -7.95 8.67 -36.68
N ARG F 147 -8.82 7.67 -36.53
CA ARG F 147 -8.69 6.44 -37.29
C ARG F 147 -8.83 6.67 -38.79
N GLU F 148 -9.82 7.48 -39.19
CA GLU F 148 -9.97 7.83 -40.61
C GLU F 148 -8.72 8.50 -41.17
N LYS F 149 -8.16 9.43 -40.40
CA LYS F 149 -6.93 10.14 -40.80
C LYS F 149 -5.77 9.15 -40.98
N LEU F 150 -5.57 8.27 -40.01
CA LEU F 150 -4.53 7.26 -40.07
C LEU F 150 -4.69 6.34 -41.28
N ASN F 151 -5.92 5.86 -41.48
CA ASN F 151 -6.22 4.93 -42.57
C ASN F 151 -6.05 5.56 -43.95
N ARG F 152 -6.48 6.82 -44.09
CA ARG F 152 -6.31 7.55 -45.34
C ARG F 152 -4.82 7.65 -45.70
N ILE F 153 -4.00 8.05 -44.73
CA ILE F 153 -2.57 8.20 -44.98
C ILE F 153 -1.93 6.85 -45.26
N LEU F 154 -2.31 5.82 -44.51
CA LEU F 154 -1.80 4.48 -44.74
C LEU F 154 -2.15 3.98 -46.15
N SER F 155 -3.36 4.31 -46.61
CA SER F 155 -3.78 3.99 -47.99
C SER F 155 -2.87 4.66 -49.03
N GLU F 156 -2.62 5.96 -48.84
CA GLU F 156 -1.71 6.71 -49.72
C GLU F 156 -0.29 6.13 -49.72
N ARG F 157 0.21 5.70 -48.55
CA ARG F 157 1.57 5.17 -48.42
C ARG F 157 1.76 3.74 -48.89
N THR F 158 0.71 2.93 -48.82
CA THR F 158 0.79 1.51 -49.16
C THR F 158 0.26 1.19 -50.55
N GLY F 159 -0.62 2.02 -51.08
CA GLY F 159 -1.38 1.68 -52.27
C GLY F 159 -2.62 0.82 -52.02
N GLN F 160 -2.91 0.45 -50.76
CA GLN F 160 -4.11 -0.32 -50.44
C GLN F 160 -5.29 0.63 -50.31
N SER F 161 -6.49 0.13 -50.60
CA SER F 161 -7.69 0.93 -50.39
C SER F 161 -7.96 1.18 -48.89
N ILE F 162 -8.66 2.28 -48.63
CA ILE F 162 -9.13 2.61 -47.29
C ILE F 162 -9.99 1.48 -46.70
N GLU F 163 -10.80 0.84 -47.55
CA GLU F 163 -11.69 -0.24 -47.11
C GLU F 163 -10.87 -1.45 -46.67
N LYS F 164 -9.83 -1.79 -47.42
CA LYS F 164 -8.98 -2.91 -47.05
C LYS F 164 -8.23 -2.60 -45.73
N ILE F 165 -7.71 -1.38 -45.61
CA ILE F 165 -6.99 -0.96 -44.40
C ILE F 165 -7.90 -1.06 -43.16
N GLN F 166 -9.13 -0.56 -43.30
CA GLN F 166 -10.15 -0.65 -42.25
C GLN F 166 -10.35 -2.10 -41.80
N LYS F 167 -10.58 -3.00 -42.75
CA LYS F 167 -10.78 -4.41 -42.44
C LYS F 167 -9.55 -5.06 -41.81
N ASP F 168 -8.37 -4.76 -42.35
CA ASP F 168 -7.13 -5.40 -41.89
C ASP F 168 -6.62 -4.88 -40.54
N THR F 169 -7.12 -3.74 -40.09
CA THR F 169 -6.71 -3.16 -38.80
C THR F 169 -7.79 -3.30 -37.72
N ASP F 170 -8.86 -4.03 -38.03
CA ASP F 170 -9.97 -4.20 -37.08
C ASP F 170 -9.49 -4.85 -35.79
N ARG F 171 -8.63 -5.85 -35.94
CA ARG F 171 -7.95 -6.50 -34.81
C ARG F 171 -6.45 -6.47 -35.08
N ASP F 172 -5.68 -6.83 -34.05
CA ASP F 172 -4.24 -6.98 -34.17
C ASP F 172 -3.90 -7.88 -35.35
N ASN F 173 -3.07 -7.37 -36.25
CA ASN F 173 -2.70 -8.06 -37.47
C ASN F 173 -1.18 -8.03 -37.56
N PHE F 174 -0.57 -9.19 -37.31
CA PHE F 174 0.88 -9.35 -37.29
C PHE F 174 1.36 -9.74 -38.69
N LEU F 175 2.39 -9.06 -39.17
CA LEU F 175 2.97 -9.35 -40.49
C LEU F 175 4.44 -9.65 -40.34
N THR F 176 4.91 -10.65 -41.10
CA THR F 176 6.35 -10.84 -41.30
C THR F 176 6.90 -9.68 -42.16
N ALA F 177 8.22 -9.55 -42.20
CA ALA F 177 8.87 -8.53 -43.03
C ALA F 177 8.43 -8.65 -44.49
N GLU F 178 8.42 -9.88 -45.00
CA GLU F 178 8.01 -10.15 -46.38
C GLU F 178 6.55 -9.77 -46.62
N GLU F 179 5.66 -10.11 -45.67
CA GLU F 179 4.26 -9.70 -45.77
C GLU F 179 4.09 -8.19 -45.72
N ALA F 180 4.90 -7.51 -44.90
CA ALA F 180 4.88 -6.05 -44.85
C ALA F 180 5.26 -5.43 -46.21
N LYS F 181 6.24 -6.03 -46.89
CA LYS F 181 6.62 -5.62 -48.23
C LYS F 181 5.47 -5.82 -49.23
N GLU F 182 4.89 -7.02 -49.24
CA GLU F 182 3.72 -7.30 -50.08
C GLU F 182 2.56 -6.35 -49.80
N TYR F 183 2.37 -5.99 -48.52
CA TYR F 183 1.32 -5.05 -48.15
C TYR F 183 1.59 -3.60 -48.65
N GLY F 184 2.85 -3.24 -48.86
CA GLY F 184 3.24 -1.88 -49.22
C GLY F 184 3.66 -1.00 -48.04
N LEU F 185 3.85 -1.61 -46.86
CA LEU F 185 4.30 -0.87 -45.67
C LEU F 185 5.78 -0.55 -45.76
N ILE F 186 6.53 -1.45 -46.42
CA ILE F 186 7.94 -1.25 -46.71
C ILE F 186 8.18 -1.57 -48.19
N ASP F 187 9.36 -1.21 -48.67
CA ASP F 187 9.75 -1.44 -50.08
C ASP F 187 10.60 -2.67 -50.26
N GLU F 188 11.48 -2.98 -49.30
CA GLU F 188 12.40 -4.11 -49.41
C GLU F 188 12.68 -4.75 -48.04
N VAL F 189 12.87 -6.06 -48.05
CA VAL F 189 13.47 -6.79 -46.95
C VAL F 189 14.98 -6.82 -47.20
N MET F 190 15.78 -6.32 -46.26
CA MET F 190 17.25 -6.37 -46.37
C MET F 190 17.73 -7.76 -45.96
N VAL F 191 18.16 -8.53 -46.95
CA VAL F 191 18.79 -9.85 -46.69
C VAL F 191 20.27 -9.69 -46.31
N PRO F 192 20.81 -10.60 -45.48
CA PRO F 192 22.19 -10.46 -44.95
C PRO F 192 23.33 -10.34 -45.99
N LEU G 3 26.72 18.36 -30.41
CA LEU G 3 25.64 17.62 -29.82
C LEU G 3 26.13 16.40 -29.00
N ILE G 4 26.68 16.64 -27.82
CA ILE G 4 27.33 15.60 -27.00
C ILE G 4 26.43 14.45 -26.62
N PRO G 5 25.21 14.74 -26.25
CA PRO G 5 24.30 13.62 -26.12
C PRO G 5 22.99 14.03 -26.77
N THR G 6 22.23 13.08 -27.23
CA THR G 6 20.95 13.40 -27.72
C THR G 6 20.03 13.73 -26.59
N VAL G 7 20.09 12.91 -25.56
CA VAL G 7 19.22 13.06 -24.41
C VAL G 7 19.95 12.73 -23.12
N ILE G 8 19.75 13.52 -22.08
CA ILE G 8 20.47 13.26 -20.84
C ILE G 8 19.65 12.39 -19.91
N ALA G 17 27.07 23.32 -27.52
CA ALA G 17 25.71 23.01 -27.09
C ALA G 17 25.64 21.51 -26.86
N TYR G 18 25.81 21.05 -25.63
CA TYR G 18 25.87 19.63 -25.36
C TYR G 18 24.68 18.75 -25.63
N ASP G 19 23.50 19.13 -25.22
CA ASP G 19 22.37 18.27 -25.52
C ASP G 19 21.63 18.76 -26.75
N ILE G 20 20.81 17.94 -27.36
CA ILE G 20 20.11 18.36 -28.56
C ILE G 20 19.27 19.63 -28.38
N TYR G 21 18.62 19.80 -27.24
CA TYR G 21 17.80 20.95 -27.02
C TYR G 21 18.70 22.17 -26.89
N SER G 22 19.80 22.05 -26.22
CA SER G 22 20.75 23.16 -26.13
C SER G 22 21.29 23.56 -27.49
N ARG G 23 21.54 22.57 -28.34
CA ARG G 23 21.97 22.84 -29.70
C ARG G 23 20.91 23.63 -30.48
N LEU G 24 19.64 23.21 -30.36
CA LEU G 24 18.55 23.95 -31.01
C LEU G 24 18.41 25.37 -30.44
N LEU G 25 18.59 25.52 -29.13
CA LEU G 25 18.51 26.83 -28.50
C LEU G 25 19.55 27.81 -29.04
N LYS G 26 20.73 27.30 -29.37
CA LYS G 26 21.76 28.09 -30.06
C LYS G 26 21.25 28.70 -31.36
N ASP G 27 20.34 28.02 -32.06
CA ASP G 27 19.65 28.61 -33.24
C ASP G 27 18.28 29.24 -32.94
N ARG G 28 18.05 29.65 -31.70
CA ARG G 28 16.85 30.38 -31.29
C ARG G 28 15.56 29.56 -31.39
N ILE G 29 15.70 28.24 -31.21
CA ILE G 29 14.56 27.32 -31.21
C ILE G 29 14.34 26.82 -29.78
N ILE G 30 13.14 27.05 -29.27
CA ILE G 30 12.71 26.55 -27.96
C ILE G 30 11.69 25.44 -28.18
N MET G 31 11.86 24.32 -27.49
CA MET G 31 10.95 23.16 -27.64
C MET G 31 10.04 23.05 -26.40
N LEU G 32 8.75 23.33 -26.58
CA LEU G 32 7.74 23.08 -25.54
C LEU G 32 7.12 21.75 -25.92
N GLY G 33 7.62 20.68 -25.31
CA GLY G 33 7.25 19.32 -25.66
C GLY G 33 6.65 18.51 -24.52
N SER G 34 6.02 19.19 -23.56
CA SER G 34 5.45 18.50 -22.41
C SER G 34 4.27 19.25 -21.83
N GLN G 35 3.68 18.68 -20.80
CA GLN G 35 2.73 19.36 -19.93
C GLN G 35 3.34 20.66 -19.42
N ILE G 36 2.54 21.71 -19.34
CA ILE G 36 2.98 23.01 -18.83
C ILE G 36 2.76 23.05 -17.33
N ASP G 37 3.86 23.04 -16.59
CA ASP G 37 3.83 23.29 -15.15
C ASP G 37 4.83 24.42 -14.87
N ASP G 38 4.97 24.77 -13.60
CA ASP G 38 5.88 25.85 -13.21
C ASP G 38 7.33 25.63 -13.63
N ASN G 39 7.85 24.41 -13.57
CA ASN G 39 9.23 24.12 -14.00
C ASN G 39 9.42 24.39 -15.48
N VAL G 40 8.49 23.89 -16.29
CA VAL G 40 8.55 24.07 -17.73
C VAL G 40 8.45 25.57 -18.07
N ALA G 41 7.53 26.28 -17.43
CA ALA G 41 7.38 27.71 -17.66
C ALA G 41 8.65 28.48 -17.31
N ASN G 42 9.23 28.18 -16.15
CA ASN G 42 10.46 28.84 -15.71
C ASN G 42 11.59 28.63 -16.70
N SER G 43 11.71 27.41 -17.22
CA SER G 43 12.72 27.10 -18.21
C SER G 43 12.48 27.88 -19.50
N ILE G 44 11.25 27.88 -19.99
CA ILE G 44 10.93 28.55 -21.24
C ILE G 44 11.08 30.08 -21.10
N VAL G 45 10.60 30.63 -20.00
CA VAL G 45 10.80 32.05 -19.69
C VAL G 45 12.31 32.41 -19.71
N SER G 46 13.12 31.58 -19.05
CA SER G 46 14.55 31.80 -19.00
C SER G 46 15.19 31.75 -20.38
N GLN G 47 14.75 30.80 -21.19
CA GLN G 47 15.21 30.69 -22.57
C GLN G 47 14.84 31.93 -23.40
N LEU G 48 13.61 32.42 -23.25
CA LEU G 48 13.17 33.61 -23.97
C LEU G 48 14.01 34.82 -23.56
N LEU G 49 14.26 34.95 -22.26
CA LEU G 49 15.05 36.04 -21.72
C LEU G 49 16.50 35.99 -22.25
N PHE G 50 17.07 34.79 -22.26
CA PHE G 50 18.41 34.59 -22.78
C PHE G 50 18.50 34.97 -24.26
N LEU G 51 17.53 34.51 -25.05
CA LEU G 51 17.56 34.75 -26.48
C LEU G 51 17.40 36.23 -26.84
N GLN G 52 16.58 36.95 -26.08
CA GLN G 52 16.39 38.38 -26.31
C GLN G 52 17.70 39.13 -26.03
N ALA G 53 18.38 38.74 -24.96
CA ALA G 53 19.65 39.37 -24.58
C ALA G 53 20.75 39.08 -25.61
N GLN G 54 20.76 37.87 -26.19
CA GLN G 54 21.69 37.53 -27.26
C GLN G 54 21.44 38.38 -28.51
N ASP G 55 20.18 38.57 -28.85
CA ASP G 55 19.80 39.33 -30.05
C ASP G 55 18.35 39.77 -29.90
N SER G 56 18.13 41.07 -29.74
CA SER G 56 16.79 41.60 -29.52
C SER G 56 15.94 41.75 -30.79
N GLU G 57 16.51 41.46 -31.96
CA GLU G 57 15.81 41.64 -33.24
C GLU G 57 15.50 40.37 -34.02
N LYS G 58 16.31 39.33 -33.89
CA LYS G 58 16.08 38.09 -34.64
C LYS G 58 14.89 37.30 -34.03
N ASP G 59 14.09 36.73 -34.92
CA ASP G 59 12.98 35.87 -34.53
C ASP G 59 13.43 34.71 -33.62
N ILE G 60 12.50 34.30 -32.76
CA ILE G 60 12.61 33.10 -31.95
C ILE G 60 11.55 32.13 -32.48
N TYR G 61 11.82 30.83 -32.37
CA TYR G 61 10.89 29.79 -32.82
C TYR G 61 10.48 28.93 -31.63
N LEU G 62 9.18 28.94 -31.30
CA LEU G 62 8.62 28.12 -30.22
C LEU G 62 7.82 26.97 -30.83
N TYR G 63 8.37 25.77 -30.72
CA TYR G 63 7.74 24.54 -31.14
C TYR G 63 6.81 24.08 -29.98
N ILE G 64 5.59 23.72 -30.30
CA ILE G 64 4.58 23.35 -29.30
C ILE G 64 3.99 21.99 -29.63
N ASN G 65 4.31 21.03 -28.75
CA ASN G 65 3.63 19.73 -28.68
C ASN G 65 3.32 19.51 -27.21
N SER G 66 2.11 19.90 -26.79
CA SER G 66 1.74 19.96 -25.39
C SER G 66 0.27 19.71 -25.15
N PRO G 67 -0.08 18.91 -24.14
CA PRO G 67 -1.48 18.74 -23.74
C PRO G 67 -2.00 19.87 -22.87
N GLY G 68 -1.19 20.86 -22.56
CA GLY G 68 -1.61 22.00 -21.74
C GLY G 68 -1.08 21.86 -20.34
N GLY G 69 -1.79 22.43 -19.37
CA GLY G 69 -1.42 22.34 -17.96
C GLY G 69 -1.80 23.61 -17.22
N SER G 70 -0.94 24.03 -16.30
CA SER G 70 -1.23 25.16 -15.41
C SER G 70 -1.47 26.46 -16.20
N VAL G 71 -2.56 27.12 -15.88
CA VAL G 71 -2.93 28.38 -16.50
C VAL G 71 -1.95 29.50 -16.12
N THR G 72 -1.58 29.59 -14.85
CA THR G 72 -0.66 30.64 -14.41
C THR G 72 0.74 30.41 -15.00
N ALA G 73 1.19 29.16 -15.05
CA ALA G 73 2.44 28.84 -15.71
C ALA G 73 2.37 29.22 -17.21
N GLY G 74 1.25 28.92 -17.85
CA GLY G 74 1.03 29.32 -19.22
C GLY G 74 1.12 30.82 -19.40
N PHE G 75 0.54 31.56 -18.46
CA PHE G 75 0.62 33.02 -18.51
C PHE G 75 2.01 33.59 -18.23
N ALA G 76 2.83 32.88 -17.47
CA ALA G 76 4.23 33.25 -17.33
C ALA G 76 4.90 33.28 -18.71
N ILE G 77 4.66 32.23 -19.49
CA ILE G 77 5.20 32.13 -20.83
C ILE G 77 4.57 33.19 -21.73
N TYR G 78 3.25 33.29 -21.71
CA TYR G 78 2.51 34.24 -22.54
C TYR G 78 3.03 35.67 -22.36
N ASP G 79 3.08 36.12 -21.10
CA ASP G 79 3.48 37.50 -20.82
C ASP G 79 4.94 37.75 -21.20
N THR G 80 5.79 36.75 -21.03
CA THR G 80 7.19 36.89 -21.41
C THR G 80 7.31 37.02 -22.93
N ILE G 81 6.54 36.22 -23.68
CA ILE G 81 6.51 36.36 -25.14
C ILE G 81 6.15 37.79 -25.52
N GLN G 82 5.06 38.33 -24.97
CA GLN G 82 4.62 39.67 -25.37
C GLN G 82 5.59 40.75 -24.89
N HIS G 83 6.28 40.51 -23.78
CA HIS G 83 7.17 41.51 -23.20
C HIS G 83 8.46 41.72 -24.01
N ILE G 84 9.04 40.64 -24.53
CA ILE G 84 10.31 40.73 -25.24
C ILE G 84 10.14 41.35 -26.62
N LYS G 85 11.24 41.90 -27.14
CA LYS G 85 11.22 42.60 -28.44
C LYS G 85 11.13 41.64 -29.64
N PRO G 86 11.93 40.58 -29.67
CA PRO G 86 11.84 39.68 -30.84
C PRO G 86 10.46 39.05 -31.05
N ASP G 87 10.07 38.89 -32.31
CA ASP G 87 8.91 38.09 -32.66
C ASP G 87 9.13 36.64 -32.23
N VAL G 88 8.12 36.03 -31.64
CA VAL G 88 8.15 34.59 -31.33
C VAL G 88 7.21 33.88 -32.27
N GLN G 89 7.77 33.12 -33.19
CA GLN G 89 6.97 32.27 -34.08
C GLN G 89 6.51 31.06 -33.26
N THR G 90 5.31 30.57 -33.53
CA THR G 90 4.82 29.34 -32.91
C THR G 90 4.51 28.31 -33.99
N ILE G 91 4.88 27.07 -33.72
CA ILE G 91 4.66 25.95 -34.64
C ILE G 91 4.09 24.78 -33.84
N CYS G 92 2.86 24.39 -34.16
CA CYS G 92 2.22 23.25 -33.54
C CYS G 92 2.58 21.98 -34.29
N ILE G 93 3.17 21.05 -33.59
CA ILE G 93 3.51 19.75 -34.14
C ILE G 93 2.93 18.75 -33.15
N GLY G 94 2.28 17.73 -33.66
CA GLY G 94 1.59 16.73 -32.84
C GLY G 94 0.26 17.22 -32.28
N MET G 95 0.33 17.93 -31.15
CA MET G 95 -0.87 18.39 -30.44
CA MET G 95 -0.87 18.39 -30.44
C MET G 95 -0.59 19.70 -29.70
N ALA G 96 -1.51 20.62 -29.76
CA ALA G 96 -1.54 21.75 -28.82
C ALA G 96 -2.94 21.77 -28.22
N ALA G 97 -3.06 21.42 -26.95
CA ALA G 97 -4.35 21.39 -26.25
C ALA G 97 -4.34 22.36 -25.10
N SER G 98 -5.51 22.93 -24.82
CA SER G 98 -5.75 23.76 -23.65
C SER G 98 -4.77 24.92 -23.64
N MET G 99 -4.00 25.08 -22.57
CA MET G 99 -3.06 26.18 -22.49
CA MET G 99 -3.06 26.18 -22.49
C MET G 99 -1.98 26.09 -23.59
N GLY G 100 -1.75 24.88 -24.13
CA GLY G 100 -0.88 24.71 -25.28
C GLY G 100 -1.39 25.42 -26.52
N SER G 101 -2.69 25.33 -26.77
CA SER G 101 -3.29 26.01 -27.91
C SER G 101 -3.39 27.51 -27.66
N PHE G 102 -3.55 27.91 -26.39
CA PHE G 102 -3.52 29.32 -26.03
C PHE G 102 -2.14 29.94 -26.39
N LEU G 103 -1.07 29.21 -26.07
CA LEU G 103 0.28 29.68 -26.39
C LEU G 103 0.55 29.66 -27.89
N LEU G 104 0.03 28.67 -28.61
CA LEU G 104 0.12 28.65 -30.05
C LEU G 104 -0.44 29.94 -30.66
N ALA G 105 -1.63 30.33 -30.18
CA ALA G 105 -2.32 31.53 -30.64
C ALA G 105 -1.63 32.84 -30.26
N ALA G 106 -0.72 32.77 -29.29
CA ALA G 106 0.00 33.92 -28.75
C ALA G 106 1.27 34.30 -29.52
N GLY G 107 1.65 33.51 -30.52
CA GLY G 107 2.82 33.79 -31.34
C GLY G 107 2.62 35.06 -32.15
N ALA G 108 3.70 35.62 -32.67
CA ALA G 108 3.64 36.88 -33.46
C ALA G 108 2.64 36.73 -34.61
N LYS G 109 1.83 37.75 -34.82
CA LYS G 109 0.79 37.72 -35.86
C LYS G 109 1.43 37.50 -37.23
N GLY G 110 0.86 36.59 -38.00
CA GLY G 110 1.45 36.13 -39.26
C GLY G 110 2.48 35.02 -39.14
N LYS G 111 2.91 34.67 -37.93
CA LYS G 111 3.97 33.69 -37.74
C LYS G 111 3.55 32.54 -36.79
N ARG G 112 2.28 32.19 -36.83
CA ARG G 112 1.74 31.07 -36.08
C ARG G 112 1.37 29.98 -37.07
N PHE G 113 1.96 28.80 -36.87
CA PHE G 113 1.87 27.71 -37.82
C PHE G 113 1.46 26.41 -37.16
N ALA G 114 0.99 25.49 -37.98
CA ALA G 114 0.87 24.09 -37.59
C ALA G 114 1.23 23.22 -38.79
N LEU G 115 1.75 22.03 -38.53
CA LEU G 115 1.95 21.05 -39.58
C LEU G 115 0.61 20.36 -39.85
N PRO G 116 0.45 19.77 -41.05
CA PRO G 116 -0.91 19.42 -41.53
C PRO G 116 -1.72 18.44 -40.67
N ASN G 117 -1.04 17.52 -39.99
CA ASN G 117 -1.70 16.50 -39.18
C ASN G 117 -1.67 16.82 -37.70
N ALA G 118 -1.17 18.00 -37.35
CA ALA G 118 -1.19 18.45 -35.97
C ALA G 118 -2.62 18.69 -35.51
N GLU G 119 -2.85 18.45 -34.23
CA GLU G 119 -4.18 18.53 -33.62
C GLU G 119 -4.18 19.75 -32.68
N VAL G 120 -5.25 20.53 -32.73
CA VAL G 120 -5.42 21.65 -31.81
C VAL G 120 -6.70 21.40 -31.02
N MET G 121 -6.65 21.56 -29.70
CA MET G 121 -7.84 21.38 -28.87
C MET G 121 -8.01 22.58 -27.95
N ILE G 122 -9.23 23.08 -27.88
CA ILE G 122 -9.56 24.18 -26.97
C ILE G 122 -10.66 23.72 -26.03
N HIS G 123 -10.58 24.15 -24.78
CA HIS G 123 -11.61 23.86 -23.78
C HIS G 123 -11.52 24.84 -22.62
N GLN G 124 -12.48 24.80 -21.72
CA GLN G 124 -12.46 25.73 -20.57
C GLN G 124 -11.47 25.24 -19.52
N PRO G 125 -10.97 26.15 -18.66
CA PRO G 125 -10.05 25.72 -17.61
C PRO G 125 -10.67 24.78 -16.58
N LEU G 126 -9.80 23.96 -15.98
CA LEU G 126 -10.15 22.96 -14.99
C LEU G 126 -9.59 23.40 -13.65
N GLY G 127 -10.26 22.97 -12.59
CA GLY G 127 -9.80 23.29 -11.25
C GLY G 127 -10.53 22.52 -10.18
N GLY G 128 -10.39 23.02 -8.96
CA GLY G 128 -10.99 22.41 -7.80
C GLY G 128 -11.21 23.44 -6.71
N ALA G 129 -12.05 23.07 -5.75
CA ALA G 129 -12.28 23.86 -4.56
C ALA G 129 -12.85 22.95 -3.50
N GLN G 130 -12.39 23.16 -2.28
CA GLN G 130 -12.78 22.35 -1.15
C GLN G 130 -12.83 23.23 0.09
N GLY G 131 -13.83 23.00 0.94
CA GLY G 131 -13.89 23.68 2.23
C GLY G 131 -15.24 24.32 2.48
N GLN G 132 -15.22 25.46 3.16
CA GLN G 132 -16.44 26.17 3.50
C GLN G 132 -17.10 26.79 2.28
N ALA G 133 -18.39 27.03 2.38
CA ALA G 133 -19.16 27.65 1.32
C ALA G 133 -18.49 28.93 0.76
N THR G 134 -18.01 29.79 1.64
CA THR G 134 -17.38 31.04 1.21
C THR G 134 -16.03 30.81 0.51
N GLU G 135 -15.30 29.76 0.93
CA GLU G 135 -14.07 29.36 0.25
C GLU G 135 -14.38 28.83 -1.15
N ILE G 136 -15.45 28.05 -1.28
CA ILE G 136 -15.87 27.51 -2.58
CA ILE G 136 -15.87 27.51 -2.58
C ILE G 136 -16.23 28.69 -3.50
N GLU G 137 -16.96 29.67 -2.94
CA GLU G 137 -17.34 30.86 -3.69
C GLU G 137 -16.12 31.63 -4.21
N ILE G 138 -15.15 31.85 -3.35
CA ILE G 138 -13.91 32.54 -3.74
C ILE G 138 -13.21 31.79 -4.89
N ALA G 139 -13.08 30.48 -4.74
CA ALA G 139 -12.44 29.67 -5.79
C ALA G 139 -13.24 29.70 -7.10
N ALA G 140 -14.57 29.65 -7.00
CA ALA G 140 -15.42 29.73 -8.20
C ALA G 140 -15.26 31.06 -8.91
N ASN G 141 -15.33 32.16 -8.14
CA ASN G 141 -15.15 33.50 -8.70
C ASN G 141 -13.79 33.63 -9.37
N HIS G 142 -12.75 33.10 -8.75
CA HIS G 142 -11.41 33.16 -9.29
C HIS G 142 -11.29 32.41 -10.62
N ILE G 143 -11.76 31.17 -10.67
CA ILE G 143 -11.65 30.39 -11.91
C ILE G 143 -12.54 30.97 -13.03
N LEU G 144 -13.69 31.54 -12.68
CA LEU G 144 -14.52 32.24 -13.68
C LEU G 144 -13.83 33.49 -14.24
N LYS G 145 -13.20 34.28 -13.37
CA LYS G 145 -12.41 35.44 -13.82
C LYS G 145 -11.23 35.02 -14.71
N THR G 146 -10.58 33.91 -14.35
CA THR G 146 -9.49 33.37 -15.14
C THR G 146 -9.97 32.97 -16.53
N ARG G 147 -11.15 32.35 -16.60
CA ARG G 147 -11.74 31.97 -17.88
C ARG G 147 -12.07 33.21 -18.73
N GLU G 148 -12.64 34.25 -18.12
CA GLU G 148 -12.91 35.51 -18.83
C GLU G 148 -11.63 36.12 -19.38
N LYS G 149 -10.56 36.11 -18.59
CA LYS G 149 -9.26 36.65 -19.02
C LYS G 149 -8.72 35.86 -20.22
N LEU G 150 -8.76 34.52 -20.14
CA LEU G 150 -8.33 33.68 -21.24
C LEU G 150 -9.14 33.92 -22.51
N ASN G 151 -10.46 33.98 -22.36
CA ASN G 151 -11.37 34.14 -23.48
C ASN G 151 -11.21 35.52 -24.14
N ARG G 152 -10.99 36.55 -23.36
CA ARG G 152 -10.79 37.87 -23.86
C ARG G 152 -9.54 37.94 -24.71
N ILE G 153 -8.46 37.36 -24.22
CA ILE G 153 -7.19 37.34 -24.96
C ILE G 153 -7.32 36.49 -26.22
N LEU G 154 -7.99 35.33 -26.10
CA LEU G 154 -8.19 34.47 -27.25
C LEU G 154 -9.02 35.19 -28.34
N SER G 155 -10.01 35.97 -27.92
CA SER G 155 -10.79 36.80 -28.83
C SER G 155 -9.91 37.80 -29.59
N GLU G 156 -9.06 38.52 -28.86
CA GLU G 156 -8.11 39.47 -29.46
C GLU G 156 -7.15 38.79 -30.43
N ARG G 157 -6.69 37.58 -30.10
CA ARG G 157 -5.72 36.85 -30.94
C ARG G 157 -6.32 36.17 -32.17
N THR G 158 -7.59 35.76 -32.08
CA THR G 158 -8.22 35.01 -33.14
C THR G 158 -9.13 35.84 -34.03
N GLY G 159 -9.63 36.96 -33.52
CA GLY G 159 -10.70 37.71 -34.17
C GLY G 159 -12.11 37.18 -33.89
N GLN G 160 -12.25 36.12 -33.10
CA GLN G 160 -13.57 35.59 -32.75
C GLN G 160 -14.12 36.38 -31.57
N SER G 161 -15.44 36.47 -31.48
CA SER G 161 -16.08 37.09 -30.32
C SER G 161 -15.84 36.29 -29.03
N ILE G 162 -15.89 36.97 -27.90
CA ILE G 162 -15.87 36.36 -26.58
C ILE G 162 -17.01 35.35 -26.43
N GLU G 163 -18.19 35.67 -26.97
CA GLU G 163 -19.35 34.78 -26.87
C GLU G 163 -19.12 33.51 -27.65
N LYS G 164 -18.54 33.60 -28.84
CA LYS G 164 -18.24 32.40 -29.62
C LYS G 164 -17.18 31.54 -28.92
N ILE G 165 -16.15 32.18 -28.37
CA ILE G 165 -15.08 31.47 -27.66
C ILE G 165 -15.67 30.71 -26.45
N GLN G 166 -16.51 31.38 -25.69
CA GLN G 166 -17.22 30.79 -24.55
C GLN G 166 -17.98 29.53 -24.97
N LYS G 167 -18.80 29.64 -26.02
CA LYS G 167 -19.58 28.50 -26.51
C LYS G 167 -18.67 27.36 -27.03
N ASP G 168 -17.63 27.72 -27.78
CA ASP G 168 -16.78 26.72 -28.40
C ASP G 168 -15.83 26.01 -27.44
N THR G 169 -15.63 26.56 -26.25
CA THR G 169 -14.74 25.97 -25.24
C THR G 169 -15.51 25.32 -24.08
N ASP G 170 -16.83 25.25 -24.20
CA ASP G 170 -17.67 24.69 -23.14
C ASP G 170 -17.29 23.24 -22.86
N ARG G 171 -17.04 22.49 -23.94
CA ARG G 171 -16.52 21.13 -23.89
C ARG G 171 -15.28 21.05 -24.77
N ASP G 172 -14.56 19.93 -24.65
CA ASP G 172 -13.42 19.63 -25.49
C ASP G 172 -13.81 19.78 -26.95
N ASN G 173 -13.05 20.60 -27.67
CA ASN G 173 -13.31 20.92 -29.04
C ASN G 173 -12.01 20.72 -29.82
N PHE G 174 -11.97 19.64 -30.60
CA PHE G 174 -10.79 19.24 -31.38
C PHE G 174 -10.84 19.87 -32.76
N LEU G 175 -9.75 20.48 -33.18
CA LEU G 175 -9.64 21.10 -34.51
C LEU G 175 -8.48 20.49 -35.27
N THR G 176 -8.68 20.26 -36.57
CA THR G 176 -7.58 20.01 -37.49
C THR G 176 -6.73 21.28 -37.66
N ALA G 177 -5.54 21.13 -38.24
CA ALA G 177 -4.67 22.30 -38.51
C ALA G 177 -5.41 23.32 -39.36
N GLU G 178 -6.08 22.85 -40.40
CA GLU G 178 -6.83 23.72 -41.28
C GLU G 178 -7.97 24.45 -40.56
N GLU G 179 -8.70 23.72 -39.71
CA GLU G 179 -9.74 24.35 -38.88
C GLU G 179 -9.17 25.36 -37.89
N ALA G 180 -7.99 25.08 -37.34
CA ALA G 180 -7.32 26.04 -36.46
C ALA G 180 -6.98 27.34 -37.20
N LYS G 181 -6.56 27.22 -38.46
CA LYS G 181 -6.31 28.39 -39.31
C LYS G 181 -7.61 29.19 -39.55
N GLU G 182 -8.67 28.49 -39.97
CA GLU G 182 -9.98 29.13 -40.14
C GLU G 182 -10.49 29.78 -38.85
N TYR G 183 -10.21 29.16 -37.71
CA TYR G 183 -10.59 29.73 -36.42
C TYR G 183 -9.80 31.00 -36.05
N GLY G 184 -8.59 31.17 -36.60
CA GLY G 184 -7.71 32.27 -36.25
C GLY G 184 -6.68 31.96 -35.16
N LEU G 185 -6.55 30.68 -34.79
CA LEU G 185 -5.57 30.24 -33.78
C LEU G 185 -4.17 30.24 -34.37
N ILE G 186 -4.07 29.95 -35.67
CA ILE G 186 -2.83 30.01 -36.41
C ILE G 186 -3.08 30.80 -37.70
N ASP G 187 -1.99 31.17 -38.37
CA ASP G 187 -2.06 31.91 -39.63
C ASP G 187 -1.93 31.04 -40.86
N GLU G 188 -1.10 29.99 -40.78
CA GLU G 188 -0.83 29.12 -41.95
C GLU G 188 -0.62 27.66 -41.51
N VAL G 189 -1.07 26.74 -42.35
CA VAL G 189 -0.67 25.36 -42.30
C VAL G 189 0.57 25.21 -43.20
N MET G 190 1.68 24.72 -42.65
CA MET G 190 2.91 24.49 -43.41
C MET G 190 2.80 23.19 -44.21
N VAL G 191 2.62 23.32 -45.52
CA VAL G 191 2.63 22.16 -46.41
C VAL G 191 4.06 21.72 -46.75
N PRO G 192 4.28 20.41 -46.99
CA PRO G 192 5.64 19.86 -47.22
C PRO G 192 6.46 20.49 -48.37
N LEU H 3 -16.08 -14.10 21.58
CA LEU H 3 -16.36 -15.02 22.72
C LEU H 3 -17.04 -14.28 23.89
N ILE H 4 -18.28 -13.83 23.66
CA ILE H 4 -19.17 -13.32 24.73
C ILE H 4 -20.21 -14.40 25.08
N PRO H 5 -20.13 -14.96 26.30
CA PRO H 5 -20.95 -16.14 26.59
C PRO H 5 -22.41 -15.83 26.91
N THR H 6 -23.25 -16.85 26.74
CA THR H 6 -24.68 -16.77 27.04
C THR H 6 -24.99 -17.44 28.40
N VAL H 7 -25.99 -16.90 29.09
CA VAL H 7 -26.58 -17.51 30.28
C VAL H 7 -28.11 -17.61 30.13
N ILE H 8 -28.69 -18.71 30.60
CA ILE H 8 -30.14 -18.95 30.42
C ILE H 8 -30.85 -18.94 31.79
N GLU H 9 -31.77 -18.01 32.01
CA GLU H 9 -32.50 -17.95 33.28
C GLU H 9 -33.67 -18.95 33.28
N GLU H 15 -37.36 -20.26 29.65
CA GLU H 15 -35.98 -20.05 29.22
C GLU H 15 -35.80 -18.70 28.47
N ARG H 16 -35.29 -17.70 29.21
CA ARG H 16 -34.83 -16.40 28.68
C ARG H 16 -33.30 -16.45 28.45
N ALA H 17 -32.83 -16.17 27.22
CA ALA H 17 -31.39 -16.18 26.91
C ALA H 17 -30.82 -14.74 26.86
N TYR H 18 -29.69 -14.56 27.54
CA TYR H 18 -28.99 -13.30 27.71
C TYR H 18 -27.50 -13.52 27.40
N ASP H 19 -26.86 -12.61 26.64
CA ASP H 19 -25.39 -12.53 26.71
C ASP H 19 -25.00 -12.02 28.14
N ILE H 20 -23.73 -12.23 28.52
CA ILE H 20 -23.31 -11.93 29.90
C ILE H 20 -23.53 -10.45 30.30
N TYR H 21 -23.30 -9.53 29.38
CA TYR H 21 -23.47 -8.09 29.66
C TYR H 21 -24.93 -7.74 29.87
N SER H 22 -25.80 -8.30 29.05
CA SER H 22 -27.25 -8.14 29.22
C SER H 22 -27.74 -8.69 30.56
N ARG H 23 -27.16 -9.81 30.97
CA ARG H 23 -27.48 -10.37 32.27
C ARG H 23 -27.09 -9.43 33.40
N LEU H 24 -25.89 -8.84 33.32
CA LEU H 24 -25.48 -7.83 34.32
C LEU H 24 -26.38 -6.59 34.30
N LEU H 25 -26.78 -6.16 33.12
CA LEU H 25 -27.68 -4.99 32.98
C LEU H 25 -29.02 -5.22 33.70
N LYS H 26 -29.51 -6.46 33.67
CA LYS H 26 -30.70 -6.85 34.44
C LYS H 26 -30.55 -6.55 35.93
N ASP H 27 -29.33 -6.65 36.46
CA ASP H 27 -29.04 -6.25 37.85
C ASP H 27 -28.46 -4.83 38.00
N ARG H 28 -28.74 -3.97 37.02
CA ARG H 28 -28.40 -2.54 37.09
C ARG H 28 -26.89 -2.28 37.08
N ILE H 29 -26.14 -3.18 36.40
CA ILE H 29 -24.71 -3.05 36.24
C ILE H 29 -24.44 -2.70 34.77
N ILE H 30 -23.76 -1.57 34.56
CA ILE H 30 -23.33 -1.13 33.24
C ILE H 30 -21.81 -1.26 33.18
N MET H 31 -21.31 -1.85 32.08
CA MET H 31 -19.86 -2.07 31.91
C MET H 31 -19.29 -1.08 30.90
N LEU H 32 -18.48 -0.13 31.38
CA LEU H 32 -17.70 0.75 30.50
C LEU H 32 -16.33 0.13 30.44
N GLY H 33 -16.10 -0.68 29.40
CA GLY H 33 -14.92 -1.50 29.29
C GLY H 33 -14.10 -1.23 28.03
N SER H 34 -14.18 -0.02 27.50
CA SER H 34 -13.48 0.31 26.27
C SER H 34 -13.16 1.81 26.21
N GLN H 35 -12.49 2.20 25.15
CA GLN H 35 -12.33 3.58 24.75
C GLN H 35 -13.71 4.25 24.66
N ILE H 36 -13.79 5.50 25.10
CA ILE H 36 -15.04 6.26 25.07
C ILE H 36 -15.12 7.00 23.73
N ASP H 37 -16.03 6.56 22.88
CA ASP H 37 -16.39 7.30 21.67
C ASP H 37 -17.90 7.52 21.68
N ASP H 38 -18.41 8.15 20.63
CA ASP H 38 -19.85 8.44 20.53
C ASP H 38 -20.75 7.19 20.61
N ASN H 39 -20.34 6.08 20.00
CA ASN H 39 -21.13 4.83 20.07
C ASN H 39 -21.24 4.31 21.48
N VAL H 40 -20.10 4.27 22.18
CA VAL H 40 -20.05 3.80 23.55
C VAL H 40 -20.90 4.70 24.44
N ALA H 41 -20.77 6.02 24.28
CA ALA H 41 -21.55 6.96 25.07
C ALA H 41 -23.06 6.79 24.83
N ASN H 42 -23.45 6.65 23.57
CA ASN H 42 -24.85 6.46 23.22
C ASN H 42 -25.44 5.20 23.87
N SER H 43 -24.65 4.13 23.87
CA SER H 43 -25.06 2.90 24.50
C SER H 43 -25.21 3.07 26.01
N ILE H 44 -24.22 3.69 26.64
CA ILE H 44 -24.25 3.87 28.09
C ILE H 44 -25.34 4.82 28.53
N VAL H 45 -25.51 5.91 27.79
CA VAL H 45 -26.62 6.84 28.02
C VAL H 45 -27.98 6.10 27.94
N SER H 46 -28.15 5.28 26.91
CA SER H 46 -29.37 4.52 26.72
C SER H 46 -29.61 3.55 27.88
N GLN H 47 -28.56 2.89 28.32
CA GLN H 47 -28.64 2.00 29.47
C GLN H 47 -29.04 2.75 30.75
N LEU H 48 -28.45 3.92 30.98
CA LEU H 48 -28.79 4.72 32.15
C LEU H 48 -30.27 5.14 32.12
N LEU H 49 -30.71 5.56 30.94
CA LEU H 49 -32.09 5.98 30.74
C LEU H 49 -33.06 4.81 30.97
N PHE H 50 -32.72 3.65 30.45
CA PHE H 50 -33.52 2.44 30.64
C PHE H 50 -33.62 2.09 32.12
N LEU H 51 -32.49 2.09 32.82
CA LEU H 51 -32.47 1.69 34.21
C LEU H 51 -33.24 2.65 35.13
N GLN H 52 -33.15 3.95 34.88
CA GLN H 52 -33.94 4.94 35.61
C GLN H 52 -35.46 4.69 35.42
N ALA H 53 -35.87 4.41 34.20
CA ALA H 53 -37.28 4.14 33.90
C ALA H 53 -37.77 2.84 34.57
N GLN H 54 -36.91 1.83 34.63
CA GLN H 54 -37.23 0.58 35.34
C GLN H 54 -37.42 0.83 36.83
N ASP H 55 -36.53 1.61 37.41
CA ASP H 55 -36.52 1.91 38.82
C ASP H 55 -35.81 3.23 39.07
N SER H 56 -36.52 4.26 39.47
CA SER H 56 -35.93 5.58 39.68
C SER H 56 -35.21 5.75 41.02
N GLU H 57 -35.27 4.74 41.90
CA GLU H 57 -34.69 4.84 43.24
C GLU H 57 -33.51 3.92 43.53
N LYS H 58 -33.45 2.74 42.90
CA LYS H 58 -32.35 1.80 43.18
C LYS H 58 -31.06 2.29 42.48
N ASP H 59 -29.96 2.10 43.20
CA ASP H 59 -28.64 2.38 42.69
C ASP H 59 -28.35 1.67 41.36
N ILE H 60 -27.52 2.32 40.56
CA ILE H 60 -26.93 1.77 39.35
C ILE H 60 -25.44 1.62 39.64
N TYR H 61 -24.81 0.63 39.02
CA TYR H 61 -23.38 0.36 39.18
C TYR H 61 -22.69 0.53 37.82
N LEU H 62 -21.77 1.49 37.73
CA LEU H 62 -20.97 1.73 36.53
C LEU H 62 -19.54 1.24 36.77
N TYR H 63 -19.23 0.11 36.16
CA TYR H 63 -17.88 -0.48 36.12
C TYR H 63 -17.07 0.31 35.08
N ILE H 64 -15.86 0.71 35.45
CA ILE H 64 -15.01 1.49 34.56
C ILE H 64 -13.65 0.82 34.43
N ASN H 65 -13.38 0.30 33.22
CA ASN H 65 -12.04 -0.10 32.79
C ASN H 65 -11.86 0.52 31.40
N SER H 66 -11.27 1.71 31.35
CA SER H 66 -11.25 2.52 30.14
C SER H 66 -10.03 3.42 30.08
N PRO H 67 -9.38 3.51 28.90
CA PRO H 67 -8.27 4.44 28.72
C PRO H 67 -8.74 5.87 28.42
N GLY H 68 -10.05 6.12 28.39
CA GLY H 68 -10.58 7.44 28.11
C GLY H 68 -11.04 7.52 26.67
N GLY H 69 -11.03 8.71 26.10
CA GLY H 69 -11.46 8.95 24.73
C GLY H 69 -12.08 10.33 24.57
N SER H 70 -13.13 10.41 23.74
CA SER H 70 -13.76 11.68 23.43
C SER H 70 -14.31 12.39 24.65
N VAL H 71 -13.95 13.66 24.78
CA VAL H 71 -14.42 14.48 25.90
C VAL H 71 -15.92 14.75 25.81
N THR H 72 -16.43 15.07 24.62
CA THR H 72 -17.87 15.34 24.47
C THR H 72 -18.69 14.06 24.70
N ALA H 73 -18.20 12.93 24.21
CA ALA H 73 -18.84 11.66 24.49
C ALA H 73 -18.84 11.37 26.01
N GLY H 74 -17.71 11.65 26.65
CA GLY H 74 -17.62 11.53 28.09
C GLY H 74 -18.62 12.40 28.82
N PHE H 75 -18.80 13.62 28.32
CA PHE H 75 -19.78 14.53 28.90
C PHE H 75 -21.23 14.12 28.66
N ALA H 76 -21.50 13.41 27.58
CA ALA H 76 -22.81 12.81 27.38
C ALA H 76 -23.14 11.87 28.53
N ILE H 77 -22.17 11.03 28.89
CA ILE H 77 -22.32 10.11 29.99
C ILE H 77 -22.41 10.87 31.31
N TYR H 78 -21.49 11.80 31.53
CA TYR H 78 -21.43 12.58 32.76
C TYR H 78 -22.77 13.27 33.05
N ASP H 79 -23.27 14.01 32.07
CA ASP H 79 -24.50 14.77 32.25
C ASP H 79 -25.71 13.87 32.47
N THR H 80 -25.72 12.70 31.81
CA THR H 80 -26.81 11.75 32.01
C THR H 80 -26.76 11.19 33.42
N ILE H 81 -25.57 10.88 33.93
CA ILE H 81 -25.43 10.44 35.31
C ILE H 81 -26.03 11.47 36.26
N GLN H 82 -25.64 12.73 36.12
CA GLN H 82 -26.12 13.75 37.05
C GLN H 82 -27.62 14.03 36.88
N HIS H 83 -28.13 13.86 35.66
CA HIS H 83 -29.54 14.15 35.38
C HIS H 83 -30.51 13.16 35.99
N ILE H 84 -30.18 11.88 35.96
CA ILE H 84 -31.10 10.84 36.44
C ILE H 84 -31.19 10.83 37.96
N LYS H 85 -32.30 10.29 38.47
CA LYS H 85 -32.57 10.25 39.91
C LYS H 85 -31.73 9.24 40.67
N PRO H 86 -31.61 8.00 40.18
CA PRO H 86 -30.80 7.02 40.93
C PRO H 86 -29.33 7.44 41.10
N ASP H 87 -28.76 7.09 42.25
CA ASP H 87 -27.32 7.20 42.45
C ASP H 87 -26.61 6.25 41.48
N VAL H 88 -25.53 6.72 40.86
CA VAL H 88 -24.68 5.87 40.03
C VAL H 88 -23.38 5.66 40.78
N GLN H 89 -23.17 4.44 41.26
CA GLN H 89 -21.92 4.05 41.87
C GLN H 89 -20.89 3.85 40.75
N THR H 90 -19.64 4.20 41.01
CA THR H 90 -18.55 3.94 40.06
C THR H 90 -17.53 3.04 40.71
N ILE H 91 -17.03 2.07 39.93
CA ILE H 91 -16.02 1.12 40.41
C ILE H 91 -14.95 1.01 39.33
N CYS H 92 -13.73 1.42 39.68
CA CYS H 92 -12.60 1.30 38.77
C CYS H 92 -11.95 -0.06 38.93
N ILE H 93 -11.89 -0.79 37.83
CA ILE H 93 -11.28 -2.10 37.79
C ILE H 93 -10.32 -2.09 36.59
N GLY H 94 -9.07 -2.45 36.83
CA GLY H 94 -8.03 -2.35 35.81
C GLY H 94 -7.44 -0.95 35.68
N MET H 95 -8.11 -0.10 34.91
CA MET H 95 -7.59 1.25 34.61
C MET H 95 -8.74 2.21 34.37
N ALA H 96 -8.64 3.42 34.91
CA ALA H 96 -9.47 4.53 34.47
C ALA H 96 -8.51 5.67 34.15
N ALA H 97 -8.37 6.00 32.88
CA ALA H 97 -7.48 7.08 32.45
C ALA H 97 -8.27 8.16 31.75
N SER H 98 -7.80 9.41 31.91
CA SER H 98 -8.31 10.55 31.17
C SER H 98 -9.80 10.69 31.45
N MET H 99 -10.64 10.71 30.40
CA MET H 99 -12.06 10.86 30.58
CA MET H 99 -12.06 10.86 30.58
C MET H 99 -12.66 9.69 31.38
N GLY H 100 -11.98 8.53 31.39
CA GLY H 100 -12.35 7.42 32.25
C GLY H 100 -12.27 7.74 33.73
N SER H 101 -11.21 8.43 34.12
CA SER H 101 -11.03 8.83 35.51
C SER H 101 -11.97 9.98 35.87
N PHE H 102 -12.28 10.84 34.87
CA PHE H 102 -13.27 11.90 35.07
C PHE H 102 -14.64 11.28 35.41
N LEU H 103 -15.02 10.24 34.69
CA LEU H 103 -16.29 9.55 34.94
C LEU H 103 -16.28 8.79 36.28
N LEU H 104 -15.14 8.21 36.64
CA LEU H 104 -14.99 7.57 37.93
C LEU H 104 -15.31 8.57 39.08
N ALA H 105 -14.76 9.77 38.96
CA ALA H 105 -14.95 10.84 39.95
C ALA H 105 -16.36 11.41 39.97
N ALA H 106 -17.13 11.14 38.91
CA ALA H 106 -18.48 11.66 38.74
C ALA H 106 -19.58 10.79 39.38
N GLY H 107 -19.21 9.64 39.95
CA GLY H 107 -20.17 8.77 40.61
C GLY H 107 -20.73 9.43 41.85
N ALA H 108 -21.84 8.91 42.37
CA ALA H 108 -22.50 9.47 43.57
C ALA H 108 -21.51 9.57 44.73
N LYS H 109 -21.53 10.70 45.42
CA LYS H 109 -20.58 10.93 46.53
C LYS H 109 -20.77 9.85 47.60
N GLY H 110 -19.65 9.31 48.06
CA GLY H 110 -19.64 8.16 48.94
C GLY H 110 -19.69 6.80 48.26
N LYS H 111 -19.96 6.76 46.94
CA LYS H 111 -20.12 5.49 46.23
C LYS H 111 -19.19 5.37 45.00
N ARG H 112 -17.99 5.94 45.12
CA ARG H 112 -16.97 5.85 44.10
C ARG H 112 -15.85 4.97 44.67
N PHE H 113 -15.56 3.89 43.95
CA PHE H 113 -14.66 2.86 44.42
C PHE H 113 -13.59 2.51 43.39
N ALA H 114 -12.53 1.88 43.88
CA ALA H 114 -11.59 1.18 43.01
C ALA H 114 -11.15 -0.08 43.72
N LEU H 115 -10.80 -1.11 42.96
CA LEU H 115 -10.17 -2.29 43.54
C LEU H 115 -8.68 -1.99 43.72
N PRO H 116 -8.00 -2.71 44.63
CA PRO H 116 -6.69 -2.24 45.15
C PRO H 116 -5.58 -2.03 44.13
N ASN H 117 -5.57 -2.80 43.06
CA ASN H 117 -4.53 -2.76 42.05
C ASN H 117 -4.95 -2.01 40.80
N ALA H 118 -6.15 -1.42 40.83
CA ALA H 118 -6.62 -0.60 39.74
C ALA H 118 -5.77 0.66 39.63
N GLU H 119 -5.62 1.13 38.41
CA GLU H 119 -4.76 2.28 38.08
C GLU H 119 -5.68 3.45 37.69
N VAL H 120 -5.38 4.64 38.20
CA VAL H 120 -6.12 5.84 37.82
C VAL H 120 -5.11 6.80 37.22
N MET H 121 -5.42 7.37 36.06
CA MET H 121 -4.53 8.36 35.44
C MET H 121 -5.30 9.60 35.06
N ILE H 122 -4.73 10.74 35.39
CA ILE H 122 -5.32 12.04 35.04
C ILE H 122 -4.32 12.81 34.21
N HIS H 123 -4.82 13.55 33.22
CA HIS H 123 -3.99 14.41 32.38
C HIS H 123 -4.85 15.44 31.67
N GLN H 124 -4.21 16.39 31.00
CA GLN H 124 -4.95 17.41 30.26
C GLN H 124 -5.50 16.85 28.95
N PRO H 125 -6.59 17.46 28.41
CA PRO H 125 -7.14 16.97 27.15
C PRO H 125 -6.19 17.12 25.95
N LEU H 126 -6.38 16.24 24.99
CA LEU H 126 -5.61 16.17 23.75
C LEU H 126 -6.50 16.59 22.59
N GLY H 127 -5.88 17.13 21.56
CA GLY H 127 -6.61 17.55 20.37
C GLY H 127 -5.71 17.95 19.24
N GLY H 128 -6.31 18.58 18.25
CA GLY H 128 -5.65 18.98 17.04
C GLY H 128 -6.35 20.17 16.40
N ALA H 129 -5.65 20.80 15.47
CA ALA H 129 -6.17 21.94 14.76
C ALA H 129 -5.32 22.14 13.52
N GLN H 130 -5.98 22.46 12.41
CA GLN H 130 -5.32 22.61 11.15
C GLN H 130 -6.02 23.71 10.36
N GLY H 131 -5.25 24.51 9.64
CA GLY H 131 -5.80 25.49 8.71
C GLY H 131 -5.23 26.88 8.94
N GLN H 132 -6.07 27.89 8.73
CA GLN H 132 -5.66 29.27 8.86
C GLN H 132 -5.40 29.64 10.32
N ALA H 133 -4.59 30.68 10.51
CA ALA H 133 -4.29 31.19 11.84
C ALA H 133 -5.54 31.40 12.71
N THR H 134 -6.59 31.99 12.14
CA THR H 134 -7.80 32.26 12.93
C THR H 134 -8.56 30.96 13.27
N GLU H 135 -8.49 29.96 12.39
CA GLU H 135 -9.05 28.63 12.68
C GLU H 135 -8.28 27.97 13.82
N ILE H 136 -6.95 28.08 13.81
CA ILE H 136 -6.11 27.51 14.87
C ILE H 136 -6.47 28.19 16.19
N GLU H 137 -6.64 29.52 16.16
CA GLU H 137 -7.01 30.29 17.34
C GLU H 137 -8.35 29.80 17.93
N ILE H 138 -9.35 29.64 17.07
CA ILE H 138 -10.66 29.15 17.51
C ILE H 138 -10.52 27.77 18.18
N ALA H 139 -9.79 26.85 17.54
CA ALA H 139 -9.59 25.52 18.10
C ALA H 139 -8.82 25.57 19.43
N ALA H 140 -7.82 26.45 19.53
CA ALA H 140 -7.07 26.60 20.77
C ALA H 140 -7.97 27.12 21.91
N ASN H 141 -8.73 28.17 21.62
CA ASN H 141 -9.66 28.73 22.59
C ASN H 141 -10.66 27.68 23.07
N HIS H 142 -11.18 26.89 22.13
CA HIS H 142 -12.13 25.84 22.47
C HIS H 142 -11.55 24.78 23.38
N ILE H 143 -10.37 24.24 23.04
CA ILE H 143 -9.76 23.19 23.87
C ILE H 143 -9.33 23.74 25.25
N LEU H 144 -8.90 25.01 25.32
CA LEU H 144 -8.61 25.63 26.61
C LEU H 144 -9.85 25.79 27.49
N LYS H 145 -10.96 26.23 26.89
CA LYS H 145 -12.24 26.30 27.62
C LYS H 145 -12.70 24.91 28.10
N THR H 146 -12.52 23.90 27.26
CA THR H 146 -12.86 22.52 27.61
C THR H 146 -12.04 22.06 28.82
N ARG H 147 -10.75 22.41 28.83
CA ARG H 147 -9.89 22.07 29.96
C ARG H 147 -10.34 22.78 31.25
N GLU H 148 -10.69 24.07 31.15
CA GLU H 148 -11.22 24.80 32.31
C GLU H 148 -12.49 24.15 32.85
N LYS H 149 -13.38 23.74 31.96
CA LYS H 149 -14.63 23.07 32.33
C LYS H 149 -14.35 21.76 33.07
N LEU H 150 -13.46 20.94 32.51
CA LEU H 150 -13.05 19.68 33.12
C LEU H 150 -12.45 19.89 34.51
N ASN H 151 -11.53 20.85 34.60
CA ASN H 151 -10.84 21.13 35.84
C ASN H 151 -11.76 21.68 36.93
N ARG H 152 -12.69 22.53 36.58
CA ARG H 152 -13.65 23.05 37.53
C ARG H 152 -14.47 21.94 38.10
N ILE H 153 -14.99 21.07 37.24
CA ILE H 153 -15.82 19.96 37.71
C ILE H 153 -15.00 19.01 38.58
N LEU H 154 -13.77 18.72 38.15
CA LEU H 154 -12.90 17.85 38.93
C LEU H 154 -12.62 18.44 40.32
N SER H 155 -12.44 19.77 40.38
CA SER H 155 -12.28 20.48 41.65
C SER H 155 -13.51 20.29 42.57
N GLU H 156 -14.70 20.48 42.02
CA GLU H 156 -15.96 20.28 42.76
C GLU H 156 -16.10 18.84 43.25
N ARG H 157 -15.70 17.86 42.43
CA ARG H 157 -15.84 16.43 42.78
C ARG H 157 -14.79 15.90 43.75
N THR H 158 -13.59 16.49 43.73
CA THR H 158 -12.50 16.00 44.54
C THR H 158 -12.26 16.80 45.82
N GLY H 159 -12.69 18.06 45.83
CA GLY H 159 -12.31 19.00 46.88
C GLY H 159 -10.95 19.66 46.68
N GLN H 160 -10.24 19.35 45.59
CA GLN H 160 -8.96 20.00 45.30
C GLN H 160 -9.21 21.33 44.62
N SER H 161 -8.30 22.27 44.78
CA SER H 161 -8.40 23.55 44.07
C SER H 161 -8.19 23.37 42.56
N ILE H 162 -8.76 24.29 41.80
CA ILE H 162 -8.56 24.37 40.35
C ILE H 162 -7.06 24.48 40.02
N GLU H 163 -6.32 25.24 40.82
CA GLU H 163 -4.88 25.44 40.59
C GLU H 163 -4.12 24.13 40.78
N LYS H 164 -4.46 23.37 41.81
CA LYS H 164 -3.81 22.07 42.04
C LYS H 164 -4.14 21.09 40.90
N ILE H 165 -5.41 21.07 40.48
CA ILE H 165 -5.83 20.19 39.39
C ILE H 165 -5.07 20.52 38.09
N GLN H 166 -4.98 21.81 37.78
CA GLN H 166 -4.20 22.31 36.63
C GLN H 166 -2.76 21.79 36.67
N LYS H 167 -2.09 21.97 37.80
CA LYS H 167 -0.69 21.52 37.96
C LYS H 167 -0.58 19.99 37.86
N ASP H 168 -1.49 19.27 38.50
CA ASP H 168 -1.41 17.81 38.56
C ASP H 168 -1.80 17.11 37.27
N THR H 169 -2.45 17.81 36.34
CA THR H 169 -2.86 17.25 35.06
C THR H 169 -2.00 17.76 33.89
N ASP H 170 -0.96 18.52 34.20
CA ASP H 170 -0.10 19.11 33.16
C ASP H 170 0.52 18.02 32.30
N ARG H 171 0.95 16.95 32.95
CA ARG H 171 1.46 15.74 32.29
C ARG H 171 0.70 14.55 32.85
N ASP H 172 0.88 13.40 32.20
CA ASP H 172 0.34 12.14 32.65
C ASP H 172 0.72 11.91 34.12
N ASN H 173 -0.30 11.69 34.94
CA ASN H 173 -0.14 11.52 36.36
C ASN H 173 -0.87 10.24 36.77
N PHE H 174 -0.10 9.20 37.06
CA PHE H 174 -0.60 7.88 37.42
C PHE H 174 -0.79 7.80 38.93
N LEU H 175 -1.95 7.32 39.36
CA LEU H 175 -2.25 7.15 40.78
C LEU H 175 -2.63 5.72 41.07
N THR H 176 -2.15 5.21 42.21
CA THR H 176 -2.68 3.96 42.77
C THR H 176 -4.11 4.20 43.27
N ALA H 177 -4.84 3.11 43.54
CA ALA H 177 -6.20 3.22 44.08
C ALA H 177 -6.20 4.04 45.37
N GLU H 178 -5.25 3.77 46.25
CA GLU H 178 -5.13 4.47 47.52
C GLU H 178 -4.85 5.97 47.32
N GLU H 179 -3.94 6.29 46.39
CA GLU H 179 -3.68 7.69 46.03
C GLU H 179 -4.90 8.38 45.43
N ALA H 180 -5.67 7.65 44.63
CA ALA H 180 -6.91 8.21 44.07
C ALA H 180 -7.91 8.57 45.19
N LYS H 181 -7.98 7.72 46.20
CA LYS H 181 -8.81 8.00 47.37
C LYS H 181 -8.33 9.25 48.13
N GLU H 182 -7.04 9.32 48.42
CA GLU H 182 -6.45 10.51 49.04
C GLU H 182 -6.66 11.77 48.21
N TYR H 183 -6.61 11.63 46.90
CA TYR H 183 -6.86 12.77 46.02
C TYR H 183 -8.33 13.24 46.03
N GLY H 184 -9.27 12.36 46.36
CA GLY H 184 -10.71 12.66 46.29
C GLY H 184 -11.38 12.21 45.00
N LEU H 185 -10.69 11.44 44.16
CA LEU H 185 -11.28 10.91 42.92
C LEU H 185 -12.25 9.78 43.20
N ILE H 186 -11.97 9.02 44.26
CA ILE H 186 -12.83 7.97 44.77
C ILE H 186 -12.99 8.16 46.27
N ASP H 187 -13.95 7.43 46.84
CA ASP H 187 -14.23 7.48 48.28
C ASP H 187 -13.60 6.34 49.06
N GLU H 188 -13.53 5.15 48.47
CA GLU H 188 -13.00 3.95 49.15
C GLU H 188 -12.29 3.02 48.17
N VAL H 189 -11.24 2.38 48.67
CA VAL H 189 -10.65 1.21 48.06
C VAL H 189 -11.36 -0.01 48.62
N MET H 190 -11.94 -0.85 47.75
CA MET H 190 -12.58 -2.10 48.18
C MET H 190 -11.54 -3.18 48.43
N VAL H 191 -11.30 -3.47 49.70
CA VAL H 191 -10.40 -4.58 50.09
C VAL H 191 -11.15 -5.93 50.02
N PRO H 192 -10.44 -7.03 49.72
CA PRO H 192 -11.11 -8.34 49.50
C PRO H 192 -11.96 -8.90 50.65
N LEU I 3 -21.16 -4.02 20.89
CA LEU I 3 -21.57 -4.30 22.32
C LEU I 3 -22.90 -3.58 22.69
N ILE I 4 -23.97 -3.97 22.01
CA ILE I 4 -25.33 -3.41 22.24
C ILE I 4 -26.15 -4.42 23.05
N PRO I 5 -26.50 -4.08 24.32
CA PRO I 5 -27.12 -5.09 25.17
C PRO I 5 -28.61 -5.33 24.92
N THR I 6 -29.09 -6.50 25.33
CA THR I 6 -30.47 -6.90 25.22
C THR I 6 -31.20 -6.73 26.56
N VAL I 7 -32.50 -6.42 26.48
CA VAL I 7 -33.42 -6.43 27.63
C VAL I 7 -34.67 -7.26 27.30
N ILE I 8 -35.18 -8.01 28.26
CA ILE I 8 -36.33 -8.90 28.03
C ILE I 8 -37.56 -8.44 28.80
N GLU I 9 -38.65 -8.17 28.05
CA GLU I 9 -40.02 -8.11 28.65
C GLU I 9 -41.28 -8.47 27.76
N ARG I 16 -40.49 -11.13 25.18
CA ARG I 16 -40.13 -10.20 24.10
C ARG I 16 -38.68 -9.71 24.26
N ALA I 17 -37.81 -9.95 23.28
CA ALA I 17 -36.39 -9.51 23.37
C ALA I 17 -36.17 -8.27 22.48
N TYR I 18 -35.54 -7.26 23.07
CA TYR I 18 -35.24 -5.97 22.47
C TYR I 18 -33.76 -5.65 22.69
N ASP I 19 -33.04 -5.18 21.69
CA ASP I 19 -31.80 -4.44 21.94
C ASP I 19 -32.16 -3.11 22.66
N ILE I 20 -31.18 -2.48 23.30
CA ILE I 20 -31.46 -1.30 24.16
C ILE I 20 -32.12 -0.15 23.37
N TYR I 21 -31.68 0.08 22.13
CA TYR I 21 -32.24 1.16 21.31
C TYR I 21 -33.71 0.90 20.94
N SER I 22 -34.01 -0.34 20.60
CA SER I 22 -35.40 -0.76 20.34
C SER I 22 -36.28 -0.59 21.57
N ARG I 23 -35.73 -0.90 22.74
CA ARG I 23 -36.46 -0.69 23.98
C ARG I 23 -36.78 0.78 24.21
N LEU I 24 -35.81 1.67 23.96
CA LEU I 24 -36.07 3.12 24.08
C LEU I 24 -37.10 3.59 23.05
N LEU I 25 -37.03 3.04 21.84
CA LEU I 25 -38.00 3.40 20.78
C LEU I 25 -39.43 3.06 21.18
N LYS I 26 -39.61 1.96 21.90
CA LYS I 26 -40.92 1.60 22.48
C LYS I 26 -41.49 2.73 23.35
N ASP I 27 -40.63 3.48 24.03
CA ASP I 27 -41.06 4.69 24.78
C ASP I 27 -40.88 6.01 24.03
N ARG I 28 -40.86 5.94 22.69
CA ARG I 28 -40.86 7.13 21.83
C ARG I 28 -39.58 7.95 21.93
N ILE I 29 -38.46 7.27 22.22
CA ILE I 29 -37.15 7.90 22.29
C ILE I 29 -36.32 7.42 21.10
N ILE I 30 -35.86 8.38 20.30
CA ILE I 30 -34.95 8.12 19.17
C ILE I 30 -33.58 8.65 19.52
N MET I 31 -32.53 7.86 19.26
CA MET I 31 -31.15 8.26 19.58
C MET I 31 -30.40 8.62 18.28
N LEU I 32 -30.09 9.89 18.08
CA LEU I 32 -29.18 10.34 17.01
C LEU I 32 -27.83 10.49 17.66
N GLY I 33 -27.02 9.45 17.56
CA GLY I 33 -25.75 9.37 18.26
C GLY I 33 -24.53 9.22 17.37
N SER I 34 -24.61 9.68 16.13
CA SER I 34 -23.51 9.54 15.20
C SER I 34 -23.50 10.64 14.16
N GLN I 35 -22.52 10.58 13.28
CA GLN I 35 -22.48 11.37 12.05
C GLN I 35 -23.78 11.15 11.27
N ILE I 36 -24.29 12.22 10.67
CA ILE I 36 -25.53 12.16 9.89
C ILE I 36 -25.15 11.84 8.43
N ASP I 37 -25.49 10.63 8.00
CA ASP I 37 -25.42 10.26 6.59
C ASP I 37 -26.79 9.73 6.16
N ASP I 38 -26.90 9.32 4.91
CA ASP I 38 -28.15 8.81 4.38
C ASP I 38 -28.72 7.61 5.13
N ASN I 39 -27.87 6.68 5.58
CA ASN I 39 -28.34 5.52 6.38
C ASN I 39 -28.96 5.95 7.68
N VAL I 40 -28.27 6.83 8.40
CA VAL I 40 -28.75 7.32 9.68
C VAL I 40 -30.06 8.08 9.48
N ALA I 41 -30.14 8.94 8.47
CA ALA I 41 -31.37 9.69 8.20
C ALA I 41 -32.53 8.76 7.88
N ASN I 42 -32.30 7.75 7.04
CA ASN I 42 -33.34 6.80 6.68
C ASN I 42 -33.88 6.07 7.89
N SER I 43 -32.98 5.68 8.80
CA SER I 43 -33.37 5.02 10.03
C SER I 43 -34.21 5.96 10.91
N ILE I 44 -33.75 7.19 11.09
CA ILE I 44 -34.44 8.14 11.94
C ILE I 44 -35.78 8.55 11.36
N VAL I 45 -35.82 8.79 10.06
CA VAL I 45 -37.07 9.06 9.34
C VAL I 45 -38.08 7.91 9.56
N SER I 46 -37.61 6.67 9.41
CA SER I 46 -38.45 5.50 9.59
C SER I 46 -38.98 5.41 11.01
N GLN I 47 -38.13 5.70 11.98
CA GLN I 47 -38.52 5.73 13.39
C GLN I 47 -39.60 6.79 13.65
N LEU I 48 -39.41 7.98 13.09
CA LEU I 48 -40.39 9.06 13.25
C LEU I 48 -41.74 8.66 12.66
N LEU I 49 -41.69 8.06 11.48
CA LEU I 49 -42.89 7.60 10.78
C LEU I 49 -43.61 6.53 11.58
N PHE I 50 -42.85 5.57 12.12
CA PHE I 50 -43.41 4.53 12.95
C PHE I 50 -44.10 5.11 14.18
N LEU I 51 -43.42 6.02 14.87
CA LEU I 51 -43.95 6.58 16.10
C LEU I 51 -45.22 7.41 15.90
N GLN I 52 -45.29 8.12 14.78
CA GLN I 52 -46.48 8.92 14.47
C GLN I 52 -47.67 7.99 14.23
N ALA I 53 -47.43 6.89 13.52
CA ALA I 53 -48.49 5.91 13.24
C ALA I 53 -48.97 5.21 14.52
N GLN I 54 -48.06 4.93 15.45
CA GLN I 54 -48.42 4.36 16.74
C GLN I 54 -49.29 5.31 17.55
N ASP I 55 -48.94 6.59 17.54
CA ASP I 55 -49.67 7.61 18.28
C ASP I 55 -49.35 8.97 17.71
N SER I 56 -50.35 9.59 17.07
CA SER I 56 -50.13 10.88 16.40
C SER I 56 -50.16 12.09 17.34
N GLU I 57 -50.41 11.89 18.63
CA GLU I 57 -50.52 12.99 19.59
C GLU I 57 -49.39 13.03 20.65
N LYS I 58 -48.87 11.89 21.06
CA LYS I 58 -47.86 11.86 22.11
C LYS I 58 -46.50 12.35 21.61
N ASP I 59 -45.82 13.12 22.45
CA ASP I 59 -44.49 13.62 22.18
C ASP I 59 -43.51 12.49 21.82
N ILE I 60 -42.54 12.85 20.97
CA ILE I 60 -41.39 12.04 20.64
C ILE I 60 -40.17 12.76 21.23
N TYR I 61 -39.15 11.99 21.62
CA TYR I 61 -37.93 12.55 22.19
C TYR I 61 -36.75 12.18 21.29
N LEU I 62 -36.09 13.20 20.72
CA LEU I 62 -34.92 13.01 19.86
C LEU I 62 -33.67 13.46 20.63
N TYR I 63 -32.90 12.48 21.07
CA TYR I 63 -31.58 12.69 21.67
C TYR I 63 -30.57 12.97 20.56
N ILE I 64 -29.76 14.00 20.73
CA ILE I 64 -28.77 14.41 19.72
C ILE I 64 -27.39 14.50 20.35
N ASN I 65 -26.52 13.57 19.95
CA ASN I 65 -25.08 13.66 20.15
C ASN I 65 -24.43 13.37 18.80
N SER I 66 -24.13 14.42 18.04
CA SER I 66 -23.73 14.28 16.66
C SER I 66 -22.80 15.40 16.22
N PRO I 67 -21.74 15.06 15.48
CA PRO I 67 -20.87 16.11 14.90
C PRO I 67 -21.43 16.69 13.60
N GLY I 68 -22.60 16.25 13.15
CA GLY I 68 -23.21 16.75 11.93
C GLY I 68 -23.01 15.75 10.83
N GLY I 69 -22.96 16.25 9.59
CA GLY I 69 -22.76 15.38 8.41
C GLY I 69 -23.51 15.95 7.21
N SER I 70 -24.09 15.06 6.41
CA SER I 70 -24.74 15.45 5.16
C SER I 70 -25.92 16.39 5.41
N VAL I 71 -25.92 17.49 4.67
CA VAL I 71 -26.98 18.50 4.77
C VAL I 71 -28.31 17.94 4.24
N THR I 72 -28.29 17.23 3.10
CA THR I 72 -29.53 16.68 2.56
C THR I 72 -30.09 15.58 3.45
N ALA I 73 -29.23 14.74 4.01
CA ALA I 73 -29.66 13.76 4.99
C ALA I 73 -30.27 14.45 6.22
N GLY I 74 -29.63 15.52 6.67
CA GLY I 74 -30.16 16.33 7.76
C GLY I 74 -31.52 16.88 7.45
N PHE I 75 -31.71 17.35 6.22
CA PHE I 75 -33.01 17.85 5.80
C PHE I 75 -34.09 16.78 5.65
N ALA I 76 -33.70 15.54 5.36
CA ALA I 76 -34.64 14.43 5.40
C ALA I 76 -35.24 14.31 6.79
N ILE I 77 -34.39 14.38 7.80
CA ILE I 77 -34.83 14.33 9.18
C ILE I 77 -35.64 15.57 9.54
N TYR I 78 -35.12 16.74 9.20
CA TYR I 78 -35.77 18.02 9.50
C TYR I 78 -37.20 18.05 8.97
N ASP I 79 -37.36 17.76 7.67
CA ASP I 79 -38.67 17.83 7.04
C ASP I 79 -39.63 16.80 7.60
N THR I 80 -39.13 15.62 7.96
CA THR I 80 -39.96 14.59 8.57
C THR I 80 -40.44 15.06 9.95
N ILE I 81 -39.56 15.67 10.73
CA ILE I 81 -39.97 16.24 12.02
C ILE I 81 -41.12 17.22 11.83
N GLN I 82 -40.96 18.17 10.91
CA GLN I 82 -42.00 19.19 10.72
C GLN I 82 -43.28 18.60 10.13
N HIS I 83 -43.16 17.55 9.32
CA HIS I 83 -44.31 16.97 8.65
C HIS I 83 -45.25 16.20 9.58
N ILE I 84 -44.69 15.46 10.55
CA ILE I 84 -45.50 14.66 11.44
C ILE I 84 -46.24 15.52 12.46
N LYS I 85 -47.34 14.95 12.98
CA LYS I 85 -48.21 15.66 13.93
C LYS I 85 -47.60 15.80 15.33
N PRO I 86 -47.05 14.71 15.89
CA PRO I 86 -46.49 14.84 17.24
C PRO I 86 -45.37 15.87 17.35
N ASP I 87 -45.30 16.55 18.49
CA ASP I 87 -44.17 17.36 18.84
C ASP I 87 -42.93 16.47 18.99
N VAL I 88 -41.80 16.92 18.45
CA VAL I 88 -40.53 16.23 18.64
C VAL I 88 -39.68 17.10 19.54
N GLN I 89 -39.46 16.64 20.76
CA GLN I 89 -38.54 17.28 21.70
C GLN I 89 -37.12 16.95 21.25
N THR I 90 -36.21 17.91 21.39
CA THR I 90 -34.80 17.67 21.12
C THR I 90 -34.00 17.90 22.38
N ILE I 91 -33.05 17.01 22.63
CA ILE I 91 -32.17 17.09 23.81
C ILE I 91 -30.73 16.88 23.33
N CYS I 92 -29.90 17.90 23.51
CA CYS I 92 -28.49 17.81 23.18
C CYS I 92 -27.71 17.26 24.36
N ILE I 93 -27.02 16.17 24.13
CA ILE I 93 -26.20 15.52 25.14
C ILE I 93 -24.84 15.28 24.48
N GLY I 94 -23.77 15.73 25.11
CA GLY I 94 -22.42 15.67 24.56
C GLY I 94 -22.13 16.81 23.60
N MET I 95 -22.54 16.65 22.33
CA MET I 95 -22.24 17.64 21.30
C MET I 95 -23.34 17.63 20.24
N ALA I 96 -23.74 18.82 19.78
CA ALA I 96 -24.49 18.95 18.54
C ALA I 96 -23.75 19.97 17.70
N ALA I 97 -23.13 19.52 16.61
CA ALA I 97 -22.38 20.42 15.73
C ALA I 97 -22.96 20.40 14.34
N SER I 98 -22.89 21.54 13.67
CA SER I 98 -23.25 21.66 12.26
C SER I 98 -24.70 21.25 12.07
N MET I 99 -24.95 20.28 11.19
CA MET I 99 -26.30 19.83 10.94
C MET I 99 -26.94 19.23 12.21
N GLY I 100 -26.12 18.76 13.15
CA GLY I 100 -26.60 18.31 14.46
C GLY I 100 -27.26 19.43 15.25
N SER I 101 -26.65 20.60 15.24
CA SER I 101 -27.19 21.75 15.94
C SER I 101 -28.40 22.32 15.19
N PHE I 102 -28.41 22.19 13.86
CA PHE I 102 -29.56 22.58 13.06
C PHE I 102 -30.79 21.74 13.48
N LEU I 103 -30.58 20.43 13.65
CA LEU I 103 -31.67 19.54 14.07
C LEU I 103 -32.10 19.81 15.52
N LEU I 104 -31.15 20.12 16.39
CA LEU I 104 -31.46 20.52 17.75
C LEU I 104 -32.45 21.72 17.77
N ALA I 105 -32.16 22.71 16.95
CA ALA I 105 -32.98 23.92 16.83
C ALA I 105 -34.35 23.69 16.19
N ALA I 106 -34.49 22.54 15.51
CA ALA I 106 -35.70 22.19 14.79
C ALA I 106 -36.77 21.49 15.64
N GLY I 107 -36.47 21.19 16.90
CA GLY I 107 -37.42 20.55 17.80
C GLY I 107 -38.59 21.47 18.07
N ALA I 108 -39.69 20.92 18.60
CA ALA I 108 -40.90 21.70 18.90
C ALA I 108 -40.57 22.89 19.80
N LYS I 109 -41.12 24.06 19.47
CA LYS I 109 -40.84 25.27 20.25
C LYS I 109 -41.24 25.07 21.70
N GLY I 110 -40.37 25.49 22.60
CA GLY I 110 -40.50 25.21 24.03
C GLY I 110 -39.97 23.86 24.50
N LYS I 111 -39.61 22.97 23.58
CA LYS I 111 -39.20 21.61 23.95
C LYS I 111 -37.81 21.24 23.37
N ARG I 112 -36.94 22.23 23.26
CA ARG I 112 -35.57 22.02 22.82
C ARG I 112 -34.67 22.27 24.02
N PHE I 113 -33.88 21.24 24.35
CA PHE I 113 -33.10 21.21 25.57
C PHE I 113 -31.64 20.87 25.31
N ALA I 114 -30.80 21.18 26.30
CA ALA I 114 -29.46 20.61 26.38
C ALA I 114 -29.13 20.36 27.82
N LEU I 115 -28.29 19.38 28.08
CA LEU I 115 -27.76 19.17 29.42
C LEU I 115 -26.60 20.15 29.62
N PRO I 116 -26.26 20.46 30.88
CA PRO I 116 -25.43 21.67 31.17
C PRO I 116 -24.04 21.72 30.52
N ASN I 117 -23.41 20.56 30.33
CA ASN I 117 -22.07 20.48 29.79
C ASN I 117 -22.05 20.09 28.32
N ALA I 118 -23.22 20.01 27.71
CA ALA I 118 -23.32 19.75 26.28
C ALA I 118 -22.77 20.93 25.49
N GLU I 119 -22.18 20.63 24.35
CA GLU I 119 -21.54 21.61 23.48
C GLU I 119 -22.40 21.76 22.22
N VAL I 120 -22.60 22.99 21.79
CA VAL I 120 -23.32 23.26 20.54
C VAL I 120 -22.35 24.03 19.63
N MET I 121 -22.22 23.61 18.38
CA MET I 121 -21.37 24.33 17.44
C MET I 121 -22.13 24.63 16.17
N ILE I 122 -22.02 25.86 15.71
CA ILE I 122 -22.64 26.27 14.45
C ILE I 122 -21.54 26.78 13.52
N HIS I 123 -21.69 26.48 12.24
CA HIS I 123 -20.77 26.95 11.21
C HIS I 123 -21.41 26.86 9.83
N GLN I 124 -20.75 27.41 8.82
CA GLN I 124 -21.26 27.34 7.46
C GLN I 124 -21.05 25.95 6.87
N PRO I 125 -21.87 25.57 5.86
CA PRO I 125 -21.72 24.23 5.28
C PRO I 125 -20.39 24.04 4.53
N LEU I 126 -19.96 22.79 4.48
CA LEU I 126 -18.70 22.39 3.86
C LEU I 126 -19.00 21.57 2.62
N GLY I 127 -18.09 21.61 1.66
CA GLY I 127 -18.25 20.84 0.44
C GLY I 127 -17.03 20.92 -0.44
N GLY I 128 -17.22 20.44 -1.66
CA GLY I 128 -16.16 20.31 -2.61
C GLY I 128 -16.68 20.34 -4.04
N ALA I 129 -15.77 20.61 -4.96
CA ALA I 129 -16.10 20.67 -6.37
C ALA I 129 -14.79 20.53 -7.14
N GLN I 130 -14.86 19.79 -8.23
CA GLN I 130 -13.71 19.52 -9.06
C GLN I 130 -14.21 19.42 -10.50
N GLY I 131 -13.42 19.93 -11.45
CA GLY I 131 -13.71 19.77 -12.87
C GLY I 131 -13.66 21.10 -13.58
N GLN I 132 -14.53 21.25 -14.59
CA GLN I 132 -14.53 22.43 -15.43
C GLN I 132 -15.03 23.65 -14.66
N ALA I 133 -14.64 24.83 -15.14
CA ALA I 133 -15.06 26.08 -14.53
C ALA I 133 -16.59 26.15 -14.32
N THR I 134 -17.37 25.73 -15.32
CA THR I 134 -18.82 25.80 -15.22
C THR I 134 -19.37 24.79 -14.19
N GLU I 135 -18.72 23.64 -14.05
CA GLU I 135 -19.05 22.66 -13.00
C GLU I 135 -18.77 23.26 -11.61
N ILE I 136 -17.64 23.94 -11.47
CA ILE I 136 -17.27 24.57 -10.19
C ILE I 136 -18.32 25.64 -9.86
N GLU I 137 -18.72 26.41 -10.87
CA GLU I 137 -19.74 27.45 -10.71
C GLU I 137 -21.07 26.86 -10.21
N ILE I 138 -21.52 25.78 -10.85
CA ILE I 138 -22.76 25.11 -10.44
C ILE I 138 -22.66 24.66 -8.98
N ALA I 139 -21.55 24.00 -8.61
CA ALA I 139 -21.38 23.56 -7.24
C ALA I 139 -21.33 24.73 -6.25
N ALA I 140 -20.68 25.82 -6.63
CA ALA I 140 -20.62 27.01 -5.76
C ALA I 140 -22.01 27.61 -5.55
N ASN I 141 -22.76 27.79 -6.65
CA ASN I 141 -24.12 28.31 -6.57
C ASN I 141 -24.99 27.43 -5.69
N HIS I 142 -24.86 26.12 -5.83
CA HIS I 142 -25.64 25.18 -5.05
C HIS I 142 -25.34 25.28 -3.56
N ILE I 143 -24.05 25.25 -3.19
CA ILE I 143 -23.72 25.33 -1.77
C ILE I 143 -24.06 26.70 -1.15
N LEU I 144 -23.97 27.78 -1.94
CA LEU I 144 -24.43 29.10 -1.46
C LEU I 144 -25.94 29.14 -1.23
N LYS I 145 -26.72 28.58 -2.15
CA LYS I 145 -28.18 28.46 -1.97
C LYS I 145 -28.52 27.60 -0.74
N THR I 146 -27.79 26.52 -0.55
CA THR I 146 -27.99 25.66 0.62
C THR I 146 -27.71 26.43 1.91
N ARG I 147 -26.67 27.26 1.92
CA ARG I 147 -26.38 28.08 3.09
C ARG I 147 -27.48 29.09 3.36
N GLU I 148 -27.99 29.75 2.31
CA GLU I 148 -29.11 30.68 2.46
C GLU I 148 -30.33 29.98 3.07
N LYS I 149 -30.63 28.78 2.57
CA LYS I 149 -31.76 28.00 3.08
C LYS I 149 -31.59 27.66 4.56
N LEU I 150 -30.41 27.18 4.93
CA LEU I 150 -30.09 26.86 6.31
C LEU I 150 -30.22 28.08 7.22
N ASN I 151 -29.64 29.19 6.77
CA ASN I 151 -29.63 30.42 7.55
C ASN I 151 -31.02 31.01 7.74
N ARG I 152 -31.82 30.97 6.69
CA ARG I 152 -33.21 31.45 6.76
C ARG I 152 -33.99 30.66 7.81
N ILE I 153 -33.87 29.33 7.77
CA ILE I 153 -34.58 28.48 8.71
C ILE I 153 -34.06 28.70 10.13
N LEU I 154 -32.75 28.81 10.28
CA LEU I 154 -32.16 29.06 11.59
C LEU I 154 -32.64 30.40 12.16
N SER I 155 -32.78 31.41 11.31
CA SER I 155 -33.35 32.70 11.70
C SER I 155 -34.79 32.55 12.23
N GLU I 156 -35.62 31.84 11.50
CA GLU I 156 -37.00 31.55 11.92
C GLU I 156 -37.06 30.78 13.25
N ARG I 157 -36.15 29.83 13.45
CA ARG I 157 -36.14 28.99 14.66
C ARG I 157 -35.54 29.66 15.90
N THR I 158 -34.61 30.59 15.71
CA THR I 158 -33.90 31.23 16.81
C THR I 158 -34.42 32.62 17.16
N GLY I 159 -35.06 33.29 16.20
CA GLY I 159 -35.39 34.69 16.33
C GLY I 159 -34.24 35.64 15.97
N GLN I 160 -33.07 35.13 15.58
CA GLN I 160 -31.96 35.97 15.16
C GLN I 160 -32.14 36.38 13.71
N SER I 161 -31.62 37.54 13.34
CA SER I 161 -31.63 37.95 11.94
C SER I 161 -30.73 37.05 11.06
N ILE I 162 -31.08 36.97 9.78
CA ILE I 162 -30.28 36.30 8.79
C ILE I 162 -28.84 36.86 8.76
N GLU I 163 -28.72 38.19 8.91
CA GLU I 163 -27.40 38.84 8.89
C GLU I 163 -26.55 38.40 10.07
N LYS I 164 -27.15 38.31 11.25
CA LYS I 164 -26.41 37.86 12.43
C LYS I 164 -26.00 36.38 12.27
N ILE I 165 -26.91 35.55 11.77
CA ILE I 165 -26.62 34.13 11.56
C ILE I 165 -25.45 33.95 10.59
N GLN I 166 -25.49 34.69 9.48
CA GLN I 166 -24.40 34.70 8.49
C GLN I 166 -23.06 35.02 9.16
N LYS I 167 -23.01 36.10 9.92
CA LYS I 167 -21.77 36.51 10.61
C LYS I 167 -21.32 35.47 11.63
N ASP I 168 -22.26 34.94 12.43
CA ASP I 168 -21.93 34.03 13.51
C ASP I 168 -21.55 32.61 13.05
N THR I 169 -21.86 32.27 11.80
CA THR I 169 -21.52 30.96 11.24
C THR I 169 -20.37 31.00 10.25
N ASP I 170 -19.74 32.17 10.11
CA ASP I 170 -18.65 32.34 9.15
C ASP I 170 -17.50 31.38 9.45
N ARG I 171 -17.20 31.25 10.74
CA ARG I 171 -16.23 30.27 11.25
C ARG I 171 -16.90 29.42 12.30
N ASP I 172 -16.22 28.35 12.69
CA ASP I 172 -16.64 27.49 13.80
C ASP I 172 -16.92 28.35 15.02
N ASN I 173 -18.12 28.22 15.55
CA ASN I 173 -18.58 29.00 16.68
C ASN I 173 -19.14 28.02 17.72
N PHE I 174 -18.37 27.83 18.80
CA PHE I 174 -18.71 26.90 19.87
C PHE I 174 -19.52 27.62 20.93
N LEU I 175 -20.63 27.02 21.35
CA LEU I 175 -21.48 27.59 22.38
C LEU I 175 -21.65 26.61 23.51
N THR I 176 -21.64 27.11 24.74
CA THR I 176 -22.11 26.35 25.90
C THR I 176 -23.64 26.15 25.79
N ALA I 177 -24.17 25.24 26.60
CA ALA I 177 -25.61 25.03 26.66
C ALA I 177 -26.36 26.32 26.94
N GLU I 178 -25.87 27.08 27.93
CA GLU I 178 -26.47 28.34 28.31
C GLU I 178 -26.42 29.36 27.18
N GLU I 179 -25.29 29.45 26.49
CA GLU I 179 -25.16 30.32 25.31
C GLU I 179 -26.10 29.91 24.18
N ALA I 180 -26.27 28.59 23.99
CA ALA I 180 -27.22 28.10 22.99
C ALA I 180 -28.67 28.54 23.31
N LYS I 181 -29.02 28.53 24.60
CA LYS I 181 -30.30 29.03 25.05
C LYS I 181 -30.47 30.53 24.78
N GLU I 182 -29.48 31.33 25.18
CA GLU I 182 -29.45 32.77 24.87
C GLU I 182 -29.53 33.05 23.38
N TYR I 183 -28.89 32.21 22.57
CA TYR I 183 -28.95 32.36 21.12
C TYR I 183 -30.35 32.04 20.52
N GLY I 184 -31.14 31.23 21.21
CA GLY I 184 -32.43 30.75 20.69
C GLY I 184 -32.36 29.39 19.97
N LEU I 185 -31.23 28.68 20.09
CA LEU I 185 -31.09 27.36 19.49
C LEU I 185 -31.84 26.30 20.30
N ILE I 186 -31.91 26.52 21.61
CA ILE I 186 -32.68 25.72 22.54
C ILE I 186 -33.51 26.64 23.41
N ASP I 187 -34.46 26.05 24.15
CA ASP I 187 -35.35 26.79 25.05
C ASP I 187 -34.90 26.74 26.49
N GLU I 188 -34.34 25.63 26.95
CA GLU I 188 -33.96 25.44 28.36
C GLU I 188 -32.72 24.54 28.49
N VAL I 189 -31.90 24.85 29.48
CA VAL I 189 -30.87 23.95 29.97
C VAL I 189 -31.49 23.12 31.10
N MET I 190 -31.46 21.80 30.96
CA MET I 190 -31.98 20.88 32.00
C MET I 190 -30.96 20.75 33.12
N VAL I 191 -31.23 21.37 34.26
CA VAL I 191 -30.39 21.20 35.46
C VAL I 191 -30.75 19.89 36.20
N PRO I 192 -29.78 19.26 36.89
CA PRO I 192 -30.00 17.99 37.60
C PRO I 192 -31.15 17.95 38.63
N ILE J 4 -30.09 -0.74 12.80
CA ILE J 4 -31.54 -0.83 12.51
C ILE J 4 -32.25 -1.42 13.72
N PRO J 5 -33.13 -0.63 14.38
CA PRO J 5 -33.78 -1.14 15.61
C PRO J 5 -34.93 -2.11 15.36
N THR J 6 -35.26 -2.88 16.38
CA THR J 6 -36.36 -3.83 16.38
C THR J 6 -37.63 -3.25 17.05
N VAL J 7 -38.78 -3.66 16.53
CA VAL J 7 -40.09 -3.40 17.16
C VAL J 7 -40.90 -4.72 17.29
N TYR J 18 -39.79 -7.58 14.24
CA TYR J 18 -39.53 -6.92 12.98
C TYR J 18 -38.38 -5.91 13.17
N ASP J 19 -37.40 -5.85 12.26
CA ASP J 19 -36.60 -4.63 12.14
C ASP J 19 -37.51 -3.48 11.63
N ILE J 20 -37.07 -2.23 11.80
CA ILE J 20 -37.92 -1.06 11.49
C ILE J 20 -38.39 -1.03 10.04
N TYR J 21 -37.53 -1.41 9.10
CA TYR J 21 -37.88 -1.41 7.67
C TYR J 21 -38.93 -2.47 7.35
N SER J 22 -38.79 -3.64 7.94
CA SER J 22 -39.81 -4.70 7.82
C SER J 22 -41.14 -4.27 8.40
N ARG J 23 -41.11 -3.55 9.50
CA ARG J 23 -42.34 -3.01 10.09
C ARG J 23 -43.03 -2.05 9.15
N LEU J 24 -42.26 -1.15 8.52
CA LEU J 24 -42.84 -0.23 7.52
C LEU J 24 -43.39 -0.98 6.31
N LEU J 25 -42.69 -2.02 5.88
CA LEU J 25 -43.15 -2.83 4.74
C LEU J 25 -44.51 -3.48 5.00
N LYS J 26 -44.76 -3.87 6.25
CA LYS J 26 -46.07 -4.36 6.67
C LYS J 26 -47.19 -3.35 6.37
N ASP J 27 -46.88 -2.06 6.44
CA ASP J 27 -47.83 -1.00 6.02
C ASP J 27 -47.63 -0.48 4.59
N ARG J 28 -47.03 -1.31 3.73
CA ARG J 28 -46.87 -1.02 2.30
C ARG J 28 -45.96 0.18 2.01
N ILE J 29 -44.99 0.41 2.89
CA ILE J 29 -43.99 1.45 2.72
C ILE J 29 -42.65 0.81 2.41
N ILE J 30 -42.08 1.19 1.27
CA ILE J 30 -40.75 0.76 0.82
C ILE J 30 -39.80 1.95 0.94
N MET J 31 -38.62 1.74 1.52
CA MET J 31 -37.63 2.81 1.73
C MET J 31 -36.46 2.65 0.74
N LEU J 32 -36.36 3.54 -0.24
CA LEU J 32 -35.20 3.61 -1.12
C LEU J 32 -34.33 4.71 -0.54
N GLY J 33 -33.35 4.30 0.28
CA GLY J 33 -32.56 5.22 1.06
C GLY J 33 -31.06 5.13 0.80
N SER J 34 -30.67 4.71 -0.40
CA SER J 34 -29.28 4.52 -0.73
C SER J 34 -29.05 4.67 -2.23
N GLN J 35 -27.79 4.56 -2.61
CA GLN J 35 -27.37 4.40 -4.00
C GLN J 35 -28.13 3.23 -4.62
N ILE J 36 -28.53 3.38 -5.88
CA ILE J 36 -29.25 2.33 -6.60
C ILE J 36 -28.24 1.43 -7.31
N ASP J 37 -28.12 0.21 -6.81
CA ASP J 37 -27.34 -0.83 -7.50
C ASP J 37 -28.26 -2.05 -7.68
N ASP J 38 -27.72 -3.10 -8.27
CA ASP J 38 -28.50 -4.32 -8.51
C ASP J 38 -29.08 -4.95 -7.25
N ASN J 39 -28.37 -4.94 -6.13
CA ASN J 39 -28.89 -5.48 -4.87
C ASN J 39 -30.10 -4.72 -4.39
N VAL J 40 -29.99 -3.39 -4.39
CA VAL J 40 -31.07 -2.53 -3.96
C VAL J 40 -32.29 -2.71 -4.87
N ALA J 41 -32.07 -2.75 -6.18
CA ALA J 41 -33.16 -2.95 -7.13
C ALA J 41 -33.87 -4.29 -6.91
N ASN J 42 -33.09 -5.36 -6.74
CA ASN J 42 -33.65 -6.68 -6.51
C ASN J 42 -34.52 -6.73 -5.26
N SER J 43 -34.05 -6.06 -4.21
CA SER J 43 -34.81 -5.96 -2.97
C SER J 43 -36.12 -5.20 -3.18
N ILE J 44 -36.03 -4.05 -3.84
CA ILE J 44 -37.20 -3.20 -4.05
C ILE J 44 -38.20 -3.87 -4.99
N VAL J 45 -37.72 -4.48 -6.06
CA VAL J 45 -38.56 -5.27 -6.96
C VAL J 45 -39.30 -6.38 -6.19
N SER J 46 -38.57 -7.10 -5.34
CA SER J 46 -39.15 -8.17 -4.55
C SER J 46 -40.23 -7.65 -3.59
N GLN J 47 -39.96 -6.52 -2.97
CA GLN J 47 -40.93 -5.87 -2.10
C GLN J 47 -42.19 -5.45 -2.86
N LEU J 48 -42.03 -4.88 -4.05
CA LEU J 48 -43.18 -4.49 -4.87
C LEU J 48 -44.02 -5.71 -5.24
N LEU J 49 -43.35 -6.78 -5.63
CA LEU J 49 -44.01 -8.01 -6.01
C LEU J 49 -44.77 -8.62 -4.83
N PHE J 50 -44.14 -8.63 -3.66
CA PHE J 50 -44.78 -9.11 -2.44
C PHE J 50 -46.04 -8.31 -2.11
N LEU J 51 -45.92 -6.99 -2.15
CA LEU J 51 -47.03 -6.13 -1.78
C LEU J 51 -48.22 -6.23 -2.72
N GLN J 52 -47.97 -6.43 -4.00
CA GLN J 52 -49.04 -6.60 -4.94
C GLN J 52 -49.78 -7.89 -4.65
N ALA J 53 -49.04 -8.95 -4.40
CA ALA J 53 -49.64 -10.25 -4.11
C ALA J 53 -50.47 -10.20 -2.82
N GLN J 54 -50.01 -9.46 -1.81
CA GLN J 54 -50.78 -9.26 -0.58
C GLN J 54 -52.09 -8.53 -0.85
N ASP J 55 -52.04 -7.50 -1.69
CA ASP J 55 -53.21 -6.69 -2.00
C ASP J 55 -52.95 -5.94 -3.30
N SER J 56 -53.68 -6.32 -4.35
CA SER J 56 -53.47 -5.74 -5.68
C SER J 56 -54.12 -4.36 -5.88
N GLU J 57 -54.87 -3.88 -4.88
CA GLU J 57 -55.60 -2.60 -5.00
C GLU J 57 -55.12 -1.47 -4.10
N LYS J 58 -54.59 -1.78 -2.92
CA LYS J 58 -54.12 -0.74 -2.00
C LYS J 58 -52.82 -0.09 -2.50
N ASP J 59 -52.74 1.22 -2.35
CA ASP J 59 -51.54 1.97 -2.68
C ASP J 59 -50.29 1.44 -1.96
N ILE J 60 -49.16 1.62 -2.61
CA ILE J 60 -47.83 1.40 -2.07
C ILE J 60 -47.16 2.76 -1.96
N TYR J 61 -46.28 2.93 -0.97
CA TYR J 61 -45.55 4.19 -0.74
C TYR J 61 -44.06 3.94 -0.90
N LEU J 62 -43.44 4.60 -1.88
CA LEU J 62 -41.98 4.52 -2.11
C LEU J 62 -41.34 5.83 -1.67
N TYR J 63 -40.66 5.76 -0.54
CA TYR J 63 -39.80 6.84 -0.01
C TYR J 63 -38.48 6.86 -0.79
N ILE J 64 -38.07 8.03 -1.24
CA ILE J 64 -36.83 8.17 -2.01
C ILE J 64 -35.91 9.21 -1.39
N ASN J 65 -34.79 8.73 -0.86
CA ASN J 65 -33.63 9.55 -0.50
C ASN J 65 -32.42 8.85 -1.09
N SER J 66 -32.02 9.27 -2.30
CA SER J 66 -31.03 8.53 -3.08
C SER J 66 -30.26 9.46 -4.00
N PRO J 67 -28.92 9.27 -4.08
CA PRO J 67 -28.11 10.00 -5.05
C PRO J 67 -28.15 9.41 -6.46
N GLY J 68 -28.90 8.33 -6.67
CA GLY J 68 -29.00 7.70 -7.97
C GLY J 68 -28.15 6.46 -8.01
N GLY J 69 -27.69 6.08 -9.21
CA GLY J 69 -26.85 4.90 -9.38
C GLY J 69 -27.10 4.25 -10.73
N SER J 70 -27.06 2.92 -10.77
CA SER J 70 -27.15 2.16 -12.01
C SER J 70 -28.47 2.43 -12.74
N VAL J 71 -28.35 2.76 -14.03
CA VAL J 71 -29.53 3.02 -14.86
C VAL J 71 -30.36 1.74 -15.07
N THR J 72 -29.70 0.61 -15.34
CA THR J 72 -30.43 -0.64 -15.56
C THR J 72 -31.11 -1.12 -14.28
N ALA J 73 -30.43 -0.97 -13.13
CA ALA J 73 -31.06 -1.26 -11.86
C ALA J 73 -32.26 -0.35 -11.61
N GLY J 74 -32.12 0.93 -11.94
CA GLY J 74 -33.22 1.87 -11.86
C GLY J 74 -34.40 1.46 -12.72
N PHE J 75 -34.11 0.98 -13.91
CA PHE J 75 -35.15 0.50 -14.81
C PHE J 75 -35.82 -0.80 -14.36
N ALA J 76 -35.11 -1.63 -13.61
CA ALA J 76 -35.73 -2.80 -12.98
C ALA J 76 -36.85 -2.35 -12.05
N ILE J 77 -36.56 -1.32 -11.25
CA ILE J 77 -37.53 -0.76 -10.33
C ILE J 77 -38.66 -0.07 -11.13
N TYR J 78 -38.27 0.77 -12.08
CA TYR J 78 -39.24 1.52 -12.89
C TYR J 78 -40.26 0.60 -13.55
N ASP J 79 -39.78 -0.42 -14.27
CA ASP J 79 -40.65 -1.32 -15.00
C ASP J 79 -41.55 -2.13 -14.06
N THR J 80 -41.04 -2.49 -12.89
CA THR J 80 -41.83 -3.22 -11.92
C THR J 80 -42.95 -2.33 -11.39
N ILE J 81 -42.64 -1.06 -11.10
CA ILE J 81 -43.67 -0.11 -10.69
C ILE J 81 -44.79 -0.06 -11.73
N GLN J 82 -44.44 0.13 -13.00
CA GLN J 82 -45.48 0.27 -14.02
C GLN J 82 -46.23 -1.04 -14.26
N HIS J 83 -45.57 -2.18 -14.05
CA HIS J 83 -46.17 -3.47 -14.31
C HIS J 83 -47.26 -3.86 -13.30
N ILE J 84 -47.04 -3.57 -12.02
CA ILE J 84 -47.98 -3.97 -10.98
C ILE J 84 -49.26 -3.12 -11.00
N LYS J 85 -50.33 -3.69 -10.45
CA LYS J 85 -51.64 -3.04 -10.44
C LYS J 85 -51.75 -1.87 -9.44
N PRO J 86 -51.28 -2.04 -8.20
CA PRO J 86 -51.40 -0.92 -7.26
C PRO J 86 -50.65 0.34 -7.70
N ASP J 87 -51.23 1.51 -7.40
CA ASP J 87 -50.54 2.77 -7.53
C ASP J 87 -49.34 2.80 -6.58
N VAL J 88 -48.20 3.27 -7.06
CA VAL J 88 -47.03 3.49 -6.23
C VAL J 88 -46.83 4.99 -6.05
N GLN J 89 -47.09 5.47 -4.85
CA GLN J 89 -46.83 6.87 -4.50
C GLN J 89 -45.33 7.03 -4.31
N THR J 90 -44.78 8.18 -4.71
CA THR J 90 -43.37 8.49 -4.45
C THR J 90 -43.28 9.74 -3.59
N ILE J 91 -42.36 9.71 -2.62
CA ILE J 91 -42.12 10.83 -1.72
C ILE J 91 -40.61 11.07 -1.63
N CYS J 92 -40.17 12.24 -2.08
CA CYS J 92 -38.78 12.63 -1.98
C CYS J 92 -38.51 13.29 -0.65
N ILE J 93 -37.58 12.71 0.10
CA ILE J 93 -37.19 13.23 1.40
C ILE J 93 -35.65 13.28 1.36
N GLY J 94 -35.08 14.44 1.69
CA GLY J 94 -33.65 14.66 1.60
C GLY J 94 -33.20 15.01 0.19
N MET J 95 -32.97 13.99 -0.64
CA MET J 95 -32.43 14.19 -1.98
C MET J 95 -32.93 13.08 -2.91
N ALA J 96 -33.30 13.45 -4.12
CA ALA J 96 -33.45 12.49 -5.21
C ALA J 96 -32.62 13.02 -6.37
N ALA J 97 -31.51 12.36 -6.68
CA ALA J 97 -30.63 12.78 -7.78
C ALA J 97 -30.55 11.70 -8.82
N SER J 98 -30.40 12.13 -10.07
CA SER J 98 -30.12 11.24 -11.19
C SER J 98 -31.24 10.20 -11.30
N MET J 99 -30.88 8.91 -11.28
CA MET J 99 -31.87 7.86 -11.37
C MET J 99 -32.87 7.90 -10.20
N GLY J 100 -32.47 8.49 -9.08
CA GLY J 100 -33.38 8.75 -7.96
C GLY J 100 -34.52 9.67 -8.32
N SER J 101 -34.21 10.74 -9.05
CA SER J 101 -35.22 11.68 -9.48
CA SER J 101 -35.22 11.69 -9.47
C SER J 101 -36.06 11.10 -10.62
N PHE J 102 -35.45 10.23 -11.43
CA PHE J 102 -36.20 9.50 -12.46
C PHE J 102 -37.29 8.63 -11.81
N LEU J 103 -36.93 7.93 -10.74
CA LEU J 103 -37.89 7.08 -10.03
C LEU J 103 -38.94 7.91 -9.30
N LEU J 104 -38.56 9.06 -8.74
CA LEU J 104 -39.53 9.97 -8.14
C LEU J 104 -40.63 10.33 -9.14
N ALA J 105 -40.21 10.68 -10.37
CA ALA J 105 -41.12 11.07 -11.43
C ALA J 105 -41.99 9.91 -11.97
N ALA J 106 -41.59 8.68 -11.66
CA ALA J 106 -42.25 7.48 -12.12
C ALA J 106 -43.43 7.01 -11.24
N GLY J 107 -43.66 7.67 -10.11
CA GLY J 107 -44.76 7.33 -9.22
C GLY J 107 -46.11 7.61 -9.92
N ALA J 108 -47.18 7.05 -9.38
CA ALA J 108 -48.53 7.22 -9.94
C ALA J 108 -48.87 8.70 -10.09
N LYS J 109 -49.43 9.07 -11.24
CA LYS J 109 -49.77 10.46 -11.52
C LYS J 109 -50.72 11.00 -10.46
N GLY J 110 -50.42 12.19 -9.96
CA GLY J 110 -51.12 12.78 -8.83
C GLY J 110 -50.61 12.37 -7.44
N LYS J 111 -49.72 11.37 -7.38
CA LYS J 111 -49.25 10.86 -6.08
C LYS J 111 -47.71 10.88 -5.96
N ARG J 112 -47.09 11.89 -6.56
CA ARG J 112 -45.66 12.10 -6.47
C ARG J 112 -45.44 13.37 -5.65
N PHE J 113 -44.70 13.22 -4.56
CA PHE J 113 -44.54 14.26 -3.55
C PHE J 113 -43.08 14.53 -3.21
N ALA J 114 -42.84 15.68 -2.64
CA ALA J 114 -41.58 15.96 -1.96
C ALA J 114 -41.88 16.82 -0.73
N LEU J 115 -41.05 16.66 0.29
CA LEU J 115 -41.14 17.55 1.45
C LEU J 115 -40.40 18.87 1.09
N PRO J 116 -40.73 19.98 1.78
CA PRO J 116 -40.37 21.31 1.28
C PRO J 116 -38.87 21.59 1.04
N ASN J 117 -38.02 20.99 1.86
CA ASN J 117 -36.58 21.22 1.80
C ASN J 117 -35.83 20.11 1.09
N ALA J 118 -36.57 19.15 0.53
CA ALA J 118 -35.97 18.08 -0.24
C ALA J 118 -35.38 18.65 -1.53
N GLU J 119 -34.30 18.04 -1.98
CA GLU J 119 -33.55 18.49 -3.15
C GLU J 119 -33.77 17.47 -4.28
N VAL J 120 -34.01 17.97 -5.48
CA VAL J 120 -34.13 17.10 -6.65
C VAL J 120 -33.05 17.54 -7.64
N MET J 121 -32.30 16.58 -8.17
CA MET J 121 -31.26 16.91 -9.15
C MET J 121 -31.42 16.02 -10.37
N ILE J 122 -31.33 16.66 -11.53
CA ILE J 122 -31.38 15.94 -12.81
C ILE J 122 -30.11 16.24 -13.58
N HIS J 123 -29.60 15.21 -14.27
CA HIS J 123 -28.41 15.36 -15.11
C HIS J 123 -28.35 14.23 -16.11
N GLN J 124 -27.42 14.31 -17.07
CA GLN J 124 -27.26 13.25 -18.06
C GLN J 124 -26.55 12.05 -17.46
N PRO J 125 -26.75 10.84 -18.04
CA PRO J 125 -26.07 9.67 -17.50
C PRO J 125 -24.55 9.71 -17.66
N LEU J 126 -23.87 9.02 -16.75
CA LEU J 126 -22.42 8.94 -16.68
C LEU J 126 -21.99 7.54 -17.05
N GLY J 127 -20.79 7.43 -17.59
CA GLY J 127 -20.22 6.15 -17.96
C GLY J 127 -18.77 6.27 -18.34
N GLY J 128 -18.28 5.17 -18.93
CA GLY J 128 -16.93 5.07 -19.39
C GLY J 128 -16.84 4.10 -20.56
N ALA J 129 -15.69 4.15 -21.22
CA ALA J 129 -15.38 3.26 -22.32
C ALA J 129 -13.88 3.26 -22.50
N GLN J 130 -13.34 2.08 -22.78
CA GLN J 130 -11.92 1.90 -22.93
C GLN J 130 -11.69 0.82 -23.99
N GLY J 131 -10.66 1.02 -24.82
CA GLY J 131 -10.24 -0.01 -25.77
C GLY J 131 -10.12 0.54 -27.18
N GLN J 132 -10.45 -0.30 -28.15
CA GLN J 132 -10.33 0.07 -29.55
C GLN J 132 -11.36 1.10 -29.95
N ALA J 133 -11.05 1.85 -31.01
CA ALA J 133 -11.96 2.85 -31.56
C ALA J 133 -13.39 2.33 -31.74
N THR J 134 -13.54 1.12 -32.29
CA THR J 134 -14.89 0.58 -32.54
C THR J 134 -15.59 0.20 -31.24
N GLU J 135 -14.84 -0.23 -30.22
CA GLU J 135 -15.39 -0.47 -28.88
C GLU J 135 -15.87 0.84 -28.25
N ILE J 136 -15.09 1.91 -28.41
CA ILE J 136 -15.48 3.22 -27.88
C ILE J 136 -16.76 3.68 -28.56
N GLU J 137 -16.83 3.48 -29.88
CA GLU J 137 -18.02 3.82 -30.66
C GLU J 137 -19.27 3.09 -30.16
N ILE J 138 -19.15 1.78 -29.95
CA ILE J 138 -20.26 0.98 -29.44
C ILE J 138 -20.73 1.52 -28.08
N ALA J 139 -19.78 1.77 -27.16
CA ALA J 139 -20.12 2.30 -25.85
C ALA J 139 -20.77 3.68 -25.94
N ALA J 140 -20.28 4.53 -26.84
CA ALA J 140 -20.86 5.86 -27.02
C ALA J 140 -22.29 5.77 -27.54
N ASN J 141 -22.51 4.95 -28.57
CA ASN J 141 -23.85 4.74 -29.12
C ASN J 141 -24.80 4.21 -28.06
N HIS J 142 -24.33 3.28 -27.24
CA HIS J 142 -25.16 2.70 -26.19
C HIS J 142 -25.57 3.74 -25.14
N ILE J 143 -24.61 4.52 -24.63
CA ILE J 143 -24.95 5.51 -23.61
C ILE J 143 -25.82 6.65 -24.18
N LEU J 144 -25.63 7.01 -25.45
CA LEU J 144 -26.51 7.98 -26.10
C LEU J 144 -27.95 7.46 -26.25
N LYS J 145 -28.10 6.20 -26.67
CA LYS J 145 -29.43 5.56 -26.73
C LYS J 145 -30.09 5.50 -25.34
N THR J 146 -29.30 5.19 -24.31
CA THR J 146 -29.79 5.15 -22.94
C THR J 146 -30.31 6.52 -22.51
N ARG J 147 -29.56 7.57 -22.88
CA ARG J 147 -30.00 8.93 -22.57
C ARG J 147 -31.30 9.29 -23.28
N GLU J 148 -31.42 8.92 -24.56
CA GLU J 148 -32.67 9.15 -25.31
C GLU J 148 -33.85 8.44 -24.65
N LYS J 149 -33.64 7.20 -24.22
CA LYS J 149 -34.68 6.43 -23.54
C LYS J 149 -35.12 7.11 -22.24
N LEU J 150 -34.15 7.52 -21.43
CA LEU J 150 -34.43 8.24 -20.19
C LEU J 150 -35.19 9.52 -20.42
N ASN J 151 -34.72 10.31 -21.39
CA ASN J 151 -35.30 11.62 -21.70
C ASN J 151 -36.72 11.48 -22.25
N ARG J 152 -36.96 10.49 -23.11
CA ARG J 152 -38.28 10.24 -23.64
C ARG J 152 -39.27 9.95 -22.52
N ILE J 153 -38.89 9.07 -21.60
CA ILE J 153 -39.76 8.70 -20.49
C ILE J 153 -39.97 9.88 -19.56
N LEU J 154 -38.92 10.63 -19.27
CA LEU J 154 -39.04 11.80 -18.43
C LEU J 154 -40.00 12.80 -19.07
N SER J 155 -39.89 12.99 -20.38
CA SER J 155 -40.83 13.86 -21.13
C SER J 155 -42.28 13.43 -20.93
N GLU J 156 -42.56 12.13 -21.10
CA GLU J 156 -43.90 11.57 -20.88
C GLU J 156 -44.38 11.79 -19.44
N ARG J 157 -43.49 11.65 -18.46
CA ARG J 157 -43.85 11.80 -17.04
C ARG J 157 -43.99 13.23 -16.54
N THR J 158 -43.28 14.15 -17.15
CA THR J 158 -43.26 15.55 -16.71
C THR J 158 -44.16 16.46 -17.53
N GLY J 159 -44.41 16.09 -18.79
CA GLY J 159 -45.03 16.99 -19.75
C GLY J 159 -44.05 17.95 -20.44
N GLN J 160 -42.76 17.89 -20.11
CA GLN J 160 -41.75 18.71 -20.78
C GLN J 160 -41.35 18.05 -22.08
N SER J 161 -40.94 18.87 -23.06
CA SER J 161 -40.41 18.34 -24.31
C SER J 161 -39.06 17.62 -24.09
N ILE J 162 -38.78 16.67 -24.98
CA ILE J 162 -37.49 16.01 -25.03
C ILE J 162 -36.35 17.02 -25.20
N GLU J 163 -36.57 18.07 -25.99
CA GLU J 163 -35.57 19.09 -26.25
C GLU J 163 -35.25 19.86 -24.97
N LYS J 164 -36.28 20.22 -24.20
CA LYS J 164 -36.07 20.93 -22.94
C LYS J 164 -35.34 20.03 -21.93
N ILE J 165 -35.74 18.76 -21.86
CA ILE J 165 -35.10 17.80 -20.95
C ILE J 165 -33.61 17.66 -21.29
N GLN J 166 -33.30 17.51 -22.57
CA GLN J 166 -31.93 17.44 -23.08
C GLN J 166 -31.10 18.65 -22.60
N LYS J 167 -31.62 19.86 -22.83
CA LYS J 167 -30.93 21.09 -22.43
C LYS J 167 -30.77 21.18 -20.90
N ASP J 168 -31.83 20.85 -20.16
CA ASP J 168 -31.82 21.00 -18.71
C ASP J 168 -31.01 19.94 -17.96
N THR J 169 -30.66 18.85 -18.63
CA THR J 169 -29.86 17.78 -18.03
C THR J 169 -28.41 17.76 -18.54
N ASP J 170 -28.03 18.76 -19.33
CA ASP J 170 -26.70 18.82 -19.91
C ASP J 170 -25.63 18.85 -18.80
N ARG J 171 -25.90 19.64 -17.76
CA ARG J 171 -25.10 19.67 -16.54
C ARG J 171 -25.99 19.40 -15.35
N ASP J 172 -25.36 19.19 -14.19
CA ASP J 172 -26.07 19.06 -12.92
C ASP J 172 -27.03 20.24 -12.74
N ASN J 173 -28.29 19.91 -12.52
CA ASN J 173 -29.34 20.91 -12.40
C ASN J 173 -30.11 20.59 -11.12
N PHE J 174 -29.90 21.41 -10.10
CA PHE J 174 -30.50 21.25 -8.78
C PHE J 174 -31.82 22.00 -8.73
N LEU J 175 -32.86 21.34 -8.24
CA LEU J 175 -34.18 21.95 -8.12
C LEU J 175 -34.65 21.86 -6.68
N THR J 176 -35.28 22.94 -6.21
CA THR J 176 -36.05 22.89 -4.97
C THR J 176 -37.30 22.03 -5.18
N ALA J 177 -37.96 21.65 -4.07
CA ALA J 177 -39.20 20.87 -4.17
C ALA J 177 -40.23 21.61 -5.00
N GLU J 178 -40.38 22.91 -4.77
CA GLU J 178 -41.32 23.72 -5.52
C GLU J 178 -40.99 23.77 -7.01
N GLU J 179 -39.70 23.93 -7.34
CA GLU J 179 -39.26 23.88 -8.74
C GLU J 179 -39.50 22.52 -9.38
N ALA J 180 -39.31 21.44 -8.61
CA ALA J 180 -39.59 20.08 -9.10
C ALA J 180 -41.09 19.92 -9.45
N LYS J 181 -41.97 20.52 -8.64
CA LYS J 181 -43.39 20.54 -8.93
C LYS J 181 -43.70 21.32 -10.21
N GLU J 182 -43.17 22.54 -10.33
CA GLU J 182 -43.30 23.33 -11.55
C GLU J 182 -42.76 22.60 -12.78
N TYR J 183 -41.67 21.86 -12.61
CA TYR J 183 -41.10 21.08 -13.70
C TYR J 183 -41.97 19.88 -14.13
N GLY J 184 -42.82 19.38 -13.23
CA GLY J 184 -43.62 18.17 -13.48
C GLY J 184 -43.00 16.87 -12.98
N LEU J 185 -41.91 16.97 -12.20
CA LEU J 185 -41.27 15.77 -11.62
C LEU J 185 -42.10 15.21 -10.47
N ILE J 186 -42.78 16.11 -9.76
CA ILE J 186 -43.71 15.75 -8.71
C ILE J 186 -45.01 16.52 -8.92
N ASP J 187 -46.04 16.11 -8.19
CA ASP J 187 -47.37 16.74 -8.28
C ASP J 187 -47.63 17.75 -7.17
N GLU J 188 -47.12 17.48 -5.96
CA GLU J 188 -47.33 18.37 -4.80
C GLU J 188 -46.12 18.41 -3.88
N VAL J 189 -45.90 19.57 -3.29
CA VAL J 189 -45.04 19.73 -2.13
C VAL J 189 -45.92 19.55 -0.89
N MET J 190 -45.58 18.60 -0.02
CA MET J 190 -46.31 18.38 1.23
C MET J 190 -45.90 19.41 2.27
N VAL J 191 -46.76 20.39 2.53
CA VAL J 191 -46.46 21.42 3.53
C VAL J 191 -46.79 20.93 4.95
N PRO J 192 -46.05 21.42 5.98
CA PRO J 192 -46.20 20.87 7.35
C PRO J 192 -47.60 20.96 7.99
N ILE K 4 -32.16 -6.53 3.82
CA ILE K 4 -33.14 -7.49 3.25
C ILE K 4 -34.29 -7.67 4.27
N PRO K 5 -35.50 -7.22 3.91
CA PRO K 5 -36.57 -7.20 4.91
C PRO K 5 -37.25 -8.55 5.17
N THR K 6 -37.88 -8.66 6.33
CA THR K 6 -38.60 -9.84 6.76
C THR K 6 -40.12 -9.66 6.56
N VAL K 7 -40.80 -10.76 6.28
CA VAL K 7 -42.27 -10.82 6.26
C VAL K 7 -42.75 -12.02 7.11
N ILE K 8 -43.89 -11.85 7.81
CA ILE K 8 -44.43 -12.95 8.64
C ILE K 8 -45.73 -13.51 8.08
N TYR K 18 -39.82 -15.19 7.29
CA TYR K 18 -39.15 -15.33 6.02
C TYR K 18 -38.45 -14.02 5.66
N ASP K 19 -37.21 -14.04 5.20
CA ASP K 19 -36.69 -12.89 4.43
C ASP K 19 -37.48 -12.82 3.08
N ILE K 20 -37.43 -11.67 2.42
CA ILE K 20 -38.26 -11.45 1.22
C ILE K 20 -38.00 -12.48 0.10
N TYR K 21 -36.74 -12.86 -0.10
CA TYR K 21 -36.38 -13.83 -1.15
C TYR K 21 -36.92 -15.22 -0.84
N SER K 22 -36.83 -15.62 0.42
CA SER K 22 -37.42 -16.88 0.88
C SER K 22 -38.93 -16.90 0.69
N ARG K 23 -39.57 -15.76 0.93
CA ARG K 23 -41.00 -15.66 0.71
C ARG K 23 -41.35 -15.84 -0.77
N LEU K 24 -40.58 -15.24 -1.66
CA LEU K 24 -40.80 -15.44 -3.10
C LEU K 24 -40.55 -16.88 -3.52
N LEU K 25 -39.53 -17.52 -2.94
CA LEU K 25 -39.23 -18.93 -3.24
C LEU K 25 -40.40 -19.85 -2.89
N LYS K 26 -41.11 -19.53 -1.81
CA LYS K 26 -42.35 -20.24 -1.45
C LYS K 26 -43.37 -20.23 -2.58
N ASP K 27 -43.41 -19.17 -3.39
CA ASP K 27 -44.25 -19.13 -4.59
C ASP K 27 -43.52 -19.49 -5.90
N ARG K 28 -42.43 -20.25 -5.79
CA ARG K 28 -41.71 -20.80 -6.94
C ARG K 28 -41.03 -19.71 -7.81
N ILE K 29 -40.62 -18.61 -7.15
CA ILE K 29 -39.90 -17.53 -7.81
C ILE K 29 -38.47 -17.55 -7.30
N ILE K 30 -37.53 -17.67 -8.25
CA ILE K 30 -36.09 -17.61 -7.98
C ILE K 30 -35.55 -16.31 -8.55
N MET K 31 -34.74 -15.60 -7.75
CA MET K 31 -34.18 -14.30 -8.18
C MET K 31 -32.69 -14.44 -8.52
N LEU K 32 -32.35 -14.33 -9.80
CA LEU K 32 -30.96 -14.22 -10.24
C LEU K 32 -30.70 -12.75 -10.41
N GLY K 33 -30.14 -12.13 -9.37
CA GLY K 33 -30.01 -10.69 -9.31
C GLY K 33 -28.56 -10.22 -9.14
N SER K 34 -27.60 -11.01 -9.59
CA SER K 34 -26.20 -10.68 -9.43
C SER K 34 -25.35 -11.29 -10.54
N GLN K 35 -24.06 -11.00 -10.47
CA GLN K 35 -23.04 -11.69 -11.24
C GLN K 35 -23.16 -13.20 -11.01
N ILE K 36 -22.97 -13.97 -12.07
CA ILE K 36 -23.04 -15.43 -12.00
C ILE K 36 -21.66 -16.00 -11.64
N ASP K 37 -21.53 -16.51 -10.43
CA ASP K 37 -20.35 -17.26 -10.04
C ASP K 37 -20.80 -18.62 -9.50
N ASP K 38 -19.86 -19.44 -9.07
CA ASP K 38 -20.17 -20.77 -8.56
C ASP K 38 -21.11 -20.77 -7.35
N ASN K 39 -20.99 -19.80 -6.43
CA ASN K 39 -21.92 -19.71 -5.29
C ASN K 39 -23.34 -19.46 -5.72
N VAL K 40 -23.51 -18.49 -6.63
CA VAL K 40 -24.82 -18.14 -7.13
C VAL K 40 -25.43 -19.33 -7.87
N ALA K 41 -24.64 -20.00 -8.72
CA ALA K 41 -25.12 -21.16 -9.45
C ALA K 41 -25.56 -22.29 -8.51
N ASN K 42 -24.75 -22.57 -7.50
CA ASN K 42 -25.06 -23.60 -6.53
C ASN K 42 -26.38 -23.33 -5.80
N SER K 43 -26.58 -22.07 -5.43
CA SER K 43 -27.81 -21.65 -4.79
C SER K 43 -29.01 -21.83 -5.73
N ILE K 44 -28.88 -21.36 -6.96
CA ILE K 44 -29.98 -21.44 -7.91
C ILE K 44 -30.29 -22.88 -8.30
N VAL K 45 -29.26 -23.68 -8.53
CA VAL K 45 -29.42 -25.11 -8.78
C VAL K 45 -30.18 -25.78 -7.62
N SER K 46 -29.78 -25.48 -6.39
CA SER K 46 -30.42 -26.04 -5.20
C SER K 46 -31.89 -25.64 -5.11
N GLN K 47 -32.18 -24.38 -5.42
CA GLN K 47 -33.54 -23.89 -5.46
C GLN K 47 -34.39 -24.61 -6.52
N LEU K 48 -33.82 -24.81 -7.70
CA LEU K 48 -34.52 -25.52 -8.77
C LEU K 48 -34.84 -26.95 -8.36
N LEU K 49 -33.85 -27.60 -7.75
CA LEU K 49 -34.00 -28.97 -7.27
C LEU K 49 -35.08 -29.07 -6.19
N PHE K 50 -35.06 -28.13 -5.25
CA PHE K 50 -36.06 -28.07 -4.20
C PHE K 50 -37.46 -27.90 -4.78
N LEU K 51 -37.61 -26.96 -5.69
CA LEU K 51 -38.92 -26.66 -6.25
C LEU K 51 -39.51 -27.83 -7.07
N GLN K 52 -38.67 -28.52 -7.85
CA GLN K 52 -39.09 -29.72 -8.58
C GLN K 52 -39.60 -30.81 -7.61
N ALA K 53 -38.89 -31.02 -6.51
CA ALA K 53 -39.28 -32.02 -5.52
C ALA K 53 -40.60 -31.65 -4.82
N GLN K 54 -40.81 -30.36 -4.56
CA GLN K 54 -42.08 -29.88 -4.00
C GLN K 54 -43.24 -30.13 -4.95
N ASP K 55 -43.02 -29.87 -6.24
CA ASP K 55 -44.06 -30.03 -7.25
C ASP K 55 -43.39 -30.12 -8.62
N SER K 56 -43.46 -31.30 -9.23
CA SER K 56 -42.80 -31.56 -10.50
C SER K 56 -43.56 -31.01 -11.74
N GLU K 57 -44.76 -30.48 -11.53
CA GLU K 57 -45.61 -30.00 -12.65
C GLU K 57 -45.84 -28.49 -12.71
N LYS K 58 -45.85 -27.80 -11.57
CA LYS K 58 -46.08 -26.36 -11.58
C LYS K 58 -44.85 -25.59 -12.11
N ASP K 59 -45.12 -24.57 -12.90
CA ASP K 59 -44.08 -23.69 -13.41
C ASP K 59 -43.23 -23.07 -12.29
N ILE K 60 -41.97 -22.81 -12.65
CA ILE K 60 -41.03 -22.04 -11.84
C ILE K 60 -40.79 -20.72 -12.58
N TYR K 61 -40.52 -19.65 -11.85
CA TYR K 61 -40.24 -18.34 -12.43
C TYR K 61 -38.81 -17.92 -12.06
N LEU K 62 -37.97 -17.74 -13.07
CA LEU K 62 -36.60 -17.25 -12.88
C LEU K 62 -36.50 -15.81 -13.36
N TYR K 63 -36.41 -14.90 -12.39
CA TYR K 63 -36.14 -13.48 -12.60
C TYR K 63 -34.65 -13.31 -12.89
N ILE K 64 -34.32 -12.55 -13.93
CA ILE K 64 -32.93 -12.33 -14.33
C ILE K 64 -32.64 -10.85 -14.43
N ASN K 65 -31.80 -10.37 -13.51
CA ASN K 65 -31.13 -9.07 -13.61
C ASN K 65 -29.66 -9.33 -13.31
N SER K 66 -28.87 -9.53 -14.35
CA SER K 66 -27.50 -10.03 -14.19
C SER K 66 -26.60 -9.56 -15.32
N PRO K 67 -25.37 -9.12 -14.98
CA PRO K 67 -24.40 -8.75 -16.02
C PRO K 67 -23.67 -9.97 -16.59
N GLY K 68 -23.99 -11.19 -16.13
CA GLY K 68 -23.34 -12.39 -16.62
C GLY K 68 -22.33 -12.86 -15.60
N GLY K 69 -21.28 -13.55 -16.09
CA GLY K 69 -20.25 -14.12 -15.22
C GLY K 69 -19.71 -15.42 -15.76
N SER K 70 -19.39 -16.33 -14.85
CA SER K 70 -18.75 -17.61 -15.22
C SER K 70 -19.62 -18.43 -16.16
N VAL K 71 -19.02 -18.88 -17.25
CA VAL K 71 -19.72 -19.69 -18.25
C VAL K 71 -20.06 -21.08 -17.67
N THR K 72 -19.14 -21.71 -16.96
CA THR K 72 -19.42 -23.03 -16.39
C THR K 72 -20.49 -22.96 -15.30
N ALA K 73 -20.45 -21.91 -14.48
CA ALA K 73 -21.50 -21.68 -13.50
C ALA K 73 -22.85 -21.46 -14.20
N GLY K 74 -22.83 -20.69 -15.28
CA GLY K 74 -24.02 -20.48 -16.10
C GLY K 74 -24.57 -21.79 -16.64
N PHE K 75 -23.67 -22.67 -17.08
CA PHE K 75 -24.09 -23.98 -17.59
C PHE K 75 -24.60 -24.92 -16.50
N ALA K 76 -24.15 -24.75 -15.26
CA ALA K 76 -24.74 -25.48 -14.13
C ALA K 76 -26.22 -25.16 -14.03
N ILE K 77 -26.54 -23.88 -14.12
CA ILE K 77 -27.92 -23.42 -14.09
C ILE K 77 -28.67 -23.91 -15.33
N TYR K 78 -28.09 -23.68 -16.50
CA TYR K 78 -28.70 -24.06 -17.77
C TYR K 78 -29.10 -25.54 -17.79
N ASP K 79 -28.15 -26.41 -17.49
CA ASP K 79 -28.39 -27.85 -17.54
C ASP K 79 -29.42 -28.30 -16.51
N THR K 80 -29.44 -27.65 -15.34
CA THR K 80 -30.42 -27.98 -14.32
C THR K 80 -31.80 -27.57 -14.79
N ILE K 81 -31.93 -26.40 -15.43
CA ILE K 81 -33.21 -25.98 -16.00
C ILE K 81 -33.72 -27.05 -16.97
N GLN K 82 -32.87 -27.47 -17.92
CA GLN K 82 -33.34 -28.42 -18.92
C GLN K 82 -33.60 -29.81 -18.32
N HIS K 83 -32.88 -30.16 -17.25
CA HIS K 83 -33.02 -31.48 -16.64
C HIS K 83 -34.34 -31.68 -15.89
N ILE K 84 -34.80 -30.66 -15.16
CA ILE K 84 -35.98 -30.80 -14.33
C ILE K 84 -37.27 -30.82 -15.18
N LYS K 85 -38.32 -31.39 -14.61
CA LYS K 85 -39.60 -31.55 -15.31
C LYS K 85 -40.39 -30.23 -15.45
N PRO K 86 -40.51 -29.43 -14.38
CA PRO K 86 -41.26 -28.19 -14.53
C PRO K 86 -40.69 -27.23 -15.58
N ASP K 87 -41.57 -26.52 -16.29
CA ASP K 87 -41.18 -25.40 -17.12
C ASP K 87 -40.57 -24.30 -16.24
N VAL K 88 -39.46 -23.72 -16.70
CA VAL K 88 -38.87 -22.57 -16.02
C VAL K 88 -39.10 -21.37 -16.91
N GLN K 89 -39.96 -20.47 -16.47
CA GLN K 89 -40.18 -19.20 -17.14
C GLN K 89 -38.99 -18.29 -16.83
N THR K 90 -38.58 -17.47 -17.79
CA THR K 90 -37.54 -16.47 -17.55
C THR K 90 -38.10 -15.09 -17.80
N ILE K 91 -37.76 -14.15 -16.92
CA ILE K 91 -38.20 -12.76 -17.03
C ILE K 91 -37.00 -11.85 -16.82
N CYS K 92 -36.64 -11.09 -17.85
CA CYS K 92 -35.56 -10.12 -17.76
C CYS K 92 -36.07 -8.80 -17.24
N ILE K 93 -35.49 -8.36 -16.14
CA ILE K 93 -35.85 -7.11 -15.51
C ILE K 93 -34.51 -6.37 -15.27
N GLY K 94 -34.41 -5.13 -15.75
CA GLY K 94 -33.16 -4.38 -15.67
C GLY K 94 -32.21 -4.72 -16.82
N MET K 95 -31.43 -5.78 -16.64
CA MET K 95 -30.40 -6.15 -17.61
C MET K 95 -30.17 -7.66 -17.59
N ALA K 96 -30.02 -8.25 -18.77
CA ALA K 96 -29.44 -9.59 -18.89
C ALA K 96 -28.32 -9.48 -19.91
N ALA K 97 -27.07 -9.60 -19.45
CA ALA K 97 -25.91 -9.51 -20.33
C ALA K 97 -25.14 -10.81 -20.30
N SER K 98 -24.53 -11.14 -21.44
CA SER K 98 -23.58 -12.24 -21.54
C SER K 98 -24.27 -13.53 -21.11
N MET K 99 -23.71 -14.25 -20.14
CA MET K 99 -24.32 -15.48 -19.68
C MET K 99 -25.72 -15.26 -19.08
N GLY K 100 -26.01 -14.04 -18.63
CA GLY K 100 -27.35 -13.67 -18.20
C GLY K 100 -28.37 -13.75 -19.33
N SER K 101 -28.00 -13.27 -20.50
CA SER K 101 -28.88 -13.32 -21.66
C SER K 101 -28.97 -14.75 -22.21
N PHE K 102 -27.90 -15.52 -22.06
CA PHE K 102 -27.92 -16.94 -22.42
C PHE K 102 -28.97 -17.69 -21.58
N LEU K 103 -29.00 -17.40 -20.28
CA LEU K 103 -29.97 -18.03 -19.39
C LEU K 103 -31.40 -17.54 -19.66
N LEU K 104 -31.56 -16.27 -20.00
CA LEU K 104 -32.85 -15.74 -20.40
C LEU K 104 -33.43 -16.55 -21.57
N ALA K 105 -32.59 -16.80 -22.58
CA ALA K 105 -32.96 -17.55 -23.77
C ALA K 105 -33.23 -19.03 -23.52
N ALA K 106 -32.78 -19.53 -22.37
CA ALA K 106 -32.89 -20.93 -21.99
C ALA K 106 -34.20 -21.30 -21.29
N GLY K 107 -35.06 -20.32 -21.01
CA GLY K 107 -36.34 -20.57 -20.37
C GLY K 107 -37.24 -21.37 -21.29
N ALA K 108 -38.31 -21.95 -20.72
CA ALA K 108 -39.26 -22.77 -21.50
C ALA K 108 -39.79 -22.00 -22.69
N LYS K 109 -39.84 -22.64 -23.85
CA LYS K 109 -40.28 -21.97 -25.09
C LYS K 109 -41.71 -21.46 -24.91
N GLY K 110 -41.94 -20.22 -25.33
CA GLY K 110 -43.17 -19.50 -25.08
C GLY K 110 -43.27 -18.79 -23.75
N LYS K 111 -42.32 -19.02 -22.83
CA LYS K 111 -42.39 -18.45 -21.49
C LYS K 111 -41.11 -17.66 -21.12
N ARG K 112 -40.51 -17.01 -22.11
CA ARG K 112 -39.36 -16.16 -21.92
C ARG K 112 -39.81 -14.73 -22.17
N PHE K 113 -39.62 -13.87 -21.16
CA PHE K 113 -40.17 -12.53 -21.15
C PHE K 113 -39.11 -11.49 -20.82
N ALA K 114 -39.40 -10.25 -21.16
CA ALA K 114 -38.69 -9.09 -20.62
C ALA K 114 -39.68 -7.98 -20.39
N LEU K 115 -39.40 -7.12 -19.42
CA LEU K 115 -40.19 -5.91 -19.24
C LEU K 115 -39.66 -4.86 -20.25
N PRO K 116 -40.48 -3.86 -20.59
CA PRO K 116 -40.22 -3.05 -21.81
C PRO K 116 -38.89 -2.30 -21.87
N ASN K 117 -38.38 -1.88 -20.73
CA ASN K 117 -37.15 -1.09 -20.66
C ASN K 117 -35.95 -1.91 -20.23
N ALA K 118 -36.15 -3.22 -20.11
CA ALA K 118 -35.04 -4.13 -19.80
C ALA K 118 -34.07 -4.17 -20.98
N GLU K 119 -32.80 -4.34 -20.64
CA GLU K 119 -31.71 -4.33 -21.61
C GLU K 119 -31.18 -5.76 -21.76
N VAL K 120 -30.95 -6.20 -22.99
CA VAL K 120 -30.35 -7.50 -23.23
C VAL K 120 -29.05 -7.25 -24.00
N MET K 121 -27.95 -7.88 -23.56
CA MET K 121 -26.70 -7.74 -24.28
C MET K 121 -26.10 -9.11 -24.56
N ILE K 122 -25.64 -9.29 -25.79
CA ILE K 122 -24.97 -10.52 -26.17
C ILE K 122 -23.58 -10.17 -26.68
N HIS K 123 -22.61 -11.03 -26.37
CA HIS K 123 -21.23 -10.87 -26.84
C HIS K 123 -20.48 -12.18 -26.73
N GLN K 124 -19.27 -12.22 -27.27
CA GLN K 124 -18.46 -13.44 -27.20
C GLN K 124 -17.85 -13.59 -25.79
N PRO K 125 -17.51 -14.83 -25.39
CA PRO K 125 -16.94 -15.02 -24.05
C PRO K 125 -15.57 -14.37 -23.87
N LEU K 126 -15.28 -14.01 -22.61
CA LEU K 126 -14.06 -13.33 -22.22
C LEU K 126 -13.22 -14.28 -21.39
N GLY K 127 -11.91 -14.08 -21.43
CA GLY K 127 -11.01 -14.89 -20.64
C GLY K 127 -9.58 -14.39 -20.69
N GLY K 128 -8.69 -15.25 -20.23
CA GLY K 128 -7.29 -14.93 -20.12
C GLY K 128 -6.45 -16.18 -20.16
N ALA K 129 -5.17 -15.98 -20.44
CA ALA K 129 -4.21 -17.07 -20.49
C ALA K 129 -2.83 -16.47 -20.35
N GLN K 130 -1.99 -17.16 -19.59
CA GLN K 130 -0.64 -16.69 -19.31
C GLN K 130 0.26 -17.92 -19.22
N GLY K 131 1.48 -17.81 -19.73
CA GLY K 131 2.49 -18.86 -19.58
C GLY K 131 3.10 -19.24 -20.90
N GLN K 132 3.42 -20.52 -21.05
CA GLN K 132 4.11 -21.02 -22.23
C GLN K 132 3.19 -20.99 -23.45
N ALA K 133 3.81 -20.96 -24.62
CA ALA K 133 3.06 -20.98 -25.89
C ALA K 133 2.03 -22.10 -25.94
N THR K 134 2.40 -23.31 -25.52
CA THR K 134 1.47 -24.44 -25.57
C THR K 134 0.32 -24.29 -24.56
N GLU K 135 0.58 -23.67 -23.42
CA GLU K 135 -0.48 -23.32 -22.45
C GLU K 135 -1.45 -22.31 -23.04
N ILE K 136 -0.91 -21.31 -23.73
CA ILE K 136 -1.76 -20.28 -24.36
C ILE K 136 -2.63 -20.95 -25.43
N GLU K 137 -2.04 -21.85 -26.20
CA GLU K 137 -2.76 -22.61 -27.22
C GLU K 137 -3.92 -23.41 -26.63
N ILE K 138 -3.66 -24.14 -25.54
CA ILE K 138 -4.70 -24.91 -24.85
C ILE K 138 -5.84 -23.99 -24.41
N ALA K 139 -5.50 -22.87 -23.77
CA ALA K 139 -6.52 -21.92 -23.32
C ALA K 139 -7.32 -21.33 -24.49
N ALA K 140 -6.63 -21.03 -25.60
CA ALA K 140 -7.30 -20.50 -26.78
C ALA K 140 -8.28 -21.52 -27.37
N ASN K 141 -7.82 -22.76 -27.53
CA ASN K 141 -8.66 -23.84 -28.05
CA ASN K 141 -8.66 -23.84 -28.05
C ASN K 141 -9.89 -24.04 -27.16
N HIS K 142 -9.68 -24.00 -25.84
CA HIS K 142 -10.77 -24.18 -24.90
C HIS K 142 -11.82 -23.08 -25.00
N ILE K 143 -11.39 -21.81 -25.00
CA ILE K 143 -12.37 -20.72 -25.08
C ILE K 143 -13.06 -20.67 -26.44
N LEU K 144 -12.38 -21.05 -27.53
CA LEU K 144 -13.03 -21.16 -28.84
C LEU K 144 -14.09 -22.27 -28.87
N LYS K 145 -13.78 -23.43 -28.30
CA LYS K 145 -14.77 -24.52 -28.17
C LYS K 145 -15.97 -24.10 -27.31
N THR K 146 -15.71 -23.36 -26.24
CA THR K 146 -16.77 -22.85 -25.38
C THR K 146 -17.68 -21.90 -26.16
N ARG K 147 -17.09 -21.04 -26.99
CA ARG K 147 -17.87 -20.15 -27.83
C ARG K 147 -18.73 -20.90 -28.83
N GLU K 148 -18.16 -21.93 -29.47
CA GLU K 148 -18.94 -22.76 -30.40
C GLU K 148 -20.14 -23.41 -29.69
N LYS K 149 -19.90 -23.92 -28.49
CA LYS K 149 -20.96 -24.55 -27.69
C LYS K 149 -22.09 -23.55 -27.37
N LEU K 150 -21.70 -22.37 -26.91
CA LEU K 150 -22.66 -21.31 -26.60
C LEU K 150 -23.47 -20.90 -27.82
N ASN K 151 -22.77 -20.69 -28.94
CA ASN K 151 -23.40 -20.25 -30.17
C ASN K 151 -24.35 -21.29 -30.75
N ARG K 152 -23.95 -22.55 -30.69
CA ARG K 152 -24.80 -23.65 -31.17
C ARG K 152 -26.12 -23.67 -30.37
N ILE K 153 -26.02 -23.58 -29.05
CA ILE K 153 -27.21 -23.61 -28.21
C ILE K 153 -28.07 -22.37 -28.43
N LEU K 154 -27.43 -21.21 -28.55
CA LEU K 154 -28.16 -19.98 -28.82
C LEU K 154 -28.90 -20.06 -30.16
N SER K 155 -28.28 -20.68 -31.16
CA SER K 155 -28.91 -20.93 -32.46
C SER K 155 -30.19 -21.79 -32.30
N GLU K 156 -30.07 -22.89 -31.57
CA GLU K 156 -31.22 -23.77 -31.28
C GLU K 156 -32.34 -23.04 -30.53
N ARG K 157 -31.98 -22.17 -29.59
CA ARG K 157 -32.97 -21.44 -28.77
C ARG K 157 -33.63 -20.25 -29.45
N THR K 158 -32.92 -19.62 -30.39
CA THR K 158 -33.41 -18.41 -31.05
C THR K 158 -34.00 -18.66 -32.42
N GLY K 159 -33.58 -19.74 -33.08
CA GLY K 159 -33.87 -19.95 -34.49
C GLY K 159 -32.91 -19.23 -35.44
N GLN K 160 -31.92 -18.49 -34.94
CA GLN K 160 -30.94 -17.84 -35.80
C GLN K 160 -29.85 -18.84 -36.17
N SER K 161 -29.23 -18.64 -37.33
CA SER K 161 -28.10 -19.46 -37.72
C SER K 161 -26.88 -19.22 -36.82
N ILE K 162 -26.03 -20.25 -36.74
CA ILE K 162 -24.75 -20.16 -36.05
C ILE K 162 -23.90 -19.02 -36.64
N GLU K 163 -23.94 -18.83 -37.95
CA GLU K 163 -23.16 -17.80 -38.63
C GLU K 163 -23.63 -16.41 -38.21
N LYS K 164 -24.95 -16.22 -38.13
CA LYS K 164 -25.48 -14.92 -37.70
C LYS K 164 -25.11 -14.65 -36.22
N ILE K 165 -25.23 -15.67 -35.38
CA ILE K 165 -24.90 -15.54 -33.97
C ILE K 165 -23.43 -15.15 -33.78
N GLN K 166 -22.55 -15.82 -34.51
CA GLN K 166 -21.11 -15.51 -34.52
C GLN K 166 -20.87 -14.04 -34.86
N LYS K 167 -21.46 -13.57 -35.96
CA LYS K 167 -21.30 -12.17 -36.38
C LYS K 167 -21.88 -11.19 -35.35
N ASP K 168 -23.07 -11.49 -34.83
CA ASP K 168 -23.76 -10.57 -33.93
C ASP K 168 -23.17 -10.52 -32.51
N THR K 169 -22.33 -11.49 -32.16
CA THR K 169 -21.69 -11.52 -30.84
C THR K 169 -20.20 -11.15 -30.89
N ASP K 170 -19.72 -10.74 -32.06
CA ASP K 170 -18.31 -10.41 -32.24
C ASP K 170 -17.88 -9.28 -31.29
N ARG K 171 -18.76 -8.29 -31.16
CA ARG K 171 -18.60 -7.19 -30.20
C ARG K 171 -19.86 -7.12 -29.35
N ASP K 172 -19.79 -6.33 -28.28
CA ASP K 172 -20.96 -6.02 -27.46
C ASP K 172 -22.11 -5.55 -28.33
N ASN K 173 -23.24 -6.22 -28.18
CA ASN K 173 -24.42 -5.96 -28.97
C ASN K 173 -25.59 -5.80 -28.00
N PHE K 174 -26.03 -4.56 -27.83
CA PHE K 174 -27.10 -4.20 -26.92
C PHE K 174 -28.44 -4.25 -27.64
N LEU K 175 -29.43 -4.91 -27.04
CA LEU K 175 -30.76 -5.02 -27.61
C LEU K 175 -31.79 -4.48 -26.65
N THR K 176 -32.78 -3.77 -27.18
CA THR K 176 -33.99 -3.46 -26.42
C THR K 176 -34.80 -4.76 -26.22
N ALA K 177 -35.79 -4.71 -25.32
CA ALA K 177 -36.65 -5.87 -25.08
C ALA K 177 -37.33 -6.32 -26.38
N GLU K 178 -37.83 -5.36 -27.14
CA GLU K 178 -38.48 -5.64 -28.41
C GLU K 178 -37.53 -6.28 -29.41
N GLU K 179 -36.31 -5.75 -29.51
CA GLU K 179 -35.27 -6.36 -30.37
C GLU K 179 -34.90 -7.77 -29.92
N ALA K 180 -34.86 -7.99 -28.61
CA ALA K 180 -34.60 -9.34 -28.09
C ALA K 180 -35.70 -10.33 -28.52
N LYS K 181 -36.94 -9.87 -28.51
CA LYS K 181 -38.07 -10.67 -29.01
C LYS K 181 -37.92 -10.99 -30.50
N GLU K 182 -37.67 -9.96 -31.32
CA GLU K 182 -37.41 -10.15 -32.75
C GLU K 182 -36.23 -11.10 -33.01
N TYR K 183 -35.21 -11.01 -32.17
CA TYR K 183 -34.07 -11.90 -32.30
C TYR K 183 -34.38 -13.38 -31.95
N GLY K 184 -35.40 -13.61 -31.13
CA GLY K 184 -35.73 -14.96 -30.63
C GLY K 184 -35.13 -15.30 -29.27
N LEU K 185 -34.57 -14.30 -28.58
CA LEU K 185 -34.00 -14.51 -27.23
C LEU K 185 -35.12 -14.64 -26.19
N ILE K 186 -36.21 -13.92 -26.44
CA ILE K 186 -37.42 -14.01 -25.63
C ILE K 186 -38.62 -14.19 -26.55
N ASP K 187 -39.76 -14.53 -25.96
CA ASP K 187 -41.01 -14.75 -26.71
C ASP K 187 -41.94 -13.54 -26.69
N GLU K 188 -41.98 -12.82 -25.56
CA GLU K 188 -42.89 -11.66 -25.41
C GLU K 188 -42.29 -10.57 -24.54
N VAL K 189 -42.60 -9.33 -24.89
CA VAL K 189 -42.40 -8.19 -24.01
C VAL K 189 -43.69 -8.02 -23.19
N MET K 190 -43.58 -8.03 -21.87
CA MET K 190 -44.73 -7.83 -20.98
C MET K 190 -45.06 -6.35 -20.87
N VAL K 191 -46.14 -5.92 -21.53
CA VAL K 191 -46.60 -4.52 -21.43
C VAL K 191 -47.43 -4.31 -20.14
N PRO K 192 -47.42 -3.09 -19.58
CA PRO K 192 -48.13 -2.80 -18.32
C PRO K 192 -49.64 -3.11 -18.26
N LEU L 3 -27.04 -14.35 0.34
CA LEU L 3 -28.42 -14.71 -0.13
C LEU L 3 -28.56 -16.25 -0.27
N ILE L 4 -28.52 -16.95 0.87
CA ILE L 4 -28.91 -18.38 0.96
C ILE L 4 -30.33 -18.45 1.57
N PRO L 5 -31.33 -18.90 0.77
CA PRO L 5 -32.71 -18.80 1.25
C PRO L 5 -33.12 -19.88 2.24
N THR L 6 -34.18 -19.57 3.00
CA THR L 6 -34.75 -20.48 3.98
C THR L 6 -36.02 -21.15 3.41
N VAL L 7 -36.27 -22.38 3.84
CA VAL L 7 -37.54 -23.09 3.60
C VAL L 7 -38.09 -23.66 4.93
N TYR L 18 -34.96 -24.46 7.80
CA TYR L 18 -33.78 -24.98 7.13
C TYR L 18 -33.28 -23.95 6.11
N ASP L 19 -31.98 -23.68 6.05
CA ASP L 19 -31.41 -23.08 4.83
C ASP L 19 -31.52 -24.13 3.68
N ILE L 20 -31.42 -23.67 2.44
CA ILE L 20 -31.66 -24.55 1.28
C ILE L 20 -30.73 -25.78 1.26
N TYR L 21 -29.46 -25.60 1.63
CA TYR L 21 -28.49 -26.71 1.62
C TYR L 21 -28.82 -27.76 2.68
N SER L 22 -29.22 -27.29 3.86
CA SER L 22 -29.69 -28.18 4.93
C SER L 22 -30.92 -28.97 4.51
N ARG L 23 -31.82 -28.32 3.78
CA ARG L 23 -33.00 -28.99 3.25
C ARG L 23 -32.61 -30.11 2.28
N LEU L 24 -31.66 -29.83 1.39
CA LEU L 24 -31.17 -30.89 0.47
C LEU L 24 -30.47 -32.03 1.22
N LEU L 25 -29.71 -31.69 2.27
CA LEU L 25 -29.04 -32.70 3.09
C LEU L 25 -30.03 -33.67 3.73
N LYS L 26 -31.20 -33.17 4.12
CA LYS L 26 -32.29 -34.02 4.61
C LYS L 26 -32.68 -35.10 3.61
N ASP L 27 -32.56 -34.82 2.31
CA ASP L 27 -32.77 -35.83 1.26
C ASP L 27 -31.46 -36.49 0.74
N ARG L 28 -30.42 -36.48 1.57
CA ARG L 28 -29.16 -37.17 1.28
C ARG L 28 -28.39 -36.60 0.08
N ILE L 29 -28.56 -35.29 -0.14
CA ILE L 29 -27.85 -34.57 -1.20
C ILE L 29 -26.82 -33.65 -0.55
N ILE L 30 -25.56 -33.84 -0.94
CA ILE L 30 -24.44 -33.00 -0.49
C ILE L 30 -23.98 -32.16 -1.69
N MET L 31 -23.78 -30.87 -1.47
CA MET L 31 -23.36 -29.95 -2.55
C MET L 31 -21.88 -29.56 -2.37
N LEU L 32 -21.03 -30.06 -3.27
CA LEU L 32 -19.63 -29.60 -3.34
C LEU L 32 -19.62 -28.55 -4.44
N GLY L 33 -19.74 -27.29 -4.04
CA GLY L 33 -19.93 -26.19 -4.97
C GLY L 33 -18.84 -25.11 -4.88
N SER L 34 -17.65 -25.49 -4.44
CA SER L 34 -16.57 -24.53 -4.27
C SER L 34 -15.21 -25.20 -4.42
N GLN L 35 -14.17 -24.37 -4.30
CA GLN L 35 -12.81 -24.83 -4.14
C GLN L 35 -12.72 -25.80 -2.97
N ILE L 36 -11.91 -26.85 -3.11
CA ILE L 36 -11.72 -27.84 -2.07
C ILE L 36 -10.57 -27.42 -1.16
N ASP L 37 -10.90 -27.04 0.06
CA ASP L 37 -9.90 -26.80 1.10
C ASP L 37 -10.27 -27.65 2.32
N ASP L 38 -9.48 -27.53 3.38
CA ASP L 38 -9.72 -28.31 4.59
C ASP L 38 -11.10 -28.07 5.22
N ASN L 39 -11.60 -26.83 5.21
CA ASN L 39 -12.94 -26.54 5.75
C ASN L 39 -14.04 -27.25 4.98
N VAL L 40 -13.97 -27.17 3.66
CA VAL L 40 -14.94 -27.80 2.78
C VAL L 40 -14.89 -29.33 2.97
N ALA L 41 -13.69 -29.90 3.02
CA ALA L 41 -13.53 -31.33 3.23
C ALA L 41 -14.13 -31.78 4.57
N ASN L 42 -13.83 -31.04 5.62
CA ASN L 42 -14.34 -31.35 6.95
C ASN L 42 -15.87 -31.35 6.99
N SER L 43 -16.46 -30.36 6.32
CA SER L 43 -17.90 -30.28 6.22
C SER L 43 -18.48 -31.46 5.46
N ILE L 44 -17.89 -31.79 4.30
CA ILE L 44 -18.40 -32.86 3.47
C ILE L 44 -18.21 -34.22 4.14
N VAL L 45 -17.05 -34.43 4.75
CA VAL L 45 -16.80 -35.64 5.54
C VAL L 45 -17.86 -35.80 6.65
N SER L 46 -18.14 -34.71 7.37
CA SER L 46 -19.11 -34.73 8.44
C SER L 46 -20.51 -35.06 7.92
N GLN L 47 -20.87 -34.49 6.78
CA GLN L 47 -22.13 -34.79 6.13
C GLN L 47 -22.24 -36.27 5.72
N LEU L 48 -21.17 -36.81 5.15
CA LEU L 48 -21.16 -38.22 4.76
C LEU L 48 -21.34 -39.12 5.99
N LEU L 49 -20.63 -38.79 7.05
CA LEU L 49 -20.70 -39.54 8.30
C LEU L 49 -22.10 -39.48 8.90
N PHE L 50 -22.70 -38.30 8.89
CA PHE L 50 -24.06 -38.11 9.38
C PHE L 50 -25.05 -38.95 8.58
N LEU L 51 -24.95 -38.90 7.25
CA LEU L 51 -25.89 -39.60 6.40
C LEU L 51 -25.80 -41.12 6.52
N GLN L 52 -24.58 -41.65 6.63
CA GLN L 52 -24.39 -43.09 6.88
C GLN L 52 -25.06 -43.52 8.19
N ALA L 53 -24.90 -42.73 9.25
CA ALA L 53 -25.49 -43.03 10.55
C ALA L 53 -27.03 -42.98 10.51
N GLN L 54 -27.58 -42.04 9.75
CA GLN L 54 -29.03 -41.97 9.54
C GLN L 54 -29.56 -43.19 8.81
N ASP L 55 -28.84 -43.64 7.79
CA ASP L 55 -29.25 -44.79 7.00
C ASP L 55 -28.04 -45.32 6.25
N SER L 56 -27.59 -46.52 6.64
CA SER L 56 -26.39 -47.11 6.07
C SER L 56 -26.59 -47.77 4.70
N GLU L 57 -27.83 -47.83 4.20
CA GLU L 57 -28.15 -48.51 2.95
C GLU L 57 -28.60 -47.59 1.79
N LYS L 58 -29.26 -46.48 2.10
CA LYS L 58 -29.74 -45.59 1.04
C LYS L 58 -28.59 -44.80 0.40
N ASP L 59 -28.66 -44.66 -0.92
CA ASP L 59 -27.71 -43.87 -1.67
C ASP L 59 -27.59 -42.44 -1.14
N ILE L 60 -26.39 -41.87 -1.33
CA ILE L 60 -26.10 -40.46 -1.10
C ILE L 60 -25.81 -39.87 -2.48
N TYR L 61 -26.12 -38.58 -2.65
CA TYR L 61 -25.89 -37.88 -3.91
C TYR L 61 -24.90 -36.74 -3.66
N LEU L 62 -23.73 -36.80 -4.31
CA LEU L 62 -22.72 -35.74 -4.24
C LEU L 62 -22.70 -34.96 -5.54
N TYR L 63 -23.24 -33.75 -5.48
CA TYR L 63 -23.19 -32.75 -6.57
C TYR L 63 -21.79 -32.12 -6.57
N ILE L 64 -21.17 -32.04 -7.75
CA ILE L 64 -19.84 -31.48 -7.88
C ILE L 64 -19.82 -30.37 -8.93
N ASN L 65 -19.61 -29.14 -8.45
CA ASN L 65 -19.24 -28.00 -9.29
C ASN L 65 -18.05 -27.33 -8.59
N SER L 66 -16.84 -27.71 -8.99
CA SER L 66 -15.63 -27.35 -8.26
C SER L 66 -14.43 -27.24 -9.18
N PRO L 67 -13.60 -26.18 -9.00
CA PRO L 67 -12.35 -26.07 -9.74
C PRO L 67 -11.22 -26.91 -9.14
N GLY L 68 -11.47 -27.64 -8.06
CA GLY L 68 -10.46 -28.45 -7.42
C GLY L 68 -9.93 -27.75 -6.18
N GLY L 69 -8.68 -28.04 -5.82
CA GLY L 69 -8.07 -27.47 -4.62
C GLY L 69 -7.11 -28.46 -3.98
N SER L 70 -7.07 -28.45 -2.65
CA SER L 70 -6.11 -29.23 -1.89
C SER L 70 -6.25 -30.74 -2.15
N VAL L 71 -5.14 -31.38 -2.47
CA VAL L 71 -5.11 -32.81 -2.71
C VAL L 71 -5.43 -33.61 -1.44
N THR L 72 -4.82 -33.23 -0.32
CA THR L 72 -5.07 -33.95 0.94
C THR L 72 -6.51 -33.77 1.42
N ALA L 73 -7.04 -32.56 1.26
CA ALA L 73 -8.46 -32.33 1.54
C ALA L 73 -9.35 -33.19 0.64
N GLY L 74 -8.99 -33.26 -0.64
CA GLY L 74 -9.69 -34.11 -1.58
C GLY L 74 -9.65 -35.57 -1.16
N PHE L 75 -8.50 -36.03 -0.67
CA PHE L 75 -8.38 -37.39 -0.18
C PHE L 75 -9.14 -37.67 1.12
N ALA L 76 -9.34 -36.65 1.95
CA ALA L 76 -10.22 -36.79 3.10
C ALA L 76 -11.62 -37.18 2.65
N ILE L 77 -12.11 -36.50 1.62
CA ILE L 77 -13.41 -36.77 1.05
C ILE L 77 -13.41 -38.16 0.37
N TYR L 78 -12.40 -38.39 -0.46
CA TYR L 78 -12.28 -39.65 -1.20
C TYR L 78 -12.33 -40.86 -0.27
N ASP L 79 -11.48 -40.86 0.74
CA ASP L 79 -11.39 -42.00 1.65
C ASP L 79 -12.67 -42.20 2.46
N THR L 80 -13.33 -41.10 2.82
CA THR L 80 -14.58 -41.18 3.54
C THR L 80 -15.66 -41.80 2.64
N ILE L 81 -15.70 -41.40 1.37
CA ILE L 81 -16.64 -42.02 0.42
C ILE L 81 -16.42 -43.53 0.38
N GLN L 82 -15.18 -43.97 0.21
CA GLN L 82 -14.94 -45.41 0.08
C GLN L 82 -15.18 -46.15 1.40
N HIS L 83 -14.97 -45.48 2.52
CA HIS L 83 -15.12 -46.11 3.82
C HIS L 83 -16.57 -46.42 4.22
N ILE L 84 -17.48 -45.50 3.92
CA ILE L 84 -18.87 -45.67 4.32
C ILE L 84 -19.59 -46.73 3.48
N LYS L 85 -20.67 -47.29 4.05
CA LYS L 85 -21.42 -48.36 3.41
C LYS L 85 -22.30 -47.89 2.24
N PRO L 86 -23.05 -46.79 2.41
CA PRO L 86 -23.87 -46.34 1.27
C PRO L 86 -23.08 -46.00 0.01
N ASP L 87 -23.66 -46.32 -1.15
CA ASP L 87 -23.15 -45.83 -2.42
C ASP L 87 -23.25 -44.30 -2.45
N VAL L 88 -22.19 -43.65 -2.94
CA VAL L 88 -22.21 -42.21 -3.17
C VAL L 88 -22.23 -41.97 -4.66
N GLN L 89 -23.37 -41.49 -5.15
CA GLN L 89 -23.50 -41.09 -6.56
C GLN L 89 -22.78 -39.75 -6.71
N THR L 90 -22.14 -39.54 -7.86
CA THR L 90 -21.54 -38.25 -8.17
C THR L 90 -22.18 -37.68 -9.43
N ILE L 91 -22.46 -36.38 -9.41
CA ILE L 91 -23.07 -35.68 -10.54
C ILE L 91 -22.29 -34.39 -10.77
N CYS L 92 -21.66 -34.29 -11.94
CA CYS L 92 -20.95 -33.08 -12.33
C CYS L 92 -21.89 -32.11 -13.00
N ILE L 93 -21.98 -30.92 -12.42
CA ILE L 93 -22.82 -29.86 -12.94
C ILE L 93 -21.92 -28.62 -13.01
N GLY L 94 -21.85 -27.97 -14.18
CA GLY L 94 -20.94 -26.85 -14.41
C GLY L 94 -19.52 -27.29 -14.75
N MET L 95 -18.75 -27.62 -13.75
CA MET L 95 -17.41 -28.06 -13.99
C MET L 95 -16.81 -28.82 -12.85
N ALA L 96 -16.04 -29.84 -13.16
CA ALA L 96 -15.24 -30.56 -12.19
C ALA L 96 -13.82 -30.55 -12.73
N ALA L 97 -12.93 -29.81 -12.08
CA ALA L 97 -11.53 -29.73 -12.49
C ALA L 97 -10.62 -30.24 -11.41
N SER L 98 -9.51 -30.84 -11.83
CA SER L 98 -8.43 -31.24 -10.94
C SER L 98 -8.98 -32.19 -9.88
N MET L 99 -8.80 -31.88 -8.60
CA MET L 99 -9.29 -32.76 -7.56
C MET L 99 -10.82 -32.91 -7.60
N GLY L 100 -11.51 -31.94 -8.19
CA GLY L 100 -12.95 -32.05 -8.44
C GLY L 100 -13.30 -33.21 -9.36
N SER L 101 -12.53 -33.36 -10.43
CA SER L 101 -12.76 -34.46 -11.37
CA SER L 101 -12.76 -34.45 -11.38
C SER L 101 -12.30 -35.79 -10.77
N PHE L 102 -11.29 -35.75 -9.91
CA PHE L 102 -10.87 -36.95 -9.17
C PHE L 102 -12.02 -37.47 -8.29
N LEU L 103 -12.70 -36.56 -7.60
CA LEU L 103 -13.83 -36.92 -6.76
C LEU L 103 -15.04 -37.38 -7.58
N LEU L 104 -15.27 -36.75 -8.72
CA LEU L 104 -16.31 -37.21 -9.65
C LEU L 104 -16.11 -38.70 -10.00
N ALA L 105 -14.87 -39.04 -10.34
CA ALA L 105 -14.50 -40.41 -10.71
C ALA L 105 -14.56 -41.41 -9.56
N ALA L 106 -14.60 -40.90 -8.33
CA ALA L 106 -14.60 -41.69 -7.11
C ALA L 106 -16.00 -42.15 -6.65
N GLY L 107 -17.05 -41.70 -7.32
CA GLY L 107 -18.42 -42.11 -6.99
C GLY L 107 -18.61 -43.60 -7.24
N ALA L 108 -19.67 -44.17 -6.68
CA ALA L 108 -19.98 -45.61 -6.85
C ALA L 108 -20.04 -45.99 -8.32
N LYS L 109 -19.41 -47.10 -8.67
CA LYS L 109 -19.36 -47.55 -10.07
C LYS L 109 -20.77 -47.74 -10.61
N GLY L 110 -21.01 -47.21 -11.81
CA GLY L 110 -22.34 -47.13 -12.40
C GLY L 110 -23.17 -45.94 -12.01
N LYS L 111 -22.73 -45.15 -11.01
CA LYS L 111 -23.52 -44.03 -10.51
C LYS L 111 -22.74 -42.70 -10.53
N ARG L 112 -21.89 -42.54 -11.55
CA ARG L 112 -21.14 -41.31 -11.77
C ARG L 112 -21.70 -40.67 -13.03
N PHE L 113 -22.17 -39.43 -12.89
CA PHE L 113 -22.90 -38.74 -13.94
C PHE L 113 -22.34 -37.35 -14.21
N ALA L 114 -22.69 -36.82 -15.37
CA ALA L 114 -22.55 -35.40 -15.65
C ALA L 114 -23.73 -34.95 -16.49
N LEU L 115 -24.11 -33.69 -16.35
CA LEU L 115 -25.09 -33.11 -17.23
C LEU L 115 -24.39 -32.71 -18.55
N PRO L 116 -25.15 -32.58 -19.65
CA PRO L 116 -24.51 -32.58 -21.00
C PRO L 116 -23.49 -31.50 -21.28
N ASN L 117 -23.65 -30.32 -20.67
CA ASN L 117 -22.78 -29.18 -20.92
C ASN L 117 -21.77 -28.98 -19.81
N ALA L 118 -21.73 -29.90 -18.85
CA ALA L 118 -20.74 -29.85 -17.79
C ALA L 118 -19.35 -30.09 -18.36
N GLU L 119 -18.37 -29.48 -17.75
CA GLU L 119 -17.00 -29.57 -18.17
C GLU L 119 -16.18 -30.37 -17.18
N VAL L 120 -15.31 -31.21 -17.68
CA VAL L 120 -14.42 -31.97 -16.82
C VAL L 120 -13.00 -31.63 -17.24
N MET L 121 -12.13 -31.32 -16.27
CA MET L 121 -10.74 -31.06 -16.60
C MET L 121 -9.83 -31.88 -15.71
N ILE L 122 -8.82 -32.49 -16.33
CA ILE L 122 -7.82 -33.25 -15.59
C ILE L 122 -6.45 -32.66 -15.89
N HIS L 123 -5.60 -32.64 -14.87
CA HIS L 123 -4.21 -32.17 -15.02
C HIS L 123 -3.37 -32.68 -13.87
N GLN L 124 -2.06 -32.46 -13.95
CA GLN L 124 -1.16 -32.90 -12.88
C GLN L 124 -1.24 -31.95 -11.69
N PRO L 125 -0.90 -32.45 -10.47
CA PRO L 125 -0.97 -31.57 -9.30
C PRO L 125 0.04 -30.41 -9.35
N LEU L 126 -0.33 -29.33 -8.65
CA LEU L 126 0.45 -28.10 -8.58
C LEU L 126 1.01 -27.95 -7.17
N GLY L 127 2.13 -27.26 -7.06
CA GLY L 127 2.73 -27.02 -5.76
C GLY L 127 3.89 -26.06 -5.82
N GLY L 128 4.67 -26.08 -4.75
CA GLY L 128 5.77 -25.16 -4.57
C GLY L 128 6.81 -25.73 -3.63
N ALA L 129 8.00 -25.17 -3.68
CA ALA L 129 9.07 -25.53 -2.77
C ALA L 129 10.09 -24.40 -2.79
N GLN L 130 10.63 -24.10 -1.62
CA GLN L 130 11.58 -23.03 -1.44
C GLN L 130 12.57 -23.45 -0.37
N GLY L 131 13.84 -23.09 -0.55
CA GLY L 131 14.85 -23.30 0.48
C GLY L 131 16.07 -24.03 -0.07
N GLN L 132 16.68 -24.86 0.79
CA GLN L 132 17.89 -25.57 0.44
C GLN L 132 17.64 -26.65 -0.60
N ALA L 133 18.69 -27.02 -1.33
CA ALA L 133 18.61 -28.06 -2.34
C ALA L 133 17.92 -29.33 -1.83
N THR L 134 18.29 -29.78 -0.63
CA THR L 134 17.73 -31.01 -0.08
C THR L 134 16.24 -30.85 0.30
N GLU L 135 15.86 -29.65 0.72
CA GLU L 135 14.44 -29.33 0.96
C GLU L 135 13.65 -29.36 -0.34
N ILE L 136 14.22 -28.81 -1.41
CA ILE L 136 13.56 -28.81 -2.72
C ILE L 136 13.40 -30.27 -3.18
N GLU L 137 14.43 -31.08 -2.98
CA GLU L 137 14.39 -32.50 -3.33
C GLU L 137 13.25 -33.23 -2.60
N ILE L 138 13.16 -33.03 -1.29
CA ILE L 138 12.10 -33.64 -0.48
C ILE L 138 10.72 -33.23 -1.02
N ALA L 139 10.51 -31.93 -1.27
CA ALA L 139 9.24 -31.46 -1.80
C ALA L 139 8.94 -32.04 -3.19
N ALA L 140 9.97 -32.14 -4.04
CA ALA L 140 9.80 -32.72 -5.38
C ALA L 140 9.40 -34.19 -5.29
N ASN L 141 10.11 -34.96 -4.48
CA ASN L 141 9.79 -36.38 -4.26
C ASN L 141 8.38 -36.54 -3.75
N HIS L 142 7.97 -35.69 -2.81
CA HIS L 142 6.63 -35.76 -2.26
C HIS L 142 5.55 -35.50 -3.30
N ILE L 143 5.68 -34.42 -4.07
CA ILE L 143 4.65 -34.11 -5.07
C ILE L 143 4.64 -35.15 -6.21
N LEU L 144 5.80 -35.71 -6.56
CA LEU L 144 5.83 -36.81 -7.54
C LEU L 144 5.14 -38.08 -7.02
N LYS L 145 5.38 -38.44 -5.77
CA LYS L 145 4.65 -39.57 -5.13
C LYS L 145 3.15 -39.30 -5.08
N THR L 146 2.75 -38.08 -4.77
CA THR L 146 1.35 -37.70 -4.75
C THR L 146 0.72 -37.88 -6.12
N ARG L 147 1.44 -37.48 -7.17
CA ARG L 147 0.96 -37.67 -8.54
C ARG L 147 0.81 -39.15 -8.90
N GLU L 148 1.80 -39.98 -8.52
CA GLU L 148 1.71 -41.43 -8.74
C GLU L 148 0.49 -42.02 -8.03
N LYS L 149 0.24 -41.60 -6.81
CA LYS L 149 -0.93 -42.05 -6.03
C LYS L 149 -2.23 -41.68 -6.73
N LEU L 150 -2.34 -40.43 -7.15
CA LEU L 150 -3.52 -39.96 -7.88
C LEU L 150 -3.74 -40.73 -9.16
N ASN L 151 -2.68 -40.89 -9.93
CA ASN L 151 -2.73 -41.57 -11.23
C ASN L 151 -3.09 -43.04 -11.09
N ARG L 152 -2.53 -43.71 -10.09
CA ARG L 152 -2.85 -45.12 -9.82
C ARG L 152 -4.34 -45.28 -9.53
N ILE L 153 -4.88 -44.43 -8.66
CA ILE L 153 -6.30 -44.51 -8.31
C ILE L 153 -7.16 -44.16 -9.50
N LEU L 154 -6.78 -43.14 -10.25
CA LEU L 154 -7.53 -42.75 -11.45
C LEU L 154 -7.54 -43.90 -12.47
N SER L 155 -6.42 -44.61 -12.59
CA SER L 155 -6.34 -45.81 -13.45
C SER L 155 -7.33 -46.88 -13.02
N GLU L 156 -7.37 -47.19 -11.72
CA GLU L 156 -8.33 -48.14 -11.15
C GLU L 156 -9.78 -47.72 -11.38
N ARG L 157 -10.07 -46.42 -11.27
CA ARG L 157 -11.44 -45.92 -11.45
C ARG L 157 -11.90 -45.68 -12.86
N THR L 158 -11.00 -45.53 -13.80
CA THR L 158 -11.35 -45.28 -15.19
C THR L 158 -11.16 -46.49 -16.10
N GLY L 159 -10.30 -47.42 -15.70
CA GLY L 159 -9.85 -48.48 -16.59
C GLY L 159 -8.71 -48.10 -17.53
N GLN L 160 -8.22 -46.84 -17.48
CA GLN L 160 -7.11 -46.43 -18.32
C GLN L 160 -5.81 -46.82 -17.66
N SER L 161 -4.77 -47.05 -18.46
CA SER L 161 -3.45 -47.34 -17.90
C SER L 161 -2.86 -46.09 -17.20
N ILE L 162 -1.98 -46.36 -16.25
CA ILE L 162 -1.19 -45.33 -15.58
C ILE L 162 -0.41 -44.47 -16.60
N GLU L 163 0.13 -45.12 -17.64
CA GLU L 163 0.91 -44.43 -18.66
C GLU L 163 0.05 -43.47 -19.45
N LYS L 164 -1.17 -43.88 -19.81
CA LYS L 164 -2.08 -43.00 -20.53
C LYS L 164 -2.50 -41.82 -19.64
N ILE L 165 -2.79 -42.10 -18.37
CA ILE L 165 -3.20 -41.05 -17.43
C ILE L 165 -2.07 -40.00 -17.27
N GLN L 166 -0.84 -40.48 -17.12
CA GLN L 166 0.35 -39.62 -17.04
C GLN L 166 0.43 -38.69 -18.25
N LYS L 167 0.33 -39.25 -19.46
CA LYS L 167 0.39 -38.46 -20.68
C LYS L 167 -0.77 -37.46 -20.79
N ASP L 168 -1.98 -37.91 -20.47
CA ASP L 168 -3.18 -37.08 -20.63
C ASP L 168 -3.33 -35.98 -19.58
N THR L 169 -2.59 -36.07 -18.48
CA THR L 169 -2.64 -35.06 -17.41
C THR L 169 -1.40 -34.15 -17.39
N ASP L 170 -0.53 -34.30 -18.39
CA ASP L 170 0.72 -33.54 -18.43
C ASP L 170 0.43 -32.04 -18.48
N ARG L 171 -0.59 -31.66 -19.26
CA ARG L 171 -1.11 -30.30 -19.31
C ARG L 171 -2.60 -30.34 -19.06
N ASP L 172 -3.19 -29.17 -18.85
CA ASP L 172 -4.64 -29.01 -18.74
C ASP L 172 -5.33 -29.70 -19.91
N ASN L 173 -6.24 -30.61 -19.59
CA ASN L 173 -6.93 -31.41 -20.58
C ASN L 173 -8.44 -31.29 -20.26
N PHE L 174 -9.13 -30.53 -21.11
CA PHE L 174 -10.55 -30.26 -20.97
C PHE L 174 -11.36 -31.32 -21.71
N LEU L 175 -12.37 -31.88 -21.04
CA LEU L 175 -13.24 -32.89 -21.64
C LEU L 175 -14.68 -32.45 -21.56
N THR L 176 -15.43 -32.70 -22.63
CA THR L 176 -16.89 -32.63 -22.59
C THR L 176 -17.44 -33.77 -21.70
N ALA L 177 -18.70 -33.68 -21.32
CA ALA L 177 -19.34 -34.74 -20.55
C ALA L 177 -19.23 -36.09 -21.26
N GLU L 178 -19.51 -36.09 -22.56
CA GLU L 178 -19.43 -37.29 -23.37
C GLU L 178 -18.01 -37.86 -23.41
N GLU L 179 -17.01 -36.99 -23.58
CA GLU L 179 -15.60 -37.41 -23.53
C GLU L 179 -15.21 -37.97 -22.16
N ALA L 180 -15.74 -37.37 -21.08
CA ALA L 180 -15.50 -37.88 -19.74
C ALA L 180 -16.06 -39.32 -19.57
N LYS L 181 -17.23 -39.57 -20.16
CA LYS L 181 -17.80 -40.91 -20.18
C LYS L 181 -16.92 -41.90 -20.95
N GLU L 182 -16.52 -41.54 -22.16
CA GLU L 182 -15.59 -42.34 -22.96
C GLU L 182 -14.27 -42.59 -22.24
N TYR L 183 -13.80 -41.59 -21.49
CA TYR L 183 -12.58 -41.76 -20.72
C TYR L 183 -12.72 -42.72 -19.52
N GLY L 184 -13.94 -42.90 -19.01
CA GLY L 184 -14.19 -43.71 -17.81
C GLY L 184 -14.25 -42.90 -16.51
N LEU L 185 -14.28 -41.57 -16.61
CA LEU L 185 -14.38 -40.71 -15.42
C LEU L 185 -15.80 -40.73 -14.86
N ILE L 186 -16.77 -40.87 -15.75
CA ILE L 186 -18.18 -41.03 -15.39
C ILE L 186 -18.74 -42.22 -16.16
N ASP L 187 -19.94 -42.64 -15.76
CA ASP L 187 -20.62 -43.77 -16.37
C ASP L 187 -21.67 -43.35 -17.40
N GLU L 188 -22.37 -42.25 -17.15
CA GLU L 188 -23.44 -41.77 -18.03
C GLU L 188 -23.54 -40.25 -18.06
N VAL L 189 -23.90 -39.73 -19.24
CA VAL L 189 -24.37 -38.37 -19.39
C VAL L 189 -25.89 -38.38 -19.21
N MET L 190 -26.40 -37.60 -18.26
CA MET L 190 -27.85 -37.48 -18.04
C MET L 190 -28.46 -36.55 -19.08
N VAL L 191 -29.19 -37.12 -20.03
CA VAL L 191 -29.94 -36.32 -21.01
C VAL L 191 -31.28 -35.83 -20.43
N PRO L 192 -31.79 -34.68 -20.89
CA PRO L 192 -32.99 -34.04 -20.30
C PRO L 192 -34.27 -34.88 -20.21
N ILE M 4 -21.44 -24.19 6.82
CA ILE M 4 -22.03 -24.99 7.94
C ILE M 4 -23.55 -25.10 7.77
N PRO M 5 -24.10 -26.34 7.64
CA PRO M 5 -25.55 -26.51 7.46
C PRO M 5 -26.33 -26.87 8.72
N TYR M 18 -29.26 -28.21 15.24
CA TYR M 18 -27.84 -28.42 15.36
C TYR M 18 -27.15 -28.07 14.03
N ASP M 19 -26.05 -27.33 14.05
CA ASP M 19 -25.11 -27.37 12.92
C ASP M 19 -24.47 -28.78 12.85
N ILE M 20 -23.90 -29.13 11.70
CA ILE M 20 -23.41 -30.51 11.47
C ILE M 20 -22.36 -30.95 12.51
N TYR M 21 -21.46 -30.05 12.91
CA TYR M 21 -20.41 -30.37 13.87
C TYR M 21 -21.00 -30.65 15.26
N SER M 22 -21.97 -29.84 15.66
CA SER M 22 -22.70 -30.06 16.91
C SER M 22 -23.43 -31.39 16.91
N ARG M 23 -24.00 -31.76 15.77
CA ARG M 23 -24.65 -33.05 15.64
C ARG M 23 -23.66 -34.20 15.84
N LEU M 24 -22.47 -34.10 15.24
CA LEU M 24 -21.44 -35.13 15.44
C LEU M 24 -20.97 -35.17 16.90
N LEU M 25 -20.85 -34.00 17.53
CA LEU M 25 -20.45 -33.94 18.94
C LEU M 25 -21.42 -34.68 19.86
N LYS M 26 -22.71 -34.62 19.53
CA LYS M 26 -23.73 -35.41 20.23
C LYS M 26 -23.40 -36.91 20.23
N ASP M 27 -22.76 -37.40 19.17
CA ASP M 27 -22.26 -38.79 19.14
C ASP M 27 -20.79 -38.96 19.51
N ARG M 28 -20.25 -38.01 20.27
CA ARG M 28 -18.90 -38.08 20.83
C ARG M 28 -17.79 -38.03 19.76
N ILE M 29 -18.07 -37.35 18.65
CA ILE M 29 -17.11 -37.14 17.58
C ILE M 29 -16.67 -35.68 17.58
N ILE M 30 -15.37 -35.48 17.71
CA ILE M 30 -14.75 -34.14 17.65
C ILE M 30 -13.97 -34.06 16.34
N MET M 31 -14.13 -32.96 15.61
CA MET M 31 -13.45 -32.77 14.31
C MET M 31 -12.32 -31.74 14.46
N LEU M 32 -11.07 -32.20 14.38
CA LEU M 32 -9.91 -31.31 14.29
C LEU M 32 -9.60 -31.22 12.81
N GLY M 33 -10.10 -30.18 12.16
CA GLY M 33 -10.03 -30.02 10.73
C GLY M 33 -9.32 -28.76 10.25
N SER M 34 -8.41 -28.24 11.06
CA SER M 34 -7.71 -27.01 10.71
C SER M 34 -6.33 -26.96 11.36
N GLN M 35 -5.63 -25.87 11.08
CA GLN M 35 -4.42 -25.48 11.79
C GLN M 35 -4.70 -25.44 13.29
N ILE M 36 -3.75 -25.90 14.09
CA ILE M 36 -3.88 -25.88 15.55
C ILE M 36 -3.36 -24.56 16.09
N ASP M 37 -4.27 -23.74 16.58
CA ASP M 37 -3.91 -22.53 17.32
C ASP M 37 -4.64 -22.57 18.66
N ASP M 38 -4.45 -21.53 19.47
CA ASP M 38 -5.07 -21.46 20.78
C ASP M 38 -6.61 -21.54 20.76
N ASN M 39 -7.27 -20.93 19.78
CA ASN M 39 -8.74 -21.00 19.65
C ASN M 39 -9.21 -22.43 19.42
N VAL M 40 -8.55 -23.11 18.47
CA VAL M 40 -8.90 -24.48 18.13
C VAL M 40 -8.66 -25.38 19.35
N ALA M 41 -7.53 -25.22 20.02
CA ALA M 41 -7.22 -26.02 21.21
C ALA M 41 -8.27 -25.82 22.32
N ASN M 42 -8.62 -24.56 22.57
CA ASN M 42 -9.62 -24.24 23.59
C ASN M 42 -10.96 -24.89 23.30
N SER M 43 -11.36 -24.87 22.03
CA SER M 43 -12.59 -25.51 21.61
C SER M 43 -12.52 -27.03 21.81
N ILE M 44 -11.43 -27.64 21.37
CA ILE M 44 -11.29 -29.08 21.47
C ILE M 44 -11.18 -29.54 22.93
N VAL M 45 -10.40 -28.82 23.73
CA VAL M 45 -10.32 -29.07 25.16
C VAL M 45 -11.72 -29.02 25.81
N SER M 46 -12.49 -27.99 25.47
CA SER M 46 -13.82 -27.81 26.02
C SER M 46 -14.74 -28.96 25.62
N GLN M 47 -14.65 -29.38 24.37
CA GLN M 47 -15.40 -30.53 23.88
C GLN M 47 -15.04 -31.82 24.62
N LEU M 48 -13.74 -32.04 24.84
CA LEU M 48 -13.30 -33.23 25.57
C LEU M 48 -13.84 -33.23 26.99
N LEU M 49 -13.77 -32.07 27.63
CA LEU M 49 -14.25 -31.88 28.99
C LEU M 49 -15.75 -32.13 29.07
N PHE M 50 -16.49 -31.58 28.11
CA PHE M 50 -17.94 -31.79 28.04
C PHE M 50 -18.28 -33.27 27.89
N LEU M 51 -17.61 -33.94 26.97
CA LEU M 51 -17.91 -35.34 26.69
C LEU M 51 -17.61 -36.27 27.86
N GLN M 52 -16.49 -36.03 28.56
CA GLN M 52 -16.16 -36.79 29.78
C GLN M 52 -17.27 -36.63 30.84
N ALA M 53 -17.74 -35.40 31.03
CA ALA M 53 -18.80 -35.13 32.01
C ALA M 53 -20.13 -35.80 31.63
N GLN M 54 -20.45 -35.83 30.34
CA GLN M 54 -21.62 -36.55 29.86
C GLN M 54 -21.54 -38.04 30.12
N ASP M 55 -20.36 -38.62 29.88
CA ASP M 55 -20.14 -40.04 30.07
C ASP M 55 -18.65 -40.29 30.18
N SER M 56 -18.21 -40.70 31.37
CA SER M 56 -16.80 -40.90 31.65
C SER M 56 -16.23 -42.24 31.14
N GLU M 57 -17.08 -43.10 30.58
CA GLU M 57 -16.66 -44.45 30.14
C GLU M 57 -16.71 -44.68 28.62
N LYS M 58 -17.63 -44.04 27.91
CA LYS M 58 -17.74 -44.25 26.47
C LYS M 58 -16.60 -43.58 25.72
N ASP M 59 -16.09 -44.26 24.70
CA ASP M 59 -15.06 -43.73 23.82
C ASP M 59 -15.46 -42.40 23.19
N ILE M 60 -14.44 -41.59 22.92
CA ILE M 60 -14.54 -40.35 22.14
C ILE M 60 -13.78 -40.60 20.84
N TYR M 61 -14.21 -39.96 19.76
CA TYR M 61 -13.55 -40.10 18.46
C TYR M 61 -13.02 -38.73 18.02
N LEU M 62 -11.70 -38.64 17.86
CA LEU M 62 -11.05 -37.41 17.38
C LEU M 62 -10.58 -37.62 15.94
N TYR M 63 -11.30 -37.00 15.02
CA TYR M 63 -10.94 -36.92 13.60
C TYR M 63 -9.83 -35.86 13.43
N ILE M 64 -8.78 -36.20 12.71
CA ILE M 64 -7.65 -35.31 12.51
C ILE M 64 -7.37 -35.14 11.02
N ASN M 65 -7.62 -33.93 10.51
CA ASN M 65 -7.13 -33.46 9.22
C ASN M 65 -6.53 -32.07 9.48
N SER M 66 -5.22 -32.03 9.71
CA SER M 66 -4.56 -30.83 10.18
C SER M 66 -3.12 -30.75 9.73
N PRO M 67 -2.67 -29.56 9.29
CA PRO M 67 -1.25 -29.35 8.97
C PRO M 67 -0.39 -29.08 10.20
N GLY M 68 -0.97 -29.08 11.39
CA GLY M 68 -0.23 -28.81 12.61
C GLY M 68 -0.46 -27.39 13.06
N GLY M 69 0.53 -26.81 13.75
CA GLY M 69 0.41 -25.47 14.30
C GLY M 69 1.14 -25.33 15.62
N SER M 70 0.57 -24.54 16.51
CA SER M 70 1.21 -24.22 17.79
C SER M 70 1.47 -25.48 18.63
N VAL M 71 2.70 -25.60 19.11
CA VAL M 71 3.10 -26.72 19.95
C VAL M 71 2.39 -26.66 21.32
N THR M 72 2.34 -25.49 21.94
CA THR M 72 1.69 -25.38 23.24
C THR M 72 0.18 -25.62 23.14
N ALA M 73 -0.44 -25.12 22.08
CA ALA M 73 -1.85 -25.41 21.83
C ALA M 73 -2.05 -26.92 21.62
N GLY M 74 -1.15 -27.55 20.89
CA GLY M 74 -1.18 -28.99 20.70
C GLY M 74 -1.08 -29.73 22.02
N PHE M 75 -0.21 -29.25 22.90
CA PHE M 75 -0.06 -29.86 24.22
C PHE M 75 -1.26 -29.63 25.14
N ALA M 76 -2.01 -28.54 24.96
CA ALA M 76 -3.27 -28.37 25.66
C ALA M 76 -4.21 -29.52 25.34
N ILE M 77 -4.30 -29.86 24.05
CA ILE M 77 -5.13 -30.95 23.60
C ILE M 77 -4.57 -32.28 24.10
N TYR M 78 -3.26 -32.49 23.91
CA TYR M 78 -2.59 -33.73 24.31
C TYR M 78 -2.84 -34.04 25.79
N ASP M 79 -2.55 -33.08 26.65
CA ASP M 79 -2.67 -33.30 28.10
C ASP M 79 -4.12 -33.52 28.51
N THR M 80 -5.06 -32.86 27.85
CA THR M 80 -6.47 -33.06 28.15
C THR M 80 -6.90 -34.48 27.75
N ILE M 81 -6.42 -34.96 26.60
CA ILE M 81 -6.69 -36.34 26.20
C ILE M 81 -6.21 -37.31 27.28
N GLN M 82 -4.97 -37.16 27.71
CA GLN M 82 -4.43 -38.11 28.69
C GLN M 82 -5.10 -37.96 30.07
N HIS M 83 -5.56 -36.76 30.40
CA HIS M 83 -6.15 -36.50 31.70
C HIS M 83 -7.53 -37.14 31.88
N ILE M 84 -8.37 -37.11 30.84
CA ILE M 84 -9.73 -37.59 30.96
C ILE M 84 -9.78 -39.13 30.99
N LYS M 85 -10.86 -39.65 31.55
CA LYS M 85 -11.04 -41.10 31.73
C LYS M 85 -11.36 -41.84 30.41
N PRO M 86 -12.29 -41.33 29.59
CA PRO M 86 -12.59 -42.05 28.35
C PRO M 86 -11.39 -42.20 27.40
N ASP M 87 -11.31 -43.32 26.72
CA ASP M 87 -10.37 -43.51 25.63
C ASP M 87 -10.72 -42.52 24.50
N VAL M 88 -9.70 -41.87 23.93
CA VAL M 88 -9.89 -41.02 22.77
C VAL M 88 -9.28 -41.73 21.57
N GLN M 89 -10.13 -42.18 20.66
CA GLN M 89 -9.67 -42.77 19.41
C GLN M 89 -9.23 -41.63 18.49
N THR M 90 -8.19 -41.85 17.70
CA THR M 90 -7.77 -40.88 16.70
C THR M 90 -7.86 -41.50 15.31
N ILE M 91 -8.36 -40.72 14.36
CA ILE M 91 -8.51 -41.15 12.97
C ILE M 91 -7.95 -40.05 12.06
N CYS M 92 -6.89 -40.37 11.34
CA CYS M 92 -6.32 -39.45 10.37
C CYS M 92 -7.02 -39.59 9.03
N ILE M 93 -7.58 -38.49 8.57
CA ILE M 93 -8.26 -38.42 7.29
C ILE M 93 -7.68 -37.20 6.56
N GLY M 94 -7.22 -37.41 5.34
CA GLY M 94 -6.52 -36.35 4.57
C GLY M 94 -5.06 -36.24 4.94
N MET M 95 -4.77 -35.48 6.01
CA MET M 95 -3.38 -35.20 6.40
C MET M 95 -3.30 -34.99 7.90
N ALA M 96 -2.25 -35.54 8.52
CA ALA M 96 -1.86 -35.13 9.87
C ALA M 96 -0.37 -34.80 9.78
N ALA M 97 0.01 -33.54 9.97
CA ALA M 97 1.39 -33.16 9.91
C ALA M 97 1.83 -32.42 11.16
N SER M 98 3.10 -32.55 11.52
CA SER M 98 3.70 -31.87 12.67
C SER M 98 2.95 -32.18 13.93
N MET M 99 2.39 -31.16 14.56
CA MET M 99 1.62 -31.34 15.77
C MET M 99 0.37 -32.19 15.56
N GLY M 100 -0.23 -32.14 14.37
CA GLY M 100 -1.34 -33.00 14.04
C GLY M 100 -0.95 -34.47 14.08
N SER M 101 0.23 -34.85 13.59
CA SER M 101 0.65 -36.23 13.66
C SER M 101 1.01 -36.61 15.10
N PHE M 102 1.51 -35.64 15.87
CA PHE M 102 1.77 -35.85 17.30
C PHE M 102 0.46 -36.22 18.02
N LEU M 103 -0.62 -35.50 17.72
CA LEU M 103 -1.92 -35.76 18.32
C LEU M 103 -2.52 -37.09 17.82
N LEU M 104 -2.31 -37.42 16.56
CA LEU M 104 -2.71 -38.72 16.04
C LEU M 104 -2.11 -39.86 16.87
N ALA M 105 -0.81 -39.76 17.14
CA ALA M 105 -0.08 -40.74 17.92
C ALA M 105 -0.46 -40.80 19.40
N ALA M 106 -1.14 -39.76 19.87
CA ALA M 106 -1.55 -39.61 21.26
C ALA M 106 -2.88 -40.28 21.61
N GLY M 107 -3.59 -40.82 20.62
CA GLY M 107 -4.85 -41.50 20.85
C GLY M 107 -4.65 -42.76 21.67
N ALA M 108 -5.73 -43.29 22.23
CA ALA M 108 -5.66 -44.52 23.07
C ALA M 108 -4.98 -45.64 22.32
N LYS M 109 -4.08 -46.35 23.00
CA LYS M 109 -3.32 -47.44 22.36
C LYS M 109 -4.26 -48.50 21.83
N GLY M 110 -4.02 -48.93 20.60
CA GLY M 110 -4.94 -49.80 19.87
C GLY M 110 -6.06 -49.11 19.11
N LYS M 111 -6.26 -47.81 19.34
CA LYS M 111 -7.40 -47.09 18.73
C LYS M 111 -6.94 -45.84 17.95
N ARG M 112 -5.77 -45.94 17.32
CA ARG M 112 -5.25 -44.89 16.47
C ARG M 112 -5.27 -45.42 15.03
N PHE M 113 -5.98 -44.70 14.17
CA PHE M 113 -6.27 -45.14 12.83
C PHE M 113 -5.91 -44.09 11.77
N ALA M 114 -5.78 -44.55 10.54
CA ALA M 114 -5.79 -43.66 9.38
C ALA M 114 -6.52 -44.35 8.25
N LEU M 115 -7.14 -43.58 7.39
CA LEU M 115 -7.72 -44.12 6.17
C LEU M 115 -6.58 -44.28 5.14
N PRO M 116 -6.77 -45.16 4.14
CA PRO M 116 -5.61 -45.65 3.36
C PRO M 116 -4.79 -44.61 2.61
N ASN M 117 -5.41 -43.53 2.16
CA ASN M 117 -4.76 -42.51 1.37
C ASN M 117 -4.42 -41.27 2.21
N ALA M 118 -4.63 -41.35 3.51
CA ALA M 118 -4.26 -40.28 4.41
C ALA M 118 -2.74 -40.16 4.47
N GLU M 119 -2.28 -38.94 4.65
CA GLU M 119 -0.85 -38.60 4.66
C GLU M 119 -0.46 -38.24 6.10
N VAL M 120 0.67 -38.76 6.56
CA VAL M 120 1.20 -38.40 7.86
C VAL M 120 2.57 -37.77 7.63
N MET M 121 2.84 -36.63 8.26
CA MET M 121 4.16 -36.01 8.13
C MET M 121 4.71 -35.66 9.50
N ILE M 122 5.97 -35.99 9.72
CA ILE M 122 6.65 -35.66 10.96
C ILE M 122 7.87 -34.82 10.63
N HIS M 123 8.16 -33.85 11.47
CA HIS M 123 9.35 -32.99 11.33
C HIS M 123 9.67 -32.30 12.64
N GLN M 124 10.81 -31.64 12.70
CA GLN M 124 11.19 -30.92 13.92
C GLN M 124 10.41 -29.61 14.04
N PRO M 125 10.25 -29.09 15.29
CA PRO M 125 9.50 -27.84 15.45
C PRO M 125 10.16 -26.64 14.80
N LEU M 126 9.34 -25.66 14.44
CA LEU M 126 9.75 -24.45 13.75
C LEU M 126 9.55 -23.27 14.70
N GLY M 127 10.36 -22.24 14.52
CA GLY M 127 10.22 -21.04 15.35
C GLY M 127 11.11 -19.91 14.91
N GLY M 128 11.34 -18.99 15.82
CA GLY M 128 11.96 -17.72 15.50
C GLY M 128 12.51 -17.06 16.73
N ALA M 129 13.45 -16.16 16.54
CA ALA M 129 14.07 -15.42 17.62
C ALA M 129 14.75 -14.22 17.02
N GLN M 130 14.64 -13.09 17.70
CA GLN M 130 15.20 -11.84 17.24
C GLN M 130 15.64 -11.04 18.46
N GLY M 131 16.78 -10.36 18.35
CA GLY M 131 17.24 -9.46 19.41
C GLY M 131 18.67 -9.73 19.81
N GLN M 132 18.95 -9.56 21.08
CA GLN M 132 20.30 -9.70 21.61
C GLN M 132 20.75 -11.16 21.60
N ALA M 133 22.05 -11.36 21.58
CA ALA M 133 22.64 -12.70 21.62
C ALA M 133 22.05 -13.56 22.74
N THR M 134 21.90 -13.01 23.94
CA THR M 134 21.38 -13.79 25.06
C THR M 134 19.88 -14.13 24.89
N GLU M 135 19.12 -13.24 24.24
CA GLU M 135 17.73 -13.52 23.89
C GLU M 135 17.65 -14.66 22.86
N ILE M 136 18.54 -14.63 21.87
CA ILE M 136 18.57 -15.68 20.85
C ILE M 136 18.90 -17.02 21.54
N GLU M 137 19.86 -16.99 22.46
CA GLU M 137 20.25 -18.18 23.22
C GLU M 137 19.07 -18.78 24.00
N ILE M 138 18.34 -17.91 24.71
CA ILE M 138 17.16 -18.35 25.46
C ILE M 138 16.14 -19.01 24.54
N ALA M 139 15.84 -18.36 23.41
CA ALA M 139 14.89 -18.92 22.44
C ALA M 139 15.38 -20.25 21.86
N ALA M 140 16.68 -20.35 21.58
CA ALA M 140 17.25 -21.60 21.06
C ALA M 140 17.13 -22.73 22.08
N ASN M 141 17.53 -22.46 23.32
CA ASN M 141 17.42 -23.43 24.41
C ASN M 141 15.99 -23.89 24.59
N HIS M 142 15.04 -22.95 24.53
CA HIS M 142 13.63 -23.29 24.69
C HIS M 142 13.12 -24.20 23.58
N ILE M 143 13.39 -23.86 22.32
CA ILE M 143 12.90 -24.69 21.22
C ILE M 143 13.61 -26.07 21.20
N LEU M 144 14.88 -26.14 21.58
CA LEU M 144 15.56 -27.43 21.71
C LEU M 144 14.94 -28.31 22.82
N LYS M 145 14.64 -27.72 23.98
CA LYS M 145 13.94 -28.43 25.06
C LYS M 145 12.55 -28.91 24.61
N THR M 146 11.84 -28.07 23.85
CA THR M 146 10.54 -28.43 23.32
C THR M 146 10.65 -29.63 22.39
N ARG M 147 11.69 -29.64 21.55
CA ARG M 147 11.93 -30.77 20.66
C ARG M 147 12.23 -32.06 21.44
N GLU M 148 13.07 -31.96 22.48
CA GLU M 148 13.35 -33.13 23.33
C GLU M 148 12.07 -33.67 23.96
N LYS M 149 11.22 -32.79 24.45
CA LYS M 149 9.94 -33.17 25.06
C LYS M 149 9.05 -33.90 24.04
N LEU M 150 8.92 -33.32 22.86
CA LEU M 150 8.14 -33.94 21.79
C LEU M 150 8.67 -35.31 21.40
N ASN M 151 9.98 -35.40 21.22
CA ASN M 151 10.63 -36.63 20.80
C ASN M 151 10.53 -37.73 21.86
N ARG M 152 10.69 -37.37 23.13
CA ARG M 152 10.55 -38.32 24.21
C ARG M 152 9.15 -38.93 24.22
N ILE M 153 8.13 -38.08 24.10
CA ILE M 153 6.75 -38.57 24.11
C ILE M 153 6.47 -39.40 22.86
N LEU M 154 6.95 -38.95 21.70
CA LEU M 154 6.78 -39.71 20.48
C LEU M 154 7.44 -41.10 20.58
N SER M 155 8.60 -41.17 21.22
CA SER M 155 9.28 -42.44 21.50
C SER M 155 8.40 -43.38 22.34
N GLU M 156 7.85 -42.86 23.43
CA GLU M 156 6.94 -43.61 24.30
C GLU M 156 5.70 -44.10 23.55
N ARG M 157 5.15 -43.26 22.65
CA ARG M 157 3.92 -43.60 21.91
C ARG M 157 4.12 -44.54 20.72
N THR M 158 5.30 -44.51 20.12
CA THR M 158 5.59 -45.30 18.92
C THR M 158 6.37 -46.57 19.19
N GLY M 159 7.12 -46.60 20.29
CA GLY M 159 8.10 -47.65 20.51
C GLY M 159 9.45 -47.42 19.84
N GLN M 160 9.62 -46.32 19.10
CA GLN M 160 10.90 -46.02 18.46
C GLN M 160 11.81 -45.34 19.47
N SER M 161 13.12 -45.50 19.29
CA SER M 161 14.08 -44.78 20.13
C SER M 161 14.05 -43.27 19.88
N ILE M 162 14.44 -42.52 20.90
CA ILE M 162 14.63 -41.08 20.79
C ILE M 162 15.62 -40.73 19.67
N GLU M 163 16.67 -41.54 19.52
CA GLU M 163 17.70 -41.31 18.50
C GLU M 163 17.12 -41.46 17.10
N LYS M 164 16.30 -42.49 16.90
CA LYS M 164 15.66 -42.69 15.60
C LYS M 164 14.66 -41.55 15.29
N ILE M 165 13.89 -41.14 16.29
CA ILE M 165 12.93 -40.05 16.13
C ILE M 165 13.64 -38.75 15.73
N GLN M 166 14.74 -38.45 16.43
CA GLN M 166 15.59 -37.29 16.12
C GLN M 166 16.03 -37.30 14.65
N LYS M 167 16.60 -38.43 14.21
CA LYS M 167 17.06 -38.57 12.82
C LYS M 167 15.90 -38.45 11.82
N ASP M 168 14.79 -39.11 12.11
CA ASP M 168 13.66 -39.16 11.17
C ASP M 168 12.86 -37.86 11.08
N THR M 169 13.03 -36.96 12.04
CA THR M 169 12.32 -35.67 12.05
C THR M 169 13.24 -34.49 11.69
N ASP M 170 14.48 -34.78 11.29
CA ASP M 170 15.46 -33.73 10.98
C ASP M 170 14.94 -32.86 9.84
N ARG M 171 14.35 -33.49 8.83
CA ARG M 171 13.66 -32.82 7.73
C ARG M 171 12.24 -33.35 7.63
N ASP M 172 11.43 -32.68 6.82
CA ASP M 172 10.09 -33.15 6.49
C ASP M 172 10.14 -34.61 6.03
N ASN M 173 9.36 -35.44 6.69
CA ASN M 173 9.33 -36.87 6.44
C ASN M 173 7.86 -37.27 6.26
N PHE M 174 7.49 -37.53 5.01
CA PHE M 174 6.12 -37.89 4.63
C PHE M 174 5.95 -39.40 4.70
N LEU M 175 4.88 -39.85 5.35
CA LEU M 175 4.58 -41.28 5.46
C LEU M 175 3.20 -41.56 4.90
N THR M 176 3.09 -42.68 4.20
CA THR M 176 1.77 -43.24 3.86
C THR M 176 1.10 -43.77 5.16
N ALA M 177 -0.19 -44.05 5.08
CA ALA M 177 -0.91 -44.63 6.22
C ALA M 177 -0.25 -45.91 6.70
N GLU M 178 0.10 -46.78 5.75
CA GLU M 178 0.76 -48.04 6.06
C GLU M 178 2.12 -47.83 6.72
N GLU M 179 2.90 -46.88 6.21
CA GLU M 179 4.19 -46.54 6.84
C GLU M 179 4.02 -45.96 8.24
N ALA M 180 2.96 -45.17 8.44
CA ALA M 180 2.66 -44.64 9.79
C ALA M 180 2.36 -45.78 10.77
N LYS M 181 1.64 -46.80 10.31
CA LYS M 181 1.39 -47.99 11.12
C LYS M 181 2.68 -48.74 11.47
N GLU M 182 3.51 -49.01 10.46
CA GLU M 182 4.83 -49.62 10.67
C GLU M 182 5.70 -48.81 11.63
N TYR M 183 5.61 -47.47 11.53
CA TYR M 183 6.36 -46.61 12.44
C TYR M 183 5.87 -46.65 13.89
N GLY M 184 4.60 -47.01 14.11
CA GLY M 184 3.99 -46.98 15.45
C GLY M 184 3.21 -45.70 15.76
N LEU M 185 2.99 -44.85 14.75
CA LEU M 185 2.21 -43.61 14.94
C LEU M 185 0.72 -43.92 15.03
N ILE M 186 0.29 -44.96 14.32
CA ILE M 186 -1.07 -45.48 14.40
C ILE M 186 -1.01 -46.99 14.59
N ASP M 187 -2.15 -47.57 14.92
CA ASP M 187 -2.26 -49.03 15.14
C ASP M 187 -2.80 -49.78 13.94
N GLU M 188 -3.73 -49.18 13.19
CA GLU M 188 -4.35 -49.82 12.04
C GLU M 188 -4.68 -48.83 10.92
N VAL M 189 -4.56 -49.30 9.69
CA VAL M 189 -5.14 -48.66 8.53
C VAL M 189 -6.55 -49.24 8.35
N MET M 190 -7.57 -48.38 8.34
CA MET M 190 -8.96 -48.82 8.12
C MET M 190 -9.20 -49.04 6.63
N VAL M 191 -9.31 -50.30 6.25
CA VAL M 191 -9.76 -50.66 4.87
C VAL M 191 -11.29 -50.57 4.77
N PRO M 192 -11.84 -50.27 3.56
CA PRO M 192 -13.28 -50.03 3.38
C PRO M 192 -14.26 -51.11 3.88
N ILE N 4 -17.30 -22.75 16.64
CA ILE N 4 -17.68 -22.99 18.06
C ILE N 4 -19.00 -23.78 18.10
N PRO N 5 -18.94 -25.04 18.58
CA PRO N 5 -20.13 -25.90 18.45
C PRO N 5 -21.22 -25.64 19.48
N THR N 6 -22.42 -26.07 19.15
CA THR N 6 -23.60 -25.95 20.02
C THR N 6 -23.89 -27.30 20.71
N VAL N 7 -24.43 -27.22 21.92
CA VAL N 7 -25.00 -28.38 22.63
C VAL N 7 -26.43 -28.05 23.14
N TYR N 18 -26.95 -23.80 23.83
CA TYR N 18 -25.73 -23.23 24.39
C TYR N 18 -24.59 -23.44 23.40
N ASP N 19 -23.77 -22.43 23.14
CA ASP N 19 -22.42 -22.69 22.59
C ASP N 19 -21.59 -23.44 23.68
N ILE N 20 -20.50 -24.07 23.28
CA ILE N 20 -19.74 -24.94 24.20
C ILE N 20 -19.20 -24.16 25.43
N TYR N 21 -18.76 -22.92 25.24
CA TYR N 21 -18.24 -22.12 26.34
C TYR N 21 -19.33 -21.74 27.34
N SER N 22 -20.50 -21.39 26.83
CA SER N 22 -21.67 -21.14 27.68
C SER N 22 -22.07 -22.36 28.48
N ARG N 23 -21.98 -23.53 27.85
CA ARG N 23 -22.26 -24.78 28.55
C ARG N 23 -21.29 -25.01 29.70
N LEU N 24 -20.00 -24.76 29.47
CA LEU N 24 -19.01 -24.88 30.55
C LEU N 24 -19.25 -23.85 31.66
N LEU N 25 -19.65 -22.63 31.29
CA LEU N 25 -19.95 -21.59 32.28
C LEU N 25 -21.08 -21.99 33.22
N LYS N 26 -22.07 -22.71 32.69
CA LYS N 26 -23.14 -23.29 33.51
C LYS N 26 -22.58 -24.17 34.64
N ASP N 27 -21.45 -24.85 34.41
CA ASP N 27 -20.77 -25.60 35.47
C ASP N 27 -19.61 -24.84 36.14
N ARG N 28 -19.65 -23.51 36.10
CA ARG N 28 -18.71 -22.65 36.81
C ARG N 28 -17.26 -22.75 36.28
N ILE N 29 -17.14 -23.05 34.99
CA ILE N 29 -15.86 -23.10 34.31
C ILE N 29 -15.75 -21.89 33.38
N ILE N 30 -14.70 -21.10 33.59
CA ILE N 30 -14.38 -19.95 32.73
C ILE N 30 -13.12 -20.30 31.94
N MET N 31 -13.14 -20.04 30.63
CA MET N 31 -12.00 -20.36 29.75
C MET N 31 -11.27 -19.08 29.35
N LEU N 32 -10.04 -18.88 29.88
CA LEU N 32 -9.15 -17.82 29.42
C LEU N 32 -8.24 -18.47 28.42
N GLY N 33 -8.60 -18.35 27.14
CA GLY N 33 -7.91 -19.07 26.08
C GLY N 33 -7.32 -18.15 25.00
N SER N 34 -6.98 -16.92 25.36
CA SER N 34 -6.46 -15.97 24.40
C SER N 34 -5.56 -14.95 25.07
N GLN N 35 -5.01 -14.06 24.24
CA GLN N 35 -4.35 -12.85 24.69
C GLN N 35 -5.27 -12.07 25.62
N ILE N 36 -4.71 -11.49 26.67
CA ILE N 36 -5.48 -10.70 27.64
C ILE N 36 -5.51 -9.25 27.18
N ASP N 37 -6.68 -8.81 26.75
CA ASP N 37 -6.93 -7.39 26.47
C ASP N 37 -8.15 -6.96 27.28
N ASP N 38 -8.54 -5.70 27.13
CA ASP N 38 -9.69 -5.17 27.86
C ASP N 38 -11.00 -5.92 27.60
N ASN N 39 -11.26 -6.36 26.38
CA ASN N 39 -12.47 -7.13 26.05
C ASN N 39 -12.51 -8.45 26.80
N VAL N 40 -11.40 -9.17 26.76
CA VAL N 40 -11.29 -10.45 27.43
C VAL N 40 -11.46 -10.27 28.94
N ALA N 41 -10.80 -9.26 29.52
CA ALA N 41 -10.92 -8.99 30.94
C ALA N 41 -12.35 -8.67 31.35
N ASN N 42 -13.01 -7.81 30.57
CA ASN N 42 -14.39 -7.43 30.84
C ASN N 42 -15.32 -8.64 30.83
N SER N 43 -15.11 -9.54 29.87
CA SER N 43 -15.89 -10.76 29.79
C SER N 43 -15.64 -11.66 31.00
N ILE N 44 -14.38 -11.86 31.35
CA ILE N 44 -14.03 -12.74 32.46
C ILE N 44 -14.50 -12.16 33.81
N VAL N 45 -14.31 -10.85 34.00
CA VAL N 45 -14.83 -10.17 35.17
C VAL N 45 -16.36 -10.37 35.31
N SER N 46 -17.07 -10.19 34.18
CA SER N 46 -18.52 -10.34 34.16
C SER N 46 -18.94 -11.78 34.52
N GLN N 47 -18.20 -12.75 33.98
CA GLN N 47 -18.44 -14.15 34.30
C GLN N 47 -18.20 -14.44 35.78
N LEU N 48 -17.13 -13.91 36.35
CA LEU N 48 -16.85 -14.10 37.77
C LEU N 48 -17.97 -13.51 38.63
N LEU N 49 -18.42 -12.32 38.26
CA LEU N 49 -19.49 -11.64 38.98
C LEU N 49 -20.80 -12.43 38.89
N PHE N 50 -21.11 -12.93 37.70
CA PHE N 50 -22.29 -13.76 37.50
C PHE N 50 -22.25 -15.01 38.37
N LEU N 51 -21.12 -15.71 38.35
CA LEU N 51 -21.00 -16.97 39.08
C LEU N 51 -21.09 -16.79 40.60
N GLN N 52 -20.55 -15.69 41.11
CA GLN N 52 -20.61 -15.40 42.54
C GLN N 52 -22.07 -15.17 42.95
N ALA N 53 -22.80 -14.43 42.13
CA ALA N 53 -24.21 -14.13 42.39
C ALA N 53 -25.07 -15.41 42.33
N GLN N 54 -24.76 -16.32 41.41
CA GLN N 54 -25.45 -17.62 41.34
C GLN N 54 -25.21 -18.44 42.60
N ASP N 55 -23.97 -18.46 43.08
CA ASP N 55 -23.60 -19.23 44.26
C ASP N 55 -22.29 -18.68 44.81
N SER N 56 -22.37 -18.07 45.99
CA SER N 56 -21.22 -17.42 46.61
C SER N 56 -20.25 -18.38 47.32
N GLU N 57 -20.58 -19.67 47.38
CA GLU N 57 -19.75 -20.66 48.09
C GLU N 57 -19.10 -21.73 47.22
N LYS N 58 -19.69 -22.10 46.10
CA LYS N 58 -19.11 -23.14 45.23
C LYS N 58 -17.89 -22.59 44.48
N ASP N 59 -16.86 -23.43 44.38
CA ASP N 59 -15.67 -23.11 43.62
C ASP N 59 -15.98 -22.72 42.16
N ILE N 60 -15.12 -21.87 41.61
CA ILE N 60 -15.08 -21.53 40.20
C ILE N 60 -13.79 -22.12 39.65
N TYR N 61 -13.79 -22.49 38.37
CA TYR N 61 -12.61 -23.04 37.70
C TYR N 61 -12.19 -22.12 36.56
N LEU N 62 -10.99 -21.57 36.65
CA LEU N 62 -10.42 -20.73 35.58
C LEU N 62 -9.33 -21.50 34.85
N TYR N 63 -9.66 -21.92 33.64
CA TYR N 63 -8.73 -22.53 32.68
C TYR N 63 -7.88 -21.42 32.05
N ILE N 64 -6.57 -21.62 32.00
CA ILE N 64 -5.65 -20.63 31.44
C ILE N 64 -4.77 -21.24 30.38
N ASN N 65 -5.00 -20.81 29.14
CA ASN N 65 -4.08 -21.02 28.02
C ASN N 65 -3.93 -19.66 27.34
N SER N 66 -2.89 -18.91 27.73
CA SER N 66 -2.76 -17.52 27.33
C SER N 66 -1.31 -17.09 27.25
N PRO N 67 -0.95 -16.34 26.20
CA PRO N 67 0.40 -15.76 26.12
C PRO N 67 0.56 -14.47 26.93
N GLY N 68 -0.49 -14.03 27.62
CA GLY N 68 -0.43 -12.81 28.42
C GLY N 68 -1.10 -11.67 27.69
N GLY N 69 -0.66 -10.44 27.96
CA GLY N 69 -1.24 -9.25 27.35
C GLY N 69 -1.23 -8.08 28.32
N SER N 70 -2.28 -7.27 28.26
CA SER N 70 -2.35 -6.03 29.03
C SER N 70 -2.27 -6.28 30.53
N VAL N 71 -1.38 -5.55 31.20
CA VAL N 71 -1.20 -5.65 32.63
C VAL N 71 -2.44 -5.13 33.39
N THR N 72 -2.99 -4.00 32.97
CA THR N 72 -4.17 -3.44 33.64
C THR N 72 -5.40 -4.33 33.44
N ALA N 73 -5.56 -4.89 32.24
CA ALA N 73 -6.61 -5.85 31.99
C ALA N 73 -6.43 -7.09 32.89
N GLY N 74 -5.18 -7.56 33.00
CA GLY N 74 -4.86 -8.65 33.88
C GLY N 74 -5.23 -8.35 35.33
N PHE N 75 -4.96 -7.12 35.76
CA PHE N 75 -5.32 -6.72 37.12
C PHE N 75 -6.81 -6.56 37.35
N ALA N 76 -7.59 -6.26 36.31
CA ALA N 76 -9.04 -6.27 36.40
C ALA N 76 -9.50 -7.67 36.82
N ILE N 77 -8.94 -8.69 36.16
CA ILE N 77 -9.27 -10.06 36.46
C ILE N 77 -8.75 -10.43 37.85
N TYR N 78 -7.48 -10.11 38.12
CA TYR N 78 -6.85 -10.44 39.40
C TYR N 78 -7.67 -9.92 40.58
N ASP N 79 -7.98 -8.61 40.56
CA ASP N 79 -8.69 -7.99 41.65
C ASP N 79 -10.11 -8.54 41.83
N THR N 80 -10.75 -8.90 40.72
CA THR N 80 -12.08 -9.47 40.77
C THR N 80 -12.01 -10.86 41.41
N ILE N 81 -11.01 -11.65 41.05
CA ILE N 81 -10.80 -12.95 41.69
C ILE N 81 -10.70 -12.79 43.21
N GLN N 82 -9.83 -11.89 43.66
CA GLN N 82 -9.62 -11.74 45.11
C GLN N 82 -10.86 -11.14 45.80
N HIS N 83 -11.62 -10.32 45.09
CA HIS N 83 -12.77 -9.66 45.66
C HIS N 83 -13.96 -10.60 45.97
N ILE N 84 -14.23 -11.53 45.07
CA ILE N 84 -15.37 -12.42 45.21
C ILE N 84 -15.15 -13.47 46.31
N LYS N 85 -16.25 -13.99 46.84
CA LYS N 85 -16.19 -14.96 47.95
C LYS N 85 -15.74 -16.36 47.50
N PRO N 86 -16.29 -16.90 46.41
CA PRO N 86 -15.84 -18.24 46.01
C PRO N 86 -14.35 -18.36 45.71
N ASP N 87 -13.76 -19.50 46.05
CA ASP N 87 -12.43 -19.83 45.62
C ASP N 87 -12.42 -19.96 44.09
N VAL N 88 -11.39 -19.41 43.45
CA VAL N 88 -11.17 -19.59 42.02
C VAL N 88 -9.98 -20.48 41.83
N GLN N 89 -10.23 -21.70 41.37
CA GLN N 89 -9.16 -22.64 41.01
C GLN N 89 -8.57 -22.18 39.68
N THR N 90 -7.27 -22.34 39.50
CA THR N 90 -6.63 -22.07 38.22
C THR N 90 -5.97 -23.35 37.70
N ILE N 91 -6.11 -23.58 36.40
CA ILE N 91 -5.53 -24.74 35.73
C ILE N 91 -4.85 -24.28 34.44
N CYS N 92 -3.53 -24.45 34.39
CA CYS N 92 -2.78 -24.10 33.19
C CYS N 92 -2.75 -25.28 32.24
N ILE N 93 -3.23 -25.04 31.04
CA ILE N 93 -3.28 -26.03 29.99
C ILE N 93 -2.66 -25.37 28.74
N GLY N 94 -1.66 -26.02 28.15
CA GLY N 94 -0.91 -25.43 27.04
C GLY N 94 0.19 -24.49 27.50
N MET N 95 -0.18 -23.23 27.74
CA MET N 95 0.80 -22.19 28.08
C MET N 95 0.15 -21.14 28.97
N ALA N 96 0.87 -20.69 29.99
CA ALA N 96 0.55 -19.45 30.70
C ALA N 96 1.82 -18.62 30.70
N ALA N 97 1.83 -17.53 29.95
CA ALA N 97 2.99 -16.64 29.87
C ALA N 97 2.63 -15.26 30.35
N SER N 98 3.60 -14.60 30.96
CA SER N 98 3.50 -13.18 31.34
C SER N 98 2.30 -13.00 32.25
N MET N 99 1.37 -12.12 31.91
CA MET N 99 0.22 -11.87 32.75
C MET N 99 -0.65 -13.14 32.89
N GLY N 100 -0.55 -14.07 31.94
CA GLY N 100 -1.19 -15.37 32.06
C GLY N 100 -0.68 -16.18 33.24
N SER N 101 0.63 -16.18 33.44
CA SER N 101 1.22 -16.89 34.55
C SER N 101 0.96 -16.15 35.87
N PHE N 102 0.87 -14.82 35.81
CA PHE N 102 0.48 -14.03 36.98
C PHE N 102 -0.93 -14.45 37.47
N LEU N 103 -1.85 -14.60 36.53
CA LEU N 103 -3.22 -15.03 36.86
C LEU N 103 -3.27 -16.48 37.34
N LEU N 104 -2.45 -17.35 36.77
CA LEU N 104 -2.33 -18.71 37.24
C LEU N 104 -1.97 -18.74 38.74
N ALA N 105 -0.98 -17.92 39.11
CA ALA N 105 -0.51 -17.82 40.49
C ALA N 105 -1.50 -17.17 41.45
N ALA N 106 -2.51 -16.50 40.89
CA ALA N 106 -3.52 -15.78 41.64
C ALA N 106 -4.73 -16.63 42.08
N GLY N 107 -4.78 -17.89 41.66
CA GLY N 107 -5.86 -18.79 42.04
C GLY N 107 -5.81 -19.08 43.54
N ALA N 108 -6.90 -19.61 44.08
CA ALA N 108 -7.00 -19.93 45.53
C ALA N 108 -5.84 -20.83 45.95
N LYS N 109 -5.22 -20.51 47.09
CA LYS N 109 -4.07 -21.29 47.58
C LYS N 109 -4.48 -22.75 47.78
N GLY N 110 -3.64 -23.66 47.30
CA GLY N 110 -3.93 -25.07 47.24
C GLY N 110 -4.71 -25.54 46.01
N LYS N 111 -5.22 -24.61 45.20
CA LYS N 111 -6.06 -24.98 44.05
C LYS N 111 -5.55 -24.37 42.73
N ARG N 112 -4.23 -24.28 42.61
CA ARG N 112 -3.58 -23.82 41.40
C ARG N 112 -2.85 -25.02 40.80
N PHE N 113 -3.21 -25.34 39.55
CA PHE N 113 -2.77 -26.56 38.90
C PHE N 113 -2.17 -26.28 37.52
N ALA N 114 -1.42 -27.24 37.03
CA ALA N 114 -1.06 -27.31 35.61
C ALA N 114 -1.06 -28.76 35.19
N LEU N 115 -1.36 -29.01 33.92
CA LEU N 115 -1.20 -30.35 33.36
C LEU N 115 0.28 -30.56 33.02
N PRO N 116 0.75 -31.81 32.93
CA PRO N 116 2.19 -32.09 32.97
C PRO N 116 3.06 -31.44 31.90
N ASN N 117 2.51 -31.25 30.70
CA ASN N 117 3.25 -30.71 29.58
C ASN N 117 2.94 -29.24 29.33
N ALA N 118 2.18 -28.63 30.23
CA ALA N 118 1.89 -27.21 30.14
C ALA N 118 3.16 -26.42 30.42
N GLU N 119 3.25 -25.27 29.76
CA GLU N 119 4.43 -24.40 29.82
C GLU N 119 4.04 -23.15 30.62
N VAL N 120 4.93 -22.72 31.52
CA VAL N 120 4.73 -21.48 32.25
C VAL N 120 5.91 -20.58 31.93
N MET N 121 5.66 -19.32 31.59
CA MET N 121 6.74 -18.37 31.33
C MET N 121 6.53 -17.11 32.12
N ILE N 122 7.59 -16.64 32.74
CA ILE N 122 7.58 -15.38 33.49
C ILE N 122 8.62 -14.46 32.90
N HIS N 123 8.28 -13.17 32.85
CA HIS N 123 9.22 -12.14 32.37
C HIS N 123 8.79 -10.77 32.84
N GLN N 124 9.61 -9.76 32.63
CA GLN N 124 9.26 -8.40 33.05
C GLN N 124 8.27 -7.79 32.06
N PRO N 125 7.47 -6.79 32.53
CA PRO N 125 6.51 -6.17 31.62
C PRO N 125 7.17 -5.39 30.47
N LEU N 126 6.42 -5.31 29.37
CA LEU N 126 6.83 -4.67 28.14
C LEU N 126 6.01 -3.39 27.96
N GLY N 127 6.59 -2.43 27.26
CA GLY N 127 5.91 -1.18 26.98
C GLY N 127 6.67 -0.29 26.04
N GLY N 128 6.29 0.97 26.04
CA GLY N 128 6.80 1.95 25.10
C GLY N 128 6.67 3.35 25.68
N ALA N 129 7.46 4.27 25.14
CA ALA N 129 7.35 5.67 25.46
C ALA N 129 7.95 6.45 24.32
N GLN N 130 7.31 7.56 23.99
CA GLN N 130 7.73 8.40 22.90
C GLN N 130 7.43 9.85 23.26
N GLY N 131 8.32 10.76 22.90
CA GLY N 131 8.07 12.19 23.07
C GLY N 131 9.18 12.89 23.81
N GLN N 132 8.82 13.88 24.61
CA GLN N 132 9.79 14.69 25.33
C GLN N 132 10.47 13.90 26.43
N ALA N 133 11.66 14.35 26.82
CA ALA N 133 12.42 13.71 27.89
C ALA N 133 11.58 13.48 29.15
N THR N 134 10.80 14.49 29.56
CA THR N 134 10.00 14.37 30.78
C THR N 134 8.84 13.38 30.61
N GLU N 135 8.28 13.28 29.40
CA GLU N 135 7.27 12.27 29.09
C GLU N 135 7.89 10.87 29.15
N ILE N 136 9.10 10.70 28.63
CA ILE N 136 9.78 9.40 28.68
CA ILE N 136 9.74 9.39 28.67
C ILE N 136 10.02 9.03 30.14
N GLU N 137 10.45 10.00 30.96
CA GLU N 137 10.67 9.80 32.37
C GLU N 137 9.40 9.31 33.10
N ILE N 138 8.29 9.99 32.84
CA ILE N 138 7.00 9.61 33.43
C ILE N 138 6.64 8.17 33.05
N ALA N 139 6.76 7.83 31.76
CA ALA N 139 6.46 6.47 31.30
C ALA N 139 7.40 5.44 31.92
N ALA N 140 8.68 5.78 32.05
CA ALA N 140 9.65 4.86 32.68
C ALA N 140 9.31 4.61 34.14
N ASN N 141 9.04 5.70 34.88
CA ASN N 141 8.65 5.59 36.29
C ASN N 141 7.40 4.74 36.45
N HIS N 142 6.42 4.94 35.56
CA HIS N 142 5.18 4.20 35.62
C HIS N 142 5.39 2.70 35.38
N ILE N 143 6.13 2.33 34.33
CA ILE N 143 6.34 0.92 34.06
C ILE N 143 7.22 0.25 35.13
N LEU N 144 8.17 0.98 35.71
CA LEU N 144 8.95 0.46 36.84
C LEU N 144 8.09 0.23 38.09
N LYS N 145 7.21 1.17 38.41
CA LYS N 145 6.23 0.98 39.51
C LYS N 145 5.31 -0.21 39.25
N THR N 146 4.86 -0.38 38.02
CA THR N 146 4.02 -1.50 37.64
C THR N 146 4.76 -2.81 37.86
N ARG N 147 6.05 -2.85 37.50
CA ARG N 147 6.86 -4.05 37.72
C ARG N 147 7.02 -4.35 39.21
N GLU N 148 7.26 -3.32 40.03
CA GLU N 148 7.34 -3.50 41.49
C GLU N 148 6.04 -4.06 42.05
N LYS N 149 4.91 -3.55 41.58
CA LYS N 149 3.60 -4.02 42.03
C LYS N 149 3.40 -5.50 41.67
N LEU N 150 3.71 -5.86 40.41
CA LEU N 150 3.61 -7.23 39.96
C LEU N 150 4.51 -8.17 40.77
N ASN N 151 5.76 -7.75 40.97
CA ASN N 151 6.75 -8.55 41.69
C ASN N 151 6.38 -8.75 43.15
N ARG N 152 5.89 -7.69 43.80
CA ARG N 152 5.43 -7.77 45.17
C ARG N 152 4.33 -8.80 45.33
N ILE N 153 3.34 -8.75 44.45
CA ILE N 153 2.21 -9.68 44.52
C ILE N 153 2.67 -11.08 44.21
N LEU N 154 3.56 -11.23 43.24
CA LEU N 154 4.11 -12.52 42.88
C LEU N 154 4.84 -13.13 44.05
N SER N 155 5.60 -12.31 44.75
CA SER N 155 6.30 -12.70 45.98
C SER N 155 5.33 -13.25 47.04
N GLU N 156 4.26 -12.52 47.30
CA GLU N 156 3.21 -12.94 48.24
C GLU N 156 2.56 -14.26 47.82
N ARG N 157 2.31 -14.45 46.54
CA ARG N 157 1.69 -15.66 46.06
C ARG N 157 2.56 -16.89 45.92
N THR N 158 3.85 -16.70 45.70
CA THR N 158 4.78 -17.79 45.50
C THR N 158 5.59 -18.15 46.75
N GLY N 159 5.76 -17.21 47.66
CA GLY N 159 6.72 -17.35 48.75
C GLY N 159 8.16 -16.98 48.39
N GLN N 160 8.42 -16.58 47.14
CA GLN N 160 9.77 -16.16 46.73
C GLN N 160 9.97 -14.72 47.11
N SER N 161 11.21 -14.33 47.37
CA SER N 161 11.55 -12.92 47.62
C SER N 161 11.33 -12.06 46.35
N ILE N 162 11.07 -10.79 46.58
CA ILE N 162 11.01 -9.78 45.54
C ILE N 162 12.31 -9.76 44.73
N GLU N 163 13.45 -9.91 45.40
CA GLU N 163 14.77 -9.88 44.76
C GLU N 163 14.92 -11.06 43.82
N LYS N 164 14.49 -12.25 44.25
CA LYS N 164 14.56 -13.43 43.37
C LYS N 164 13.65 -13.27 42.17
N ILE N 165 12.45 -12.76 42.40
CA ILE N 165 11.46 -12.55 41.32
C ILE N 165 12.04 -11.57 40.27
N GLN N 166 12.61 -10.47 40.74
CA GLN N 166 13.28 -9.49 39.90
C GLN N 166 14.34 -10.15 39.01
N LYS N 167 15.25 -10.92 39.62
CA LYS N 167 16.30 -11.60 38.87
C LYS N 167 15.75 -12.62 37.87
N ASP N 168 14.75 -13.41 38.31
CA ASP N 168 14.23 -14.48 37.49
C ASP N 168 13.32 -14.02 36.33
N THR N 169 12.87 -12.77 36.38
CA THR N 169 12.01 -12.20 35.34
C THR N 169 12.74 -11.20 34.43
N ASP N 170 14.06 -11.07 34.63
CA ASP N 170 14.85 -10.11 33.86
C ASP N 170 14.75 -10.40 32.36
N ARG N 171 14.81 -11.68 32.02
CA ARG N 171 14.59 -12.18 30.66
C ARG N 171 13.50 -13.24 30.69
N ASP N 172 13.03 -13.62 29.51
CA ASP N 172 12.10 -14.74 29.36
C ASP N 172 12.62 -15.97 30.08
N ASN N 173 11.80 -16.50 30.98
CA ASN N 173 12.16 -17.63 31.80
C ASN N 173 11.04 -18.66 31.68
N PHE N 174 11.32 -19.73 30.95
CA PHE N 174 10.38 -20.80 30.68
C PHE N 174 10.49 -21.87 31.75
N LEU N 175 9.35 -22.29 32.31
CA LEU N 175 9.30 -23.31 33.35
C LEU N 175 8.40 -24.45 32.88
N THR N 176 8.83 -25.68 33.19
CA THR N 176 7.94 -26.83 33.11
C THR N 176 6.87 -26.74 34.21
N ALA N 177 5.83 -27.56 34.11
CA ALA N 177 4.79 -27.61 35.15
C ALA N 177 5.40 -27.91 36.51
N GLU N 178 6.29 -28.89 36.55
CA GLU N 178 6.97 -29.27 37.79
C GLU N 178 7.81 -28.14 38.36
N GLU N 179 8.55 -27.43 37.50
CA GLU N 179 9.31 -26.25 37.93
C GLU N 179 8.42 -25.13 38.43
N ALA N 180 7.26 -24.95 37.80
CA ALA N 180 6.28 -23.96 38.27
C ALA N 180 5.78 -24.29 39.69
N LYS N 181 5.57 -25.59 39.96
CA LYS N 181 5.22 -26.03 41.30
C LYS N 181 6.32 -25.75 42.32
N GLU N 182 7.55 -26.14 42.00
CA GLU N 182 8.72 -25.84 42.84
C GLU N 182 8.88 -24.34 43.08
N TYR N 183 8.59 -23.54 42.05
CA TYR N 183 8.67 -22.08 42.20
C TYR N 183 7.58 -21.50 43.12
N GLY N 184 6.45 -22.19 43.27
CA GLY N 184 5.30 -21.68 44.02
C GLY N 184 4.24 -20.98 43.18
N LEU N 185 4.35 -21.08 41.84
CA LEU N 185 3.35 -20.48 40.94
C LEU N 185 2.07 -21.30 40.93
N ILE N 186 2.22 -22.62 41.10
CA ILE N 186 1.11 -23.55 41.24
C ILE N 186 1.35 -24.43 42.46
N ASP N 187 0.32 -25.15 42.87
CA ASP N 187 0.39 -26.06 44.02
C ASP N 187 0.62 -27.51 43.62
N GLU N 188 0.04 -27.95 42.51
CA GLU N 188 0.14 -29.35 42.07
C GLU N 188 0.16 -29.47 40.54
N VAL N 189 0.91 -30.45 40.07
CA VAL N 189 0.82 -30.93 38.70
C VAL N 189 -0.22 -32.06 38.69
N MET N 190 -1.27 -31.93 37.87
CA MET N 190 -2.30 -32.97 37.75
C MET N 190 -1.81 -34.10 36.85
N VAL N 191 -1.49 -35.24 37.46
CA VAL N 191 -1.13 -36.45 36.71
C VAL N 191 -2.40 -37.18 36.21
N PRO N 192 -2.32 -37.87 35.06
CA PRO N 192 -3.51 -38.47 34.43
C PRO N 192 -4.32 -39.49 35.26
#